data_4FFU
#
_entry.id   4FFU
#
_cell.length_a   116.490
_cell.length_b   122.938
_cell.length_c   147.685
_cell.angle_alpha   90.000
_cell.angle_beta   90.000
_cell.angle_gamma   90.000
#
_symmetry.space_group_name_H-M   'P 21 21 21'
#
loop_
_entity.id
_entity.type
_entity.pdbx_description
1 polymer oxidase
2 non-polymer 'CHLORIDE ION'
3 water water
#
_entity_poly.entity_id   1
_entity_poly.type   'polypeptide(L)'
_entity_poly.pdbx_seq_one_letter_code
;(MSE)HHHHHHSSGVDLGTENLYFQS(MSE)(MSE)SEQTIYYEDYEQGHVRLTSGRTITETDFVVHAGHTGDFFPHH
(MSE)DAEFAKTLPGGQRIAHGT(MSE)IFSIGVGLTASLINPVAFSYGYDRLRFVRPVHIGDTIRTRVTIAAKEDDPKR
PGAGRVVERCEVINQRGEVVLAADHILIVERKPEGTIQ
;
_entity_poly.pdbx_strand_id   A,B,C,D,E,F,G,H,I,J,K,L
#
# COMPACT_ATOMS: atom_id res chain seq x y z
N ASN A 17 18.50 30.71 41.81
CA ASN A 17 17.36 31.38 42.50
C ASN A 17 16.64 30.47 43.49
N LEU A 18 16.75 30.81 44.77
CA LEU A 18 16.05 30.12 45.87
C LEU A 18 14.51 30.16 45.76
N TYR A 19 13.96 31.25 45.22
CA TYR A 19 12.51 31.47 45.20
C TYR A 19 11.79 31.12 43.90
N PHE A 20 12.52 30.66 42.89
CA PHE A 20 11.87 30.30 41.63
C PHE A 20 12.60 29.11 41.04
N GLN A 21 11.95 27.95 41.04
CA GLN A 21 12.58 26.78 40.52
C GLN A 21 11.83 26.21 39.32
N SER A 22 12.54 26.05 38.21
CA SER A 22 12.04 25.49 37.00
C SER A 22 12.49 24.07 36.92
N SER A 25 13.68 19.92 31.71
CA SER A 25 13.20 18.96 30.73
C SER A 25 14.33 18.10 30.17
N GLU A 26 15.55 18.40 30.58
CA GLU A 26 16.71 17.60 30.20
C GLU A 26 17.79 17.83 31.23
N GLN A 27 18.78 16.94 31.31
CA GLN A 27 19.86 17.16 32.26
C GLN A 27 21.12 16.50 31.72
N THR A 28 22.14 17.32 31.49
CA THR A 28 23.40 16.86 30.93
C THR A 28 24.20 16.19 32.06
N ILE A 29 24.67 14.97 31.79
CA ILE A 29 25.53 14.25 32.73
C ILE A 29 26.69 13.66 31.92
N TYR A 30 27.89 14.16 32.18
CA TYR A 30 29.06 13.70 31.46
C TYR A 30 29.56 12.37 32.00
N TYR A 31 30.41 11.74 31.20
CA TYR A 31 31.02 10.43 31.51
C TYR A 31 31.53 10.34 32.97
N GLU A 32 32.26 11.36 33.41
CA GLU A 32 32.92 11.31 34.72
C GLU A 32 31.94 11.27 35.89
N ASP A 33 30.72 11.74 35.63
CA ASP A 33 29.71 11.82 36.67
C ASP A 33 28.78 10.62 36.77
N TYR A 34 28.97 9.62 35.91
CA TYR A 34 28.38 8.29 36.10
C TYR A 34 29.40 7.55 36.96
N GLU A 35 29.19 7.55 38.28
CA GLU A 35 30.25 7.07 39.17
C GLU A 35 30.13 5.58 39.36
N GLN A 36 31.14 4.88 38.89
CA GLN A 36 31.14 3.43 38.91
C GLN A 36 30.87 2.89 40.31
N GLY A 37 29.95 1.92 40.39
CA GLY A 37 29.59 1.30 41.69
C GLY A 37 28.42 2.02 42.34
N HIS A 38 28.02 3.18 41.83
CA HIS A 38 26.86 3.87 42.38
C HIS A 38 25.63 3.00 42.20
N VAL A 39 24.83 2.89 43.27
CA VAL A 39 23.59 2.11 43.26
C VAL A 39 22.38 3.04 43.50
N ARG A 40 21.32 2.84 42.73
CA ARG A 40 20.05 3.41 43.12
C ARG A 40 18.92 2.40 43.01
N LEU A 41 18.01 2.49 43.96
CA LEU A 41 16.86 1.60 43.99
C LEU A 41 15.60 2.47 43.88
N THR A 42 14.74 2.15 42.91
CA THR A 42 13.54 2.92 42.70
C THR A 42 12.50 2.60 43.80
N SER A 43 11.44 3.41 43.83
CA SER A 43 10.24 3.10 44.58
CA SER A 43 10.30 3.03 44.66
C SER A 43 9.62 1.84 44.00
N GLY A 44 8.72 1.22 44.74
CA GLY A 44 8.05 0.00 44.27
C GLY A 44 6.74 0.24 43.56
N ARG A 45 6.34 -0.75 42.79
CA ARG A 45 5.04 -0.73 42.14
C ARG A 45 4.51 -2.16 42.11
N THR A 46 3.30 -2.35 42.62
CA THR A 46 2.70 -3.68 42.61
C THR A 46 2.22 -3.99 41.21
N ILE A 47 2.55 -5.17 40.70
CA ILE A 47 2.11 -5.62 39.37
C ILE A 47 0.74 -6.24 39.54
N THR A 48 -0.26 -5.66 38.90
CA THR A 48 -1.63 -6.04 39.15
C THR A 48 -2.17 -6.78 37.95
N GLU A 49 -3.33 -7.40 38.11
CA GLU A 49 -4.01 -8.02 36.97
C GLU A 49 -4.30 -6.97 35.88
N THR A 50 -4.61 -5.73 36.28
CA THR A 50 -4.77 -4.65 35.28
C THR A 50 -3.53 -4.53 34.37
N ASP A 51 -2.34 -4.56 34.98
CA ASP A 51 -1.10 -4.45 34.21
C ASP A 51 -0.93 -5.57 33.17
N PHE A 52 -1.36 -6.78 33.51
CA PHE A 52 -1.36 -7.90 32.54
C PHE A 52 -2.28 -7.57 31.36
N VAL A 53 -3.50 -7.17 31.69
CA VAL A 53 -4.55 -6.91 30.68
C VAL A 53 -4.19 -5.69 29.79
N VAL A 54 -3.65 -4.65 30.41
CA VAL A 54 -3.18 -3.46 29.67
C VAL A 54 -2.01 -3.85 28.77
N HIS A 55 -1.10 -4.70 29.29
CA HIS A 55 0.06 -5.05 28.47
C HIS A 55 -0.38 -5.85 27.22
N ALA A 56 -1.27 -6.82 27.42
CA ALA A 56 -1.81 -7.61 26.30
C ALA A 56 -2.45 -6.67 25.30
N GLY A 57 -3.25 -5.74 25.80
CA GLY A 57 -3.96 -4.76 24.93
C GLY A 57 -3.01 -3.88 24.14
N HIS A 58 -1.90 -3.53 24.80
CA HIS A 58 -0.91 -2.62 24.22
C HIS A 58 -0.06 -3.30 23.16
N THR A 59 0.29 -4.56 23.42
CA THR A 59 1.25 -5.28 22.57
C THR A 59 0.61 -6.23 21.57
N GLY A 60 -0.62 -6.68 21.80
CA GLY A 60 -1.28 -7.69 20.97
C GLY A 60 -0.95 -9.12 21.38
N ASP A 61 -0.28 -9.30 22.53
CA ASP A 61 0.10 -10.64 23.01
C ASP A 61 -0.89 -11.12 24.06
N PHE A 62 -1.77 -12.02 23.66
CA PHE A 62 -2.79 -12.60 24.52
C PHE A 62 -2.55 -14.07 24.89
N PHE A 63 -1.29 -14.47 24.91
CA PHE A 63 -0.97 -15.87 25.06
C PHE A 63 -1.53 -16.39 26.39
N PRO A 64 -2.02 -17.62 26.35
CA PRO A 64 -2.75 -18.12 27.54
C PRO A 64 -1.94 -18.19 28.84
N HIS A 65 -0.61 -18.36 28.74
CA HIS A 65 0.27 -18.28 29.92
C HIS A 65 0.06 -16.98 30.72
N HIS A 66 -0.26 -15.89 30.01
CA HIS A 66 -0.47 -14.61 30.65
C HIS A 66 -1.95 -14.36 30.89
N ASP A 68 -4.95 -16.67 30.57
CA ASP A 68 -5.97 -17.71 30.78
C ASP A 68 -5.66 -18.40 32.11
N ALA A 69 -6.43 -18.02 33.14
CA ALA A 69 -6.20 -18.53 34.51
C ALA A 69 -6.43 -20.04 34.59
N GLU A 70 -7.35 -20.57 33.76
CA GLU A 70 -7.63 -22.03 33.82
C GLU A 70 -6.49 -22.82 33.20
N PHE A 71 -6.04 -22.38 32.03
CA PHE A 71 -4.87 -22.97 31.41
C PHE A 71 -3.66 -22.89 32.35
N ALA A 72 -3.48 -21.74 33.00
CA ALA A 72 -2.30 -21.55 33.85
C ALA A 72 -2.24 -22.52 35.04
N LYS A 73 -3.38 -23.08 35.43
CA LYS A 73 -3.38 -24.12 36.48
C LYS A 73 -2.52 -25.32 36.11
N THR A 74 -2.35 -25.52 34.81
CA THR A 74 -1.60 -26.67 34.29
C THR A 74 -0.11 -26.39 34.21
N LEU A 75 0.30 -25.16 34.51
CA LEU A 75 1.72 -24.76 34.47
C LEU A 75 2.39 -25.00 35.83
N PRO A 76 3.68 -24.87 35.90
N PRO A 76 3.68 -25.07 35.88
CA PRO A 76 4.39 -25.25 37.08
CA PRO A 76 4.37 -25.09 37.14
C PRO A 76 4.01 -24.49 38.32
C PRO A 76 4.08 -23.81 37.80
N GLY A 77 3.87 -23.20 38.29
N GLY A 77 3.71 -23.83 39.04
CA GLY A 77 3.41 -22.50 39.46
CA GLY A 77 3.33 -22.63 39.73
C GLY A 77 1.90 -22.38 39.64
C GLY A 77 1.86 -22.26 39.61
N GLY A 78 1.14 -22.92 38.70
CA GLY A 78 -0.32 -22.93 38.73
C GLY A 78 -1.02 -21.59 38.47
N GLN A 79 -0.27 -20.58 38.04
CA GLN A 79 -0.89 -19.27 37.82
C GLN A 79 -0.32 -18.52 36.63
N ARG A 80 -1.07 -17.49 36.21
CA ARG A 80 -0.65 -16.63 35.08
C ARG A 80 0.70 -15.97 35.39
N ILE A 81 1.51 -15.79 34.36
CA ILE A 81 2.82 -15.16 34.56
CA ILE A 81 2.85 -15.24 34.49
C ILE A 81 2.90 -13.96 33.66
N ALA A 82 3.60 -12.93 34.14
CA ALA A 82 3.66 -11.67 33.40
C ALA A 82 4.43 -11.85 32.07
N HIS A 83 4.09 -11.08 31.04
CA HIS A 83 4.90 -11.05 29.83
C HIS A 83 6.30 -10.54 30.18
N GLY A 84 7.33 -11.14 29.57
CA GLY A 84 8.71 -10.66 29.73
C GLY A 84 8.83 -9.18 29.36
N THR A 85 8.17 -8.78 28.27
CA THR A 85 8.25 -7.38 27.83
C THR A 85 7.59 -6.42 28.82
N ILE A 87 7.59 -6.89 32.21
CA ILE A 87 8.51 -6.72 33.34
C ILE A 87 9.68 -5.83 32.93
N PHE A 88 10.10 -5.98 31.69
CA PHE A 88 11.13 -5.11 31.14
C PHE A 88 10.66 -3.65 31.03
N SER A 89 9.49 -3.44 30.45
CA SER A 89 8.98 -2.07 30.22
CA SER A 89 9.02 -2.07 30.22
C SER A 89 8.71 -1.35 31.52
N ILE A 90 8.07 -2.03 32.47
CA ILE A 90 7.74 -1.37 33.72
C ILE A 90 9.02 -1.21 34.54
N GLY A 91 9.84 -2.26 34.55
CA GLY A 91 11.13 -2.23 35.29
C GLY A 91 12.01 -1.07 34.84
N VAL A 92 12.15 -0.89 33.52
CA VAL A 92 12.89 0.25 32.97
C VAL A 92 12.16 1.56 33.27
N GLY A 93 10.85 1.56 33.10
CA GLY A 93 10.03 2.75 33.36
C GLY A 93 10.21 3.29 34.78
N LEU A 94 10.33 2.40 35.78
CA LEU A 94 10.53 2.85 37.16
C LEU A 94 11.80 3.69 37.28
N THR A 95 12.77 3.41 36.42
CA THR A 95 14.08 4.07 36.45
C THR A 95 14.17 5.33 35.58
N ALA A 96 13.08 5.63 34.85
CA ALA A 96 13.08 6.63 33.79
C ALA A 96 13.60 7.95 34.33
N SER A 97 14.37 8.64 33.52
CA SER A 97 14.96 9.89 33.95
C SER A 97 14.90 10.93 32.82
N LEU A 98 15.29 12.16 33.14
CA LEU A 98 15.40 13.22 32.13
C LEU A 98 16.33 12.83 31.00
N ILE A 99 16.01 13.23 29.75
CA ILE A 99 16.92 13.01 28.64
C ILE A 99 18.29 13.61 28.94
N ASN A 100 19.35 12.86 28.63
CA ASN A 100 20.71 13.35 28.77
C ASN A 100 21.26 13.73 27.39
N PRO A 101 21.40 15.04 27.10
CA PRO A 101 21.76 15.39 25.72
C PRO A 101 23.14 14.90 25.26
N VAL A 102 24.01 14.55 26.20
CA VAL A 102 25.36 14.09 25.87
C VAL A 102 25.56 12.57 26.00
N ALA A 103 24.46 11.82 26.08
CA ALA A 103 24.54 10.37 26.15
C ALA A 103 23.70 9.75 25.05
N PHE A 104 24.23 8.70 24.44
CA PHE A 104 23.41 7.93 23.49
C PHE A 104 23.11 6.59 24.12
N SER A 105 21.82 6.23 24.14
CA SER A 105 21.40 4.91 24.61
C SER A 105 21.47 3.90 23.46
N TYR A 106 22.50 3.08 23.49
CA TYR A 106 22.77 2.09 22.46
C TYR A 106 21.71 0.98 22.44
N GLY A 107 21.28 0.57 23.64
CA GLY A 107 20.30 -0.52 23.78
C GLY A 107 20.70 -1.28 25.02
N TYR A 108 20.39 -2.57 25.05
CA TYR A 108 20.65 -3.41 26.21
C TYR A 108 21.33 -4.67 25.76
N ASP A 109 22.22 -5.20 26.60
CA ASP A 109 22.80 -6.55 26.41
C ASP A 109 22.33 -7.47 27.52
N ARG A 110 22.35 -8.78 27.24
CA ARG A 110 22.12 -9.79 28.26
C ARG A 110 20.86 -9.55 29.08
N LEU A 111 19.75 -9.24 28.38
CA LEU A 111 18.43 -9.23 29.01
C LEU A 111 18.05 -10.67 29.36
N ARG A 112 17.81 -10.96 30.65
CA ARG A 112 17.50 -12.31 31.07
C ARG A 112 16.25 -12.31 31.89
N PHE A 113 15.37 -13.27 31.59
CA PHE A 113 14.16 -13.45 32.40
C PHE A 113 14.46 -14.47 33.48
N VAL A 114 14.72 -13.96 34.67
CA VAL A 114 15.35 -14.80 35.70
C VAL A 114 14.29 -15.61 36.46
N ARG A 115 13.17 -14.97 36.82
CA ARG A 115 12.11 -15.62 37.55
C ARG A 115 10.77 -15.08 37.06
N PRO A 116 9.72 -15.92 37.11
CA PRO A 116 8.40 -15.35 36.76
C PRO A 116 7.87 -14.31 37.74
N VAL A 117 7.07 -13.39 37.22
CA VAL A 117 6.36 -12.41 38.05
C VAL A 117 4.86 -12.75 38.02
N HIS A 118 4.24 -12.80 39.19
CA HIS A 118 2.83 -13.15 39.29
C HIS A 118 2.01 -11.93 39.67
N ILE A 119 0.72 -11.97 39.38
CA ILE A 119 -0.23 -10.96 39.88
C ILE A 119 -0.05 -10.75 41.39
N GLY A 120 0.12 -9.50 41.79
CA GLY A 120 0.26 -9.17 43.22
C GLY A 120 1.70 -9.04 43.69
N ASP A 121 2.66 -9.45 42.86
CA ASP A 121 4.08 -9.25 43.21
C ASP A 121 4.37 -7.72 43.10
N THR A 122 5.30 -7.23 43.89
CA THR A 122 5.67 -5.82 43.86
C THR A 122 7.13 -5.76 43.41
N ILE A 123 7.43 -4.88 42.44
CA ILE A 123 8.79 -4.77 41.93
C ILE A 123 9.40 -3.40 42.18
N ARG A 124 10.74 -3.41 42.28
CA ARG A 124 11.55 -2.19 42.32
C ARG A 124 12.69 -2.46 41.36
N THR A 125 13.34 -1.42 40.85
CA THR A 125 14.51 -1.66 40.03
C THR A 125 15.78 -1.11 40.70
N ARG A 126 16.82 -1.93 40.69
CA ARG A 126 18.13 -1.52 41.19
C ARG A 126 19.00 -1.25 39.98
N VAL A 127 19.57 -0.04 39.93
CA VAL A 127 20.48 0.30 38.85
C VAL A 127 21.86 0.53 39.44
N THR A 128 22.82 -0.24 38.97
CA THR A 128 24.22 -0.13 39.40
C THR A 128 25.10 0.31 38.22
N ILE A 129 25.90 1.37 38.41
CA ILE A 129 26.86 1.73 37.39
C ILE A 129 27.97 0.66 37.42
N ALA A 130 27.97 -0.22 36.44
CA ALA A 130 28.65 -1.52 36.61
C ALA A 130 30.06 -1.56 36.03
N ALA A 131 30.24 -0.89 34.89
CA ALA A 131 31.52 -0.90 34.14
C ALA A 131 31.62 0.36 33.32
N LYS A 132 32.85 0.87 33.16
CA LYS A 132 33.09 2.03 32.31
C LYS A 132 34.30 1.67 31.43
N GLU A 133 34.23 2.03 30.16
CA GLU A 133 35.28 1.64 29.21
C GLU A 133 35.56 2.77 28.25
N ASP A 134 36.81 2.85 27.80
CA ASP A 134 37.19 3.82 26.77
C ASP A 134 36.62 3.33 25.46
N ASP A 135 36.34 4.27 24.57
CA ASP A 135 35.86 3.97 23.22
C ASP A 135 37.01 4.24 22.24
N PRO A 136 37.57 3.19 21.60
CA PRO A 136 38.68 3.34 20.65
C PRO A 136 38.37 4.28 19.48
N LYS A 137 37.10 4.39 19.10
CA LYS A 137 36.69 5.24 17.98
C LYS A 137 36.24 6.64 18.42
N ARG A 138 36.13 6.85 19.73
CA ARG A 138 35.65 8.12 20.29
C ARG A 138 36.42 8.54 21.55
N PRO A 139 37.60 9.17 21.37
CA PRO A 139 38.40 9.61 22.52
C PRO A 139 37.66 10.61 23.41
N GLY A 140 36.69 11.34 22.85
CA GLY A 140 35.96 12.36 23.63
C GLY A 140 34.71 11.82 24.32
N ALA A 141 34.58 10.50 24.34
CA ALA A 141 33.43 9.84 24.98
C ALA A 141 33.88 8.54 25.61
N GLY A 142 33.01 7.94 26.41
CA GLY A 142 33.31 6.63 27.02
C GLY A 142 32.04 5.82 27.18
N ARG A 143 32.20 4.52 27.32
CA ARG A 143 31.06 3.62 27.40
C ARG A 143 30.72 3.43 28.88
N VAL A 144 29.43 3.44 29.19
CA VAL A 144 28.97 3.24 30.58
C VAL A 144 27.93 2.13 30.53
N VAL A 145 28.12 1.08 31.35
CA VAL A 145 27.14 0.02 31.47
C VAL A 145 26.34 0.18 32.77
N GLU A 146 25.02 0.37 32.69
CA GLU A 146 24.16 0.41 33.89
C GLU A 146 23.47 -0.96 34.04
N ARG A 147 23.87 -1.72 35.06
CA ARG A 147 23.27 -3.02 35.35
C ARG A 147 21.89 -2.76 35.96
N CYS A 148 20.84 -3.26 35.33
CA CYS A 148 19.49 -3.05 35.82
C CYS A 148 18.99 -4.39 36.32
N GLU A 149 18.56 -4.41 37.58
CA GLU A 149 18.02 -5.64 38.14
C GLU A 149 16.65 -5.34 38.70
N VAL A 150 15.64 -6.01 38.17
CA VAL A 150 14.29 -5.85 38.71
C VAL A 150 14.13 -6.87 39.83
N ILE A 151 13.76 -6.42 41.02
CA ILE A 151 13.61 -7.31 42.16
C ILE A 151 12.18 -7.35 42.64
N ASN A 152 11.76 -8.50 43.15
CA ASN A 152 10.41 -8.59 43.71
C ASN A 152 10.39 -8.32 45.23
N GLN A 153 9.21 -8.53 45.83
CA GLN A 153 8.98 -8.16 47.22
C GLN A 153 9.81 -9.01 48.21
N ARG A 154 10.36 -10.13 47.72
CA ARG A 154 11.28 -11.00 48.49
C ARG A 154 12.74 -10.63 48.25
N GLY A 155 12.98 -9.62 47.44
CA GLY A 155 14.34 -9.20 47.10
C GLY A 155 15.03 -10.07 46.05
N GLU A 156 14.28 -10.97 45.41
CA GLU A 156 14.81 -11.84 44.38
C GLU A 156 14.87 -11.10 43.06
N VAL A 157 15.96 -11.30 42.32
CA VAL A 157 16.06 -10.76 40.96
C VAL A 157 15.12 -11.52 40.03
N VAL A 158 14.20 -10.80 39.39
CA VAL A 158 13.28 -11.43 38.43
C VAL A 158 13.70 -11.18 36.98
N LEU A 159 14.44 -10.09 36.76
CA LEU A 159 14.89 -9.72 35.43
C LEU A 159 16.17 -8.90 35.57
N ALA A 160 17.10 -9.13 34.65
CA ALA A 160 18.33 -8.36 34.62
C ALA A 160 18.66 -7.97 33.21
N ALA A 161 19.32 -6.83 33.05
CA ALA A 161 19.79 -6.39 31.73
C ALA A 161 20.87 -5.37 31.94
N ASP A 162 21.74 -5.26 30.96
CA ASP A 162 22.80 -4.25 30.98
C ASP A 162 22.46 -3.15 30.01
N HIS A 163 22.18 -1.97 30.53
CA HIS A 163 21.89 -0.83 29.67
C HIS A 163 23.20 -0.20 29.21
N ILE A 164 23.36 0.00 27.90
CA ILE A 164 24.63 0.48 27.38
C ILE A 164 24.49 1.93 26.92
N LEU A 165 25.31 2.82 27.49
CA LEU A 165 25.32 4.24 27.14
C LEU A 165 26.69 4.62 26.56
N ILE A 166 26.70 5.52 25.59
CA ILE A 166 27.93 6.15 25.17
C ILE A 166 27.79 7.58 25.62
N VAL A 167 28.74 8.05 26.44
CA VAL A 167 28.57 9.35 27.10
C VAL A 167 29.77 10.24 26.83
N GLU A 168 29.50 11.48 26.41
CA GLU A 168 30.59 12.45 26.24
C GLU A 168 31.33 12.72 27.55
N ARG A 169 32.65 12.83 27.45
CA ARG A 169 33.50 13.33 28.53
C ARG A 169 33.36 14.84 28.70
N LYS A 170 33.50 15.30 29.94
CA LYS A 170 33.45 16.72 30.28
C LYS A 170 34.37 17.53 29.36
N PRO A 171 33.91 18.70 28.89
CA PRO A 171 34.75 19.59 28.07
C PRO A 171 36.09 19.93 28.73
N SER B 22 -16.91 -19.23 -42.78
CA SER B 22 -17.06 -18.87 -41.34
C SER B 22 -16.02 -19.56 -40.44
N SER B 25 -14.18 -19.64 -33.67
CA SER B 25 -13.44 -19.05 -32.56
C SER B 25 -12.96 -20.09 -31.56
N GLU B 26 -13.47 -21.31 -31.71
CA GLU B 26 -13.10 -22.42 -30.85
C GLU B 26 -13.26 -23.69 -31.65
N GLN B 27 -12.61 -24.75 -31.22
CA GLN B 27 -12.77 -26.04 -31.86
C GLN B 27 -12.65 -27.15 -30.84
N THR B 28 -13.75 -27.86 -30.66
CA THR B 28 -13.81 -28.95 -29.69
C THR B 28 -13.09 -30.15 -30.30
N ILE B 29 -12.10 -30.66 -29.58
CA ILE B 29 -11.38 -31.87 -29.99
C ILE B 29 -11.35 -32.83 -28.81
N TYR B 30 -12.08 -33.94 -28.90
CA TYR B 30 -12.13 -34.90 -27.78
C TYR B 30 -10.87 -35.74 -27.70
N TYR B 31 -10.65 -36.35 -26.53
CA TYR B 31 -9.50 -37.24 -26.28
C TYR B 31 -9.24 -38.13 -27.51
N GLU B 32 -10.29 -38.75 -28.04
CA GLU B 32 -10.17 -39.75 -29.11
C GLU B 32 -9.61 -39.19 -30.40
N ASP B 33 -9.79 -37.89 -30.61
CA ASP B 33 -9.35 -37.29 -31.85
C ASP B 33 -7.96 -36.68 -31.83
N TYR B 34 -7.27 -36.77 -30.70
CA TYR B 34 -5.82 -36.54 -30.67
C TYR B 34 -5.19 -37.87 -31.07
N GLU B 35 -4.66 -37.91 -32.28
CA GLU B 35 -4.25 -39.21 -32.84
C GLU B 35 -2.78 -39.47 -32.54
N GLN B 36 -2.54 -40.45 -31.67
CA GLN B 36 -1.20 -40.73 -31.19
C GLN B 36 -0.25 -40.97 -32.34
N GLY B 37 0.93 -40.35 -32.25
CA GLY B 37 1.94 -40.47 -33.32
C GLY B 37 1.80 -39.46 -34.44
N HIS B 38 0.70 -38.69 -34.46
CA HIS B 38 0.55 -37.62 -35.46
C HIS B 38 1.65 -36.58 -35.28
N VAL B 39 2.27 -36.18 -36.39
CA VAL B 39 3.35 -35.19 -36.39
C VAL B 39 2.93 -34.00 -37.22
N ARG B 40 3.14 -32.79 -36.70
CA ARG B 40 2.99 -31.59 -37.52
C ARG B 40 4.24 -30.71 -37.33
N LEU B 41 4.61 -30.02 -38.40
CA LEU B 41 5.76 -29.13 -38.38
C LEU B 41 5.24 -27.78 -38.85
N THR B 42 5.50 -26.73 -38.08
CA THR B 42 4.98 -25.41 -38.42
C THR B 42 5.79 -24.77 -39.52
N SER B 43 5.26 -23.68 -40.05
CA SER B 43 6.02 -22.78 -40.90
C SER B 43 7.19 -22.21 -40.07
N GLY B 44 8.15 -21.61 -40.77
CA GLY B 44 9.33 -21.08 -40.09
C GLY B 44 9.22 -19.57 -39.83
N ARG B 45 10.02 -19.11 -38.89
CA ARG B 45 10.12 -17.69 -38.60
C ARG B 45 11.57 -17.38 -38.22
N THR B 46 12.17 -16.42 -38.89
CA THR B 46 13.53 -16.03 -38.58
C THR B 46 13.52 -15.20 -37.31
N ILE B 47 14.36 -15.58 -36.35
CA ILE B 47 14.53 -14.84 -35.13
C ILE B 47 15.48 -13.68 -35.40
N THR B 48 15.00 -12.45 -35.19
CA THR B 48 15.74 -11.26 -35.60
C THR B 48 16.24 -10.54 -34.36
N GLU B 49 17.12 -9.58 -34.56
CA GLU B 49 17.54 -8.70 -33.50
C GLU B 49 16.32 -7.97 -32.91
N THR B 50 15.33 -7.67 -33.76
CA THR B 50 14.10 -7.02 -33.26
C THR B 50 13.46 -7.89 -32.19
N ASP B 51 13.41 -9.21 -32.46
CA ASP B 51 12.81 -10.14 -31.49
C ASP B 51 13.53 -10.15 -30.12
N PHE B 52 14.86 -10.01 -30.13
CA PHE B 52 15.62 -9.96 -28.88
C PHE B 52 15.20 -8.70 -28.12
N VAL B 53 15.20 -7.59 -28.83
CA VAL B 53 14.92 -6.26 -28.20
C VAL B 53 13.46 -6.18 -27.71
N VAL B 54 12.51 -6.69 -28.50
CA VAL B 54 11.11 -6.75 -28.11
C VAL B 54 10.94 -7.67 -26.90
N HIS B 55 11.64 -8.80 -26.92
CA HIS B 55 11.50 -9.74 -25.80
C HIS B 55 12.02 -9.10 -24.50
N ALA B 56 13.18 -8.43 -24.56
CA ALA B 56 13.73 -7.74 -23.39
C ALA B 56 12.73 -6.70 -22.89
N GLY B 57 12.16 -5.96 -23.83
CA GLY B 57 11.19 -4.88 -23.46
C GLY B 57 9.92 -5.43 -22.82
N HIS B 58 9.50 -6.60 -23.31
CA HIS B 58 8.25 -7.20 -22.89
C HIS B 58 8.43 -7.83 -21.50
N THR B 59 9.61 -8.40 -21.24
CA THR B 59 9.82 -9.20 -20.02
C THR B 59 10.54 -8.46 -18.92
N GLY B 60 11.31 -7.45 -19.27
CA GLY B 60 12.18 -6.74 -18.33
C GLY B 60 13.59 -7.33 -18.20
N ASP B 61 13.89 -8.34 -19.00
CA ASP B 61 15.20 -9.03 -18.95
C ASP B 61 16.18 -8.45 -19.97
N PHE B 62 17.12 -7.63 -19.50
CA PHE B 62 18.11 -6.98 -20.36
C PHE B 62 19.51 -7.52 -20.09
N PHE B 63 19.61 -8.76 -19.63
CA PHE B 63 20.93 -9.35 -19.35
C PHE B 63 21.87 -9.22 -20.55
N PRO B 64 23.14 -8.85 -20.29
CA PRO B 64 24.14 -8.60 -21.35
C PRO B 64 24.35 -9.77 -22.33
N HIS B 65 24.14 -10.96 -21.75
CA HIS B 65 24.24 -11.97 -22.72
CA HIS B 65 24.19 -12.08 -22.69
C HIS B 65 23.27 -12.01 -24.06
N HIS B 66 22.14 -11.36 -23.69
CA HIS B 66 21.17 -11.14 -24.76
C HIS B 66 21.31 -9.77 -25.42
N ASP B 68 24.02 -7.15 -25.07
CA ASP B 68 25.28 -6.43 -25.22
C ASP B 68 26.24 -7.20 -26.14
N ALA B 69 26.36 -6.72 -27.37
CA ALA B 69 27.15 -7.38 -28.40
C ALA B 69 28.63 -7.38 -28.03
N GLU B 70 29.10 -6.35 -27.35
CA GLU B 70 30.52 -6.30 -26.96
C GLU B 70 30.82 -7.35 -25.89
N PHE B 71 29.99 -7.39 -24.85
CA PHE B 71 30.17 -8.40 -23.83
C PHE B 71 30.08 -9.81 -24.42
N ALA B 72 29.15 -10.01 -25.36
CA ALA B 72 28.91 -11.34 -25.94
C ALA B 72 30.12 -11.87 -26.70
N LYS B 73 31.00 -10.97 -27.14
CA LYS B 73 32.26 -11.41 -27.73
C LYS B 73 33.09 -12.27 -26.77
N THR B 74 32.92 -12.07 -25.47
CA THR B 74 33.69 -12.79 -24.45
C THR B 74 33.11 -14.17 -24.14
N LEU B 75 31.92 -14.46 -24.65
CA LEU B 75 31.27 -15.75 -24.43
C LEU B 75 31.70 -16.80 -25.46
N PRO B 76 31.58 -18.07 -25.18
N PRO B 76 31.34 -18.03 -25.20
CA PRO B 76 31.75 -19.10 -26.20
CA PRO B 76 31.84 -19.15 -25.97
C PRO B 76 30.71 -18.82 -27.21
C PRO B 76 31.53 -19.04 -27.39
N GLY B 77 31.07 -18.84 -28.46
N GLY B 77 30.37 -18.67 -27.86
CA GLY B 77 30.19 -18.49 -29.52
CA GLY B 77 30.18 -18.53 -29.30
C GLY B 77 30.21 -17.00 -29.88
C GLY B 77 30.30 -17.08 -29.84
N GLY B 78 30.80 -16.20 -29.03
CA GLY B 78 31.14 -14.81 -29.41
C GLY B 78 29.97 -13.91 -29.77
N GLN B 79 28.74 -14.40 -29.59
CA GLN B 79 27.59 -13.58 -29.97
C GLN B 79 26.41 -13.66 -29.00
N ARG B 80 25.50 -12.69 -29.13
CA ARG B 80 24.33 -12.65 -28.26
C ARG B 80 23.50 -13.91 -28.41
N ILE B 81 22.86 -14.32 -27.32
CA ILE B 81 22.05 -15.51 -27.34
C ILE B 81 20.60 -15.15 -26.97
N ALA B 82 19.62 -15.78 -27.62
CA ALA B 82 18.21 -15.46 -27.34
C ALA B 82 17.83 -15.89 -25.92
N HIS B 83 16.95 -15.12 -25.28
CA HIS B 83 16.33 -15.56 -24.01
C HIS B 83 15.65 -16.90 -24.18
N GLY B 84 15.84 -17.80 -23.21
CA GLY B 84 15.14 -19.08 -23.19
C GLY B 84 13.62 -18.90 -23.30
N THR B 85 13.11 -17.88 -22.61
CA THR B 85 11.67 -17.64 -22.62
C THR B 85 11.16 -17.17 -23.99
N ILE B 87 12.49 -18.21 -27.01
CA ILE B 87 12.42 -19.38 -27.87
C ILE B 87 11.21 -20.22 -27.47
N PHE B 88 10.91 -20.28 -26.18
CA PHE B 88 9.74 -21.03 -25.72
C PHE B 88 8.48 -20.34 -26.21
N SER B 89 8.36 -19.03 -25.98
CA SER B 89 7.15 -18.27 -26.31
CA SER B 89 7.12 -18.33 -26.31
C SER B 89 6.86 -18.27 -27.82
N ILE B 90 7.90 -18.01 -28.61
CA ILE B 90 7.74 -18.01 -30.07
C ILE B 90 7.53 -19.45 -30.57
N GLY B 91 8.31 -20.38 -30.05
CA GLY B 91 8.19 -21.79 -30.46
C GLY B 91 6.79 -22.29 -30.23
N VAL B 92 6.24 -22.02 -29.04
CA VAL B 92 4.86 -22.36 -28.74
C VAL B 92 3.86 -21.55 -29.60
N GLY B 93 4.11 -20.26 -29.78
CA GLY B 93 3.22 -19.40 -30.58
C GLY B 93 3.08 -19.87 -32.02
N LEU B 94 4.17 -20.39 -32.60
CA LEU B 94 4.09 -20.98 -33.95
C LEU B 94 3.06 -22.10 -34.04
N THR B 95 2.84 -22.79 -32.94
CA THR B 95 1.90 -23.91 -32.95
C THR B 95 0.50 -23.51 -32.49
N ALA B 96 0.31 -22.24 -32.10
CA ALA B 96 -0.95 -21.85 -31.45
C ALA B 96 -2.18 -22.28 -32.26
N SER B 97 -3.25 -22.62 -31.54
CA SER B 97 -4.48 -23.01 -32.23
C SER B 97 -5.71 -22.46 -31.51
N LEU B 98 -6.86 -22.65 -32.14
CA LEU B 98 -8.16 -22.33 -31.53
C LEU B 98 -8.29 -22.97 -30.14
N ILE B 99 -8.96 -22.27 -29.23
CA ILE B 99 -9.21 -22.82 -27.91
C ILE B 99 -10.02 -24.10 -28.07
N ASN B 100 -9.68 -25.09 -27.25
CA ASN B 100 -10.44 -26.37 -27.22
C ASN B 100 -11.26 -26.40 -25.94
N PRO B 101 -12.60 -26.19 -26.03
CA PRO B 101 -13.43 -26.12 -24.83
C PRO B 101 -13.41 -27.37 -23.94
N VAL B 102 -12.97 -28.52 -24.48
CA VAL B 102 -12.96 -29.75 -23.68
C VAL B 102 -11.55 -30.22 -23.26
N ALA B 103 -10.55 -29.35 -23.44
CA ALA B 103 -9.20 -29.67 -23.00
C ALA B 103 -8.68 -28.58 -22.06
N PHE B 104 -8.02 -29.00 -21.00
CA PHE B 104 -7.35 -28.06 -20.10
C PHE B 104 -5.82 -28.19 -20.31
N SER B 105 -5.15 -27.07 -20.57
CA SER B 105 -3.69 -27.01 -20.68
C SER B 105 -3.10 -26.99 -19.27
N TYR B 106 -2.59 -28.12 -18.83
CA TYR B 106 -2.11 -28.31 -17.48
C TYR B 106 -0.76 -27.58 -17.27
N GLY B 107 0.09 -27.66 -18.28
CA GLY B 107 1.37 -26.99 -18.25
C GLY B 107 2.34 -27.78 -19.11
N TYR B 108 3.63 -27.67 -18.80
CA TYR B 108 4.66 -28.36 -19.56
C TYR B 108 5.58 -29.10 -18.62
N ASP B 109 6.06 -30.27 -19.04
CA ASP B 109 7.12 -30.98 -18.33
C ASP B 109 8.38 -30.95 -19.15
N ARG B 110 9.52 -31.07 -18.47
CA ARG B 110 10.82 -31.27 -19.08
C ARG B 110 11.13 -30.27 -20.17
N LEU B 111 10.94 -28.97 -19.86
CA LEU B 111 11.39 -27.89 -20.74
C LEU B 111 12.91 -27.82 -20.71
N ARG B 112 13.54 -27.97 -21.86
CA ARG B 112 14.99 -28.04 -21.92
C ARG B 112 15.51 -27.09 -22.98
N PHE B 113 16.48 -26.28 -22.57
CA PHE B 113 17.21 -25.38 -23.49
C PHE B 113 18.40 -26.12 -24.07
N VAL B 114 18.18 -26.71 -25.25
CA VAL B 114 19.09 -27.71 -25.83
C VAL B 114 20.30 -27.06 -26.52
N ARG B 115 20.08 -26.00 -27.28
CA ARG B 115 21.11 -25.29 -27.97
C ARG B 115 20.80 -23.78 -28.02
N PRO B 116 21.80 -22.91 -27.99
CA PRO B 116 21.47 -21.48 -28.07
C PRO B 116 20.91 -21.11 -29.44
N VAL B 117 20.11 -20.05 -29.46
CA VAL B 117 19.58 -19.49 -30.71
C VAL B 117 20.18 -18.10 -30.92
N HIS B 118 20.68 -17.85 -32.13
CA HIS B 118 21.34 -16.60 -32.47
C HIS B 118 20.49 -15.76 -33.40
N ILE B 119 20.79 -14.47 -33.42
CA ILE B 119 20.18 -13.56 -34.38
C ILE B 119 20.40 -14.14 -35.77
N GLY B 120 19.30 -14.20 -36.55
CA GLY B 120 19.35 -14.69 -37.91
C GLY B 120 19.02 -16.17 -38.05
N ASP B 121 18.97 -16.92 -36.93
CA ASP B 121 18.55 -18.33 -36.97
C ASP B 121 17.04 -18.36 -37.29
N THR B 122 16.60 -19.40 -37.98
CA THR B 122 15.18 -19.54 -38.33
C THR B 122 14.65 -20.76 -37.64
N ILE B 123 13.51 -20.62 -36.94
CA ILE B 123 12.96 -21.75 -36.21
C ILE B 123 11.60 -22.22 -36.73
N ARG B 124 11.33 -23.50 -36.49
CA ARG B 124 10.03 -24.14 -36.77
C ARG B 124 9.77 -25.01 -35.57
N THR B 125 8.49 -25.35 -35.33
CA THR B 125 8.18 -26.24 -34.23
C THR B 125 7.55 -27.53 -34.74
N ARG B 126 8.07 -28.64 -34.25
CA ARG B 126 7.50 -29.95 -34.53
C ARG B 126 6.70 -30.39 -33.31
N VAL B 127 5.45 -30.81 -33.52
CA VAL B 127 4.57 -31.24 -32.43
C VAL B 127 4.17 -32.69 -32.72
N THR B 128 4.45 -33.59 -31.79
CA THR B 128 4.14 -35.01 -31.98
C THR B 128 3.20 -35.41 -30.85
N ILE B 129 2.06 -36.00 -31.19
CA ILE B 129 1.18 -36.55 -30.15
C ILE B 129 1.88 -37.79 -29.60
N ALA B 130 2.32 -37.69 -28.36
CA ALA B 130 3.13 -38.70 -27.73
C ALA B 130 2.23 -39.51 -26.77
N ALA B 131 2.48 -39.49 -25.46
CA ALA B 131 1.71 -40.33 -24.54
C ALA B 131 0.20 -40.03 -24.59
N LYS B 132 -0.60 -41.09 -24.51
CA LYS B 132 -2.02 -40.98 -24.23
C LYS B 132 -2.27 -41.95 -23.08
N GLU B 133 -2.84 -41.43 -22.00
CA GLU B 133 -2.95 -42.19 -20.76
C GLU B 133 -4.33 -42.01 -20.15
N ASP B 134 -4.83 -43.05 -19.49
CA ASP B 134 -6.09 -42.93 -18.74
C ASP B 134 -5.84 -42.08 -17.50
N ASP B 135 -6.84 -41.30 -17.08
CA ASP B 135 -6.71 -40.46 -15.88
C ASP B 135 -7.33 -41.21 -14.70
N PRO B 136 -6.55 -41.43 -13.63
CA PRO B 136 -7.06 -42.18 -12.48
C PRO B 136 -8.23 -41.45 -11.80
N LYS B 137 -8.10 -40.14 -11.65
CA LYS B 137 -9.15 -39.29 -11.07
C LYS B 137 -10.40 -39.19 -11.95
N ARG B 138 -10.21 -39.16 -13.27
CA ARG B 138 -11.27 -38.79 -14.21
C ARG B 138 -11.53 -39.83 -15.30
N PRO B 139 -12.41 -40.81 -15.05
CA PRO B 139 -12.78 -41.79 -16.08
C PRO B 139 -13.27 -41.13 -17.37
N GLY B 140 -13.90 -39.95 -17.24
CA GLY B 140 -14.44 -39.21 -18.37
C GLY B 140 -13.43 -38.38 -19.18
N ALA B 141 -12.15 -38.51 -18.86
CA ALA B 141 -11.11 -37.72 -19.55
C ALA B 141 -9.83 -38.55 -19.71
N GLY B 142 -8.91 -38.09 -20.54
CA GLY B 142 -7.63 -38.75 -20.72
C GLY B 142 -6.52 -37.71 -20.77
N ARG B 143 -5.31 -38.14 -20.48
CA ARG B 143 -4.17 -37.24 -20.57
C ARG B 143 -3.54 -37.41 -21.97
N VAL B 144 -3.23 -36.30 -22.63
CA VAL B 144 -2.58 -36.30 -23.93
C VAL B 144 -1.30 -35.49 -23.76
N VAL B 145 -0.17 -36.04 -24.18
CA VAL B 145 1.09 -35.30 -24.10
C VAL B 145 1.53 -34.95 -25.51
N GLU B 146 1.74 -33.65 -25.75
CA GLU B 146 2.24 -33.22 -27.04
C GLU B 146 3.72 -32.88 -26.91
N ARG B 147 4.57 -33.61 -27.61
CA ARG B 147 6.00 -33.39 -27.60
C ARG B 147 6.32 -32.24 -28.54
N CYS B 148 6.87 -31.14 -28.01
CA CYS B 148 7.16 -29.96 -28.81
C CYS B 148 8.66 -29.82 -28.96
N GLU B 149 9.13 -29.73 -30.19
CA GLU B 149 10.55 -29.62 -30.40
C GLU B 149 10.76 -28.46 -31.32
N VAL B 150 11.43 -27.43 -30.84
CA VAL B 150 11.76 -26.29 -31.68
C VAL B 150 13.05 -26.63 -32.40
N ILE B 151 13.08 -26.47 -33.73
CA ILE B 151 14.28 -26.80 -34.51
C ILE B 151 14.77 -25.58 -35.28
N ASN B 152 16.08 -25.49 -35.48
CA ASN B 152 16.64 -24.39 -36.25
C ASN B 152 16.78 -24.76 -37.74
N GLN B 153 17.44 -23.90 -38.51
CA GLN B 153 17.51 -24.03 -39.97
C GLN B 153 18.40 -25.21 -40.37
N ARG B 154 19.19 -25.71 -39.43
CA ARG B 154 20.02 -26.92 -39.67
C ARG B 154 19.30 -28.20 -39.21
N GLY B 155 18.05 -28.06 -38.78
CA GLY B 155 17.23 -29.16 -38.27
C GLY B 155 17.62 -29.65 -36.88
N GLU B 156 18.46 -28.90 -36.18
CA GLU B 156 18.88 -29.27 -34.81
C GLU B 156 17.80 -28.85 -33.84
N VAL B 157 17.49 -29.69 -32.86
CA VAL B 157 16.57 -29.31 -31.78
C VAL B 157 17.27 -28.26 -30.91
N VAL B 158 16.62 -27.12 -30.74
CA VAL B 158 17.14 -26.05 -29.85
C VAL B 158 16.40 -25.95 -28.53
N LEU B 159 15.17 -26.46 -28.50
CA LEU B 159 14.33 -26.43 -27.30
C LEU B 159 13.32 -27.57 -27.40
N ALA B 160 13.09 -28.28 -26.30
CA ALA B 160 12.07 -29.31 -26.29
C ALA B 160 11.27 -29.15 -25.01
N ALA B 161 10.00 -29.56 -25.07
CA ALA B 161 9.13 -29.57 -23.90
C ALA B 161 7.97 -30.51 -24.18
N ASP B 162 7.37 -31.04 -23.12
CA ASP B 162 6.18 -31.88 -23.23
C ASP B 162 4.96 -31.11 -22.75
N HIS B 163 4.05 -30.81 -23.66
CA HIS B 163 2.82 -30.07 -23.33
C HIS B 163 1.78 -31.07 -22.82
N ILE B 164 1.24 -30.82 -21.63
CA ILE B 164 0.36 -31.80 -20.98
C ILE B 164 -1.06 -31.28 -21.07
N LEU B 165 -1.93 -32.03 -21.74
CA LEU B 165 -3.33 -31.67 -21.91
C LEU B 165 -4.21 -32.68 -21.14
N ILE B 166 -5.26 -32.17 -20.50
CA ILE B 166 -6.26 -33.08 -19.91
C ILE B 166 -7.53 -32.90 -20.76
N VAL B 167 -7.99 -33.96 -21.40
CA VAL B 167 -8.99 -33.81 -22.48
C VAL B 167 -10.18 -34.74 -22.23
N GLU B 168 -11.38 -34.16 -22.29
CA GLU B 168 -12.61 -34.99 -22.13
C GLU B 168 -12.74 -36.06 -23.22
N ARG B 169 -13.24 -37.22 -22.84
CA ARG B 169 -13.63 -38.23 -23.82
C ARG B 169 -14.98 -37.87 -24.44
N LYS B 170 -15.21 -38.32 -25.68
CA LYS B 170 -16.47 -38.07 -26.39
C LYS B 170 -17.65 -38.53 -25.53
N PRO B 171 -18.76 -37.77 -25.56
CA PRO B 171 -19.98 -38.22 -24.85
C PRO B 171 -20.56 -39.51 -25.43
N GLN C 27 16.03 0.90 -1.18
CA GLN C 27 17.04 1.24 -0.14
C GLN C 27 17.14 2.75 0.08
N THR C 28 16.89 3.18 1.31
CA THR C 28 16.91 4.59 1.64
C THR C 28 18.36 5.08 1.78
N ILE C 29 18.68 6.18 1.10
CA ILE C 29 19.99 6.83 1.23
C ILE C 29 19.73 8.29 1.55
N TYR C 30 20.08 8.70 2.77
CA TYR C 30 19.90 10.10 3.15
C TYR C 30 21.05 10.97 2.68
N TYR C 31 20.83 12.28 2.75
CA TYR C 31 21.73 13.28 2.21
C TYR C 31 23.15 13.08 2.73
N GLU C 32 23.27 12.84 4.04
CA GLU C 32 24.57 12.69 4.69
C GLU C 32 25.33 11.45 4.20
N ASP C 33 24.58 10.45 3.75
CA ASP C 33 25.10 9.16 3.31
C ASP C 33 25.68 9.25 1.90
N TYR C 34 25.26 10.23 1.10
CA TYR C 34 25.87 10.42 -0.23
C TYR C 34 27.34 10.81 -0.13
N GLU C 35 28.19 10.03 -0.78
CA GLU C 35 29.63 10.24 -0.73
C GLU C 35 30.11 10.93 -2.01
N GLN C 36 30.55 12.18 -1.88
CA GLN C 36 31.11 12.91 -3.02
C GLN C 36 32.29 12.14 -3.61
N GLY C 37 32.29 11.98 -4.93
CA GLY C 37 33.32 11.21 -5.61
C GLY C 37 33.00 9.73 -5.76
N HIS C 38 31.87 9.27 -5.21
CA HIS C 38 31.51 7.86 -5.38
C HIS C 38 31.09 7.67 -6.83
N VAL C 39 31.52 6.57 -7.42
CA VAL C 39 31.24 6.29 -8.84
C VAL C 39 30.62 4.91 -9.03
N ARG C 40 29.65 4.82 -9.90
CA ARG C 40 29.02 3.59 -10.28
C ARG C 40 29.00 3.50 -11.82
N LEU C 41 29.27 2.34 -12.36
CA LEU C 41 29.20 2.12 -13.82
C LEU C 41 28.20 1.01 -14.14
N THR C 42 27.25 1.27 -15.04
CA THR C 42 26.23 0.26 -15.33
C THR C 42 26.74 -0.83 -16.27
N SER C 43 25.92 -1.87 -16.43
CA SER C 43 26.11 -2.82 -17.55
C SER C 43 25.91 -2.09 -18.86
N GLY C 44 26.27 -2.75 -19.96
CA GLY C 44 26.17 -2.17 -21.31
C GLY C 44 24.93 -2.65 -22.03
N ARG C 45 24.54 -1.90 -23.05
CA ARG C 45 23.45 -2.27 -23.91
C ARG C 45 23.80 -1.78 -25.29
N THR C 46 23.68 -2.68 -26.27
CA THR C 46 23.94 -2.30 -27.65
C THR C 46 22.72 -1.59 -28.22
N ILE C 47 22.96 -0.41 -28.80
CA ILE C 47 21.90 0.39 -29.41
C ILE C 47 21.69 -0.15 -30.83
N THR C 48 20.48 -0.65 -31.06
CA THR C 48 20.21 -1.41 -32.30
C THR C 48 19.31 -0.58 -33.22
N GLU C 49 19.22 -1.01 -34.46
CA GLU C 49 18.28 -0.39 -35.37
C GLU C 49 16.84 -0.42 -34.80
N THR C 50 16.52 -1.50 -34.10
CA THR C 50 15.18 -1.63 -33.48
C THR C 50 14.98 -0.48 -32.51
N ASP C 51 16.01 -0.14 -31.75
CA ASP C 51 15.89 0.98 -30.79
C ASP C 51 15.61 2.32 -31.47
N PHE C 52 16.17 2.52 -32.66
CA PHE C 52 15.91 3.73 -33.43
C PHE C 52 14.43 3.77 -33.82
N VAL C 53 13.94 2.66 -34.35
CA VAL C 53 12.58 2.56 -34.88
C VAL C 53 11.56 2.66 -33.76
N VAL C 54 11.84 1.99 -32.65
CA VAL C 54 10.96 2.07 -31.47
C VAL C 54 10.94 3.51 -30.91
N HIS C 55 12.12 4.16 -30.84
CA HIS C 55 12.14 5.53 -30.29
C HIS C 55 11.32 6.48 -31.14
N ALA C 56 11.50 6.40 -32.46
CA ALA C 56 10.69 7.22 -33.36
C ALA C 56 9.23 6.95 -33.16
N GLY C 57 8.85 5.66 -33.11
CA GLY C 57 7.42 5.32 -32.95
C GLY C 57 6.86 5.81 -31.61
N HIS C 58 7.69 5.76 -30.57
CA HIS C 58 7.26 6.13 -29.21
C HIS C 58 7.15 7.66 -29.07
N THR C 59 8.02 8.40 -29.74
CA THR C 59 8.11 9.86 -29.55
C THR C 59 7.42 10.67 -30.61
N GLY C 60 7.27 10.08 -31.79
CA GLY C 60 6.77 10.81 -32.93
C GLY C 60 7.85 11.55 -33.74
N ASP C 61 9.12 11.39 -33.37
CA ASP C 61 10.26 12.00 -34.07
C ASP C 61 10.84 11.08 -35.15
N PHE C 62 10.51 11.36 -36.41
CA PHE C 62 10.98 10.55 -37.56
C PHE C 62 11.94 11.33 -38.45
N PHE C 63 12.64 12.30 -37.86
CA PHE C 63 13.55 13.13 -38.66
C PHE C 63 14.56 12.27 -39.43
N PRO C 64 14.91 12.71 -40.65
CA PRO C 64 15.69 11.85 -41.54
C PRO C 64 17.11 11.55 -41.06
N HIS C 65 17.72 12.41 -40.25
CA HIS C 65 19.03 12.15 -39.60
CA HIS C 65 19.05 12.07 -39.75
C HIS C 65 19.00 10.83 -38.85
N HIS C 66 17.81 10.50 -38.32
CA HIS C 66 17.65 9.25 -37.56
C HIS C 66 17.07 8.12 -38.38
N ASP C 68 16.49 7.87 -42.08
CA ASP C 68 16.71 7.73 -43.55
C ASP C 68 18.19 7.46 -43.82
N ALA C 69 18.50 6.20 -44.11
CA ALA C 69 19.89 5.75 -44.31
C ALA C 69 20.50 6.43 -45.54
N GLU C 70 19.67 6.76 -46.53
CA GLU C 70 20.21 7.42 -47.75
C GLU C 70 20.59 8.85 -47.44
N PHE C 71 19.66 9.57 -46.82
CA PHE C 71 19.96 10.93 -46.38
C PHE C 71 21.16 10.98 -45.44
N ALA C 72 21.24 10.00 -44.54
CA ALA C 72 22.34 10.00 -43.56
C ALA C 72 23.74 9.87 -44.17
N LYS C 73 23.83 9.41 -45.42
CA LYS C 73 25.13 9.39 -46.10
C LYS C 73 25.71 10.79 -46.25
N THR C 74 24.88 11.82 -46.08
CA THR C 74 25.32 13.22 -46.19
C THR C 74 25.86 13.77 -44.87
N LEU C 75 25.69 13.01 -43.80
CA LEU C 75 26.20 13.45 -42.50
C LEU C 75 27.67 13.08 -42.36
N PRO C 76 28.35 13.70 -41.40
N PRO C 76 28.40 13.79 -41.50
CA PRO C 76 29.78 13.48 -41.30
CA PRO C 76 29.73 13.31 -41.18
C PRO C 76 30.12 12.04 -41.07
C PRO C 76 29.47 11.98 -40.54
N GLY C 77 29.36 11.31 -40.30
N GLY C 77 30.20 10.98 -40.88
CA GLY C 77 29.64 9.91 -40.11
CA GLY C 77 29.98 9.65 -40.36
C GLY C 77 29.13 8.97 -41.17
C GLY C 77 29.03 8.84 -41.16
N GLY C 78 28.41 9.48 -42.13
CA GLY C 78 27.73 8.73 -43.18
C GLY C 78 26.61 7.79 -42.77
N GLN C 79 26.21 7.85 -41.50
CA GLN C 79 25.15 6.93 -41.04
CA GLN C 79 25.24 6.90 -40.92
C GLN C 79 24.14 7.59 -40.12
N ARG C 80 22.99 6.92 -40.00
CA ARG C 80 21.91 7.43 -39.16
C ARG C 80 22.44 7.64 -37.75
N ILE C 81 21.92 8.68 -37.08
CA ILE C 81 22.39 9.02 -35.71
C ILE C 81 21.21 8.88 -34.74
N ALA C 82 21.48 8.33 -33.57
CA ALA C 82 20.39 8.12 -32.59
C ALA C 82 19.81 9.45 -32.12
N HIS C 83 18.51 9.46 -31.81
CA HIS C 83 17.91 10.64 -31.20
C HIS C 83 18.61 10.94 -29.88
N GLY C 84 18.86 12.23 -29.63
CA GLY C 84 19.40 12.64 -28.35
C GLY C 84 18.52 12.16 -27.19
N THR C 85 17.20 12.22 -27.35
CA THR C 85 16.30 11.78 -26.28
C THR C 85 16.38 10.25 -26.03
N ILE C 87 19.25 8.42 -26.40
CA ILE C 87 20.47 8.11 -25.65
C ILE C 87 20.30 8.56 -24.21
N PHE C 88 19.57 9.66 -24.04
CA PHE C 88 19.24 10.14 -22.67
C PHE C 88 18.35 9.12 -21.94
N SER C 89 17.27 8.67 -22.58
CA SER C 89 16.30 7.79 -21.89
C SER C 89 16.87 6.43 -21.59
N ILE C 90 17.60 5.87 -22.54
CA ILE C 90 18.22 4.56 -22.31
C ILE C 90 19.40 4.69 -21.37
N GLY C 91 20.18 5.75 -21.54
CA GLY C 91 21.30 6.03 -20.61
C GLY C 91 20.85 6.12 -19.16
N VAL C 92 19.76 6.84 -18.91
CA VAL C 92 19.16 6.95 -17.55
C VAL C 92 18.54 5.60 -17.17
N GLY C 93 17.85 4.98 -18.11
CA GLY C 93 17.20 3.68 -17.87
C GLY C 93 18.20 2.61 -17.38
N LEU C 94 19.40 2.59 -17.94
CA LEU C 94 20.47 1.68 -17.50
C LEU C 94 20.77 1.83 -16.00
N THR C 95 20.56 2.99 -15.48
CA THR C 95 20.87 3.25 -14.09
C THR C 95 19.73 2.90 -13.10
N ALA C 96 18.63 2.41 -13.60
CA ALA C 96 17.44 2.41 -12.79
C ALA C 96 17.56 1.61 -11.48
N SER C 97 18.16 0.46 -11.50
CA SER C 97 18.38 -0.37 -10.32
C SER C 97 17.68 -0.12 -8.99
N LEU C 98 18.05 0.90 -8.28
CA LEU C 98 17.59 1.11 -6.91
C LEU C 98 16.70 2.35 -6.72
N ILE C 99 15.60 2.21 -6.00
CA ILE C 99 14.73 3.37 -5.76
C ILE C 99 15.05 3.96 -4.39
N ASN C 100 15.31 5.26 -4.34
CA ASN C 100 15.57 5.90 -3.07
C ASN C 100 14.33 6.70 -2.62
N PRO C 101 13.51 6.11 -1.73
CA PRO C 101 12.26 6.77 -1.31
C PRO C 101 12.41 8.15 -0.64
N VAL C 102 13.66 8.52 -0.31
CA VAL C 102 13.88 9.85 0.25
C VAL C 102 14.58 10.83 -0.70
N ALA C 103 14.84 10.42 -1.94
CA ALA C 103 15.40 11.32 -2.96
C ALA C 103 14.32 11.71 -3.99
N PHE C 104 14.12 13.01 -4.19
CA PHE C 104 13.20 13.53 -5.21
C PHE C 104 14.00 13.97 -6.45
N SER C 105 13.56 13.53 -7.62
CA SER C 105 14.21 13.90 -8.89
C SER C 105 13.69 15.27 -9.37
N TYR C 106 14.48 16.31 -9.15
CA TYR C 106 14.10 17.69 -9.43
C TYR C 106 14.21 17.99 -10.91
N GLY C 107 15.24 17.44 -11.54
CA GLY C 107 15.45 17.67 -12.96
C GLY C 107 16.89 17.43 -13.32
N TYR C 108 17.29 17.96 -14.48
CA TYR C 108 18.67 17.80 -14.96
C TYR C 108 19.18 19.14 -15.44
N ASP C 109 20.48 19.38 -15.23
CA ASP C 109 21.14 20.55 -15.77
C ASP C 109 22.18 20.10 -16.80
N ARG C 110 22.46 20.97 -17.75
CA ARG C 110 23.57 20.79 -18.69
C ARG C 110 23.55 19.42 -19.37
N LEU C 111 22.38 19.07 -19.94
CA LEU C 111 22.30 17.92 -20.83
C LEU C 111 23.02 18.26 -22.13
N ARG C 112 24.00 17.45 -22.50
CA ARG C 112 24.80 17.72 -23.67
C ARG C 112 24.94 16.49 -24.53
N PHE C 113 24.72 16.69 -25.83
CA PHE C 113 24.83 15.61 -26.82
C PHE C 113 26.23 15.69 -27.35
N VAL C 114 27.12 14.95 -26.72
CA VAL C 114 28.57 15.12 -26.92
C VAL C 114 29.12 14.52 -28.23
N ARG C 115 28.67 13.31 -28.55
CA ARG C 115 29.06 12.65 -29.81
C ARG C 115 27.87 11.86 -30.33
N PRO C 116 27.76 11.72 -31.65
CA PRO C 116 26.68 10.86 -32.18
C PRO C 116 26.81 9.40 -31.80
N VAL C 117 25.67 8.74 -31.69
CA VAL C 117 25.61 7.31 -31.47
C VAL C 117 25.04 6.65 -32.70
N HIS C 118 25.72 5.60 -33.17
CA HIS C 118 25.29 4.87 -34.35
C HIS C 118 24.72 3.51 -34.03
N ILE C 119 23.98 2.96 -34.99
CA ILE C 119 23.47 1.60 -34.86
C ILE C 119 24.66 0.67 -34.63
N GLY C 120 24.56 -0.17 -33.60
CA GLY C 120 25.61 -1.12 -33.33
C GLY C 120 26.57 -0.67 -32.25
N ASP C 121 26.53 0.62 -31.87
CA ASP C 121 27.32 1.12 -30.75
C ASP C 121 26.76 0.55 -29.44
N THR C 122 27.63 0.38 -28.45
CA THR C 122 27.19 -0.13 -27.15
C THR C 122 27.46 0.95 -26.11
N ILE C 123 26.50 1.18 -25.22
CA ILE C 123 26.65 2.26 -24.25
C ILE C 123 26.56 1.72 -22.83
N ARG C 124 27.23 2.43 -21.90
CA ARG C 124 27.14 2.21 -20.46
C ARG C 124 27.04 3.59 -19.83
N THR C 125 26.48 3.69 -18.63
CA THR C 125 26.36 4.98 -17.97
C THR C 125 27.21 5.00 -16.73
N ARG C 126 28.05 6.02 -16.60
CA ARG C 126 28.79 6.25 -15.35
CA ARG C 126 28.80 6.25 -15.36
C ARG C 126 28.02 7.28 -14.55
N VAL C 127 27.77 7.00 -13.26
CA VAL C 127 27.10 7.96 -12.40
C VAL C 127 28.08 8.33 -11.27
N THR C 128 28.37 9.62 -11.14
CA THR C 128 29.32 10.07 -10.13
C THR C 128 28.61 11.05 -9.19
N ILE C 129 28.81 10.88 -7.88
CA ILE C 129 28.30 11.93 -6.99
C ILE C 129 29.21 13.15 -7.12
N ALA C 130 28.70 14.20 -7.75
CA ALA C 130 29.53 15.32 -8.20
C ALA C 130 29.60 16.45 -7.20
N ALA C 131 28.46 16.77 -6.61
CA ALA C 131 28.36 17.90 -5.69
C ALA C 131 27.27 17.65 -4.66
N LYS C 132 27.48 18.18 -3.48
CA LYS C 132 26.47 18.21 -2.45
C LYS C 132 26.38 19.60 -1.89
N GLU C 133 25.18 20.14 -1.80
CA GLU C 133 25.00 21.41 -1.14
C GLU C 133 23.71 21.52 -0.33
N ASP C 134 23.71 22.38 0.68
CA ASP C 134 22.52 22.63 1.48
C ASP C 134 21.43 23.24 0.62
N ASP C 135 20.15 22.92 0.85
CA ASP C 135 19.09 23.62 0.10
C ASP C 135 18.47 24.65 1.02
N PRO C 136 18.59 25.98 0.60
CA PRO C 136 18.08 26.96 1.57
C PRO C 136 16.57 26.92 1.74
N LYS C 137 15.89 26.61 0.64
CA LYS C 137 14.45 26.37 0.64
C LYS C 137 13.99 25.33 1.66
N ARG C 138 14.72 24.22 1.76
CA ARG C 138 14.35 23.10 2.62
C ARG C 138 15.45 22.80 3.65
N PRO C 139 15.25 23.24 4.91
CA PRO C 139 16.26 22.93 5.94
C PRO C 139 16.40 21.43 6.19
N GLY C 140 15.34 20.66 5.96
CA GLY C 140 15.33 19.22 6.23
C GLY C 140 15.89 18.34 5.11
N ALA C 141 16.50 18.98 4.10
CA ALA C 141 17.02 18.27 2.92
C ALA C 141 18.28 18.92 2.36
N GLY C 142 18.92 18.27 1.40
CA GLY C 142 20.06 18.85 0.70
C GLY C 142 19.98 18.50 -0.79
N ARG C 143 20.78 19.20 -1.60
CA ARG C 143 20.82 18.91 -3.03
CA ARG C 143 20.86 18.97 -3.04
C ARG C 143 22.06 18.09 -3.37
N VAL C 144 21.84 17.00 -4.09
CA VAL C 144 22.92 16.14 -4.56
C VAL C 144 22.91 16.18 -6.10
N VAL C 145 24.07 16.41 -6.69
CA VAL C 145 24.20 16.40 -8.16
C VAL C 145 24.83 15.08 -8.51
N GLU C 146 24.15 14.27 -9.31
CA GLU C 146 24.76 13.05 -9.84
C GLU C 146 25.06 13.29 -11.31
N ARG C 147 26.36 13.33 -11.62
CA ARG C 147 26.89 13.47 -12.96
CA ARG C 147 26.78 13.49 -13.00
C ARG C 147 26.66 12.15 -13.72
N CYS C 148 25.88 12.17 -14.80
CA CYS C 148 25.62 10.98 -15.59
C CYS C 148 26.35 11.12 -16.91
N GLU C 149 27.26 10.19 -17.19
CA GLU C 149 28.01 10.23 -18.45
C GLU C 149 27.79 8.90 -19.14
N VAL C 150 27.22 8.96 -20.33
CA VAL C 150 27.03 7.79 -21.15
C VAL C 150 28.26 7.63 -22.03
N ILE C 151 28.86 6.43 -21.98
CA ILE C 151 30.07 6.20 -22.75
CA ILE C 151 30.10 6.14 -22.66
C ILE C 151 29.84 5.07 -23.72
N ASN C 152 30.51 5.17 -24.87
CA ASN C 152 30.36 4.14 -25.91
C ASN C 152 31.45 3.08 -25.81
N GLN C 153 31.47 2.16 -26.78
CA GLN C 153 32.43 1.04 -26.80
C GLN C 153 33.87 1.47 -27.10
N ARG C 154 34.04 2.74 -27.49
CA ARG C 154 35.35 3.35 -27.69
C ARG C 154 35.80 4.14 -26.44
N GLY C 155 35.04 4.05 -25.36
CA GLY C 155 35.38 4.72 -24.11
C GLY C 155 35.28 6.22 -24.27
N GLU C 156 34.45 6.68 -25.19
CA GLU C 156 34.23 8.13 -25.38
C GLU C 156 32.90 8.51 -24.74
N VAL C 157 32.86 9.70 -24.14
CA VAL C 157 31.60 10.20 -23.63
C VAL C 157 30.74 10.64 -24.82
N VAL C 158 29.50 10.14 -24.85
CA VAL C 158 28.57 10.52 -25.95
C VAL C 158 27.44 11.43 -25.47
N LEU C 159 27.15 11.38 -24.16
CA LEU C 159 26.10 12.22 -23.57
C LEU C 159 26.49 12.49 -22.12
N ALA C 160 26.25 13.72 -21.67
CA ALA C 160 26.46 14.03 -20.24
C ALA C 160 25.29 14.84 -19.74
N ALA C 161 24.94 14.65 -18.46
CA ALA C 161 23.90 15.44 -17.81
C ALA C 161 24.11 15.41 -16.31
N ASP C 162 23.71 16.49 -15.65
CA ASP C 162 23.77 16.56 -14.19
C ASP C 162 22.38 16.39 -13.61
N HIS C 163 22.16 15.25 -12.96
CA HIS C 163 20.88 14.92 -12.34
C HIS C 163 20.83 15.55 -10.96
N ILE C 164 19.81 16.37 -10.72
CA ILE C 164 19.65 17.11 -9.48
C ILE C 164 18.64 16.39 -8.61
N LEU C 165 19.10 15.98 -7.43
CA LEU C 165 18.25 15.27 -6.48
C LEU C 165 18.09 16.12 -5.24
N ILE C 166 16.87 16.16 -4.70
CA ILE C 166 16.61 16.83 -3.44
C ILE C 166 16.46 15.68 -2.47
N VAL C 167 17.39 15.57 -1.51
CA VAL C 167 17.47 14.40 -0.67
C VAL C 167 17.25 14.76 0.81
N GLU C 168 16.32 14.05 1.46
CA GLU C 168 16.07 14.25 2.91
C GLU C 168 17.33 14.07 3.74
N ARG C 169 17.43 14.86 4.81
CA ARG C 169 18.50 14.66 5.78
C ARG C 169 18.15 13.50 6.70
N LYS C 170 19.17 12.78 7.16
CA LYS C 170 18.98 11.57 7.98
C LYS C 170 18.13 11.91 9.20
N PRO C 171 17.09 11.11 9.46
CA PRO C 171 16.21 11.36 10.60
C PRO C 171 17.00 11.33 11.91
N GLU C 172 16.73 12.28 12.79
CA GLU C 172 17.33 12.27 14.13
C GLU C 172 16.26 12.00 15.21
N GLY C 173 16.71 11.77 16.44
CA GLY C 173 15.80 11.46 17.54
C GLY C 173 15.57 9.97 17.69
N THR C 174 16.67 9.20 17.70
CA THR C 174 16.58 7.74 17.84
C THR C 174 15.76 7.34 19.07
N ILE C 175 14.94 6.29 18.93
CA ILE C 175 14.19 5.75 20.07
C ILE C 175 15.09 5.50 21.31
N GLN C 176 14.54 5.77 22.48
CA GLN C 176 15.31 5.87 23.74
C GLN C 176 14.47 5.46 24.94
N GLU D 26 -3.34 -13.08 5.53
CA GLU D 26 -4.31 -13.19 4.40
C GLU D 26 -4.31 -14.57 3.76
N GLN D 27 -5.52 -15.11 3.59
CA GLN D 27 -5.77 -16.35 2.87
C GLN D 27 -7.11 -16.21 2.19
N THR D 28 -7.12 -16.08 0.87
CA THR D 28 -8.36 -15.99 0.11
C THR D 28 -9.08 -17.35 0.23
N ILE D 29 -10.31 -17.32 0.74
CA ILE D 29 -11.13 -18.52 0.74
C ILE D 29 -12.42 -18.15 0.00
N TYR D 30 -12.63 -18.80 -1.13
CA TYR D 30 -13.83 -18.55 -1.92
C TYR D 30 -14.99 -19.36 -1.37
N TYR D 31 -16.19 -19.02 -1.83
CA TYR D 31 -17.41 -19.62 -1.33
C TYR D 31 -17.37 -21.14 -1.36
N GLU D 32 -16.94 -21.69 -2.50
CA GLU D 32 -16.97 -23.13 -2.71
C GLU D 32 -16.03 -23.87 -1.78
N ASP D 33 -14.99 -23.18 -1.31
CA ASP D 33 -14.01 -23.80 -0.42
C ASP D 33 -14.41 -23.87 1.05
N TYR D 34 -15.40 -23.06 1.46
CA TYR D 34 -15.97 -23.18 2.81
C TYR D 34 -16.59 -24.56 2.96
N GLU D 35 -16.25 -25.24 4.05
CA GLU D 35 -16.68 -26.60 4.29
C GLU D 35 -17.75 -26.63 5.37
N GLN D 36 -18.99 -26.89 4.96
CA GLN D 36 -20.08 -27.04 5.90
CA GLN D 36 -20.07 -27.00 5.92
C GLN D 36 -19.66 -28.02 6.99
N GLY D 37 -19.82 -27.62 8.24
CA GLY D 37 -19.49 -28.47 9.37
C GLY D 37 -18.09 -28.31 9.92
N HIS D 38 -17.21 -27.58 9.23
CA HIS D 38 -15.87 -27.29 9.76
C HIS D 38 -16.00 -26.50 11.07
N VAL D 39 -15.19 -26.85 12.05
CA VAL D 39 -15.22 -26.23 13.38
C VAL D 39 -13.82 -25.85 13.85
N ARG D 40 -13.69 -24.69 14.50
CA ARG D 40 -12.48 -24.39 15.23
C ARG D 40 -12.85 -23.83 16.59
N LEU D 41 -12.00 -24.08 17.57
CA LEU D 41 -12.22 -23.55 18.91
C LEU D 41 -11.01 -22.70 19.26
N THR D 42 -11.24 -21.47 19.73
CA THR D 42 -10.13 -20.58 20.03
C THR D 42 -9.47 -20.94 21.36
N SER D 43 -8.34 -20.29 21.61
CA SER D 43 -7.72 -20.31 22.92
CA SER D 43 -7.72 -20.32 22.92
C SER D 43 -8.63 -19.60 23.92
N GLY D 44 -8.35 -19.77 25.21
CA GLY D 44 -9.13 -19.15 26.28
C GLY D 44 -8.62 -17.80 26.74
N ARG D 45 -9.55 -16.99 27.23
CA ARG D 45 -9.19 -15.72 27.88
C ARG D 45 -10.04 -15.53 29.11
N THR D 46 -9.38 -15.29 30.25
CA THR D 46 -10.12 -15.04 31.49
C THR D 46 -10.67 -13.60 31.49
N ILE D 47 -11.96 -13.44 31.78
CA ILE D 47 -12.60 -12.13 31.81
C ILE D 47 -12.38 -11.55 33.21
N THR D 48 -11.67 -10.43 33.28
CA THR D 48 -11.22 -9.87 34.53
C THR D 48 -12.03 -8.62 34.90
N GLU D 49 -11.86 -8.15 36.13
CA GLU D 49 -12.52 -6.88 36.51
C GLU D 49 -11.99 -5.74 35.62
N THR D 50 -10.71 -5.81 35.22
CA THR D 50 -10.16 -4.80 34.29
C THR D 50 -10.96 -4.75 33.00
N ASP D 51 -11.31 -5.90 32.46
CA ASP D 51 -12.12 -5.92 31.23
C ASP D 51 -13.47 -5.24 31.44
N PHE D 52 -14.07 -5.40 32.62
CA PHE D 52 -15.36 -4.73 32.89
C PHE D 52 -15.13 -3.21 32.85
N VAL D 53 -14.12 -2.77 33.56
CA VAL D 53 -13.80 -1.34 33.69
C VAL D 53 -13.38 -0.72 32.32
N VAL D 54 -12.54 -1.42 31.58
CA VAL D 54 -12.16 -0.96 30.22
C VAL D 54 -13.41 -0.94 29.30
N HIS D 55 -14.28 -1.96 29.40
CA HIS D 55 -15.45 -1.96 28.50
C HIS D 55 -16.34 -0.77 28.81
N ALA D 56 -16.60 -0.51 30.08
CA ALA D 56 -17.45 0.64 30.44
C ALA D 56 -16.84 1.91 29.89
N GLY D 57 -15.53 2.07 30.11
CA GLY D 57 -14.79 3.28 29.68
C GLY D 57 -14.83 3.45 28.18
N HIS D 58 -14.72 2.33 27.46
CA HIS D 58 -14.68 2.36 26.01
C HIS D 58 -16.05 2.66 25.41
N THR D 59 -17.10 2.14 26.05
CA THR D 59 -18.48 2.21 25.48
C THR D 59 -19.34 3.31 26.03
N GLY D 60 -19.05 3.76 27.25
CA GLY D 60 -19.89 4.68 28.00
C GLY D 60 -20.99 4.04 28.84
N ASP D 61 -21.02 2.70 28.88
CA ASP D 61 -22.06 1.99 29.66
C ASP D 61 -21.56 1.63 31.06
N PHE D 62 -22.00 2.41 32.06
CA PHE D 62 -21.58 2.23 33.45
C PHE D 62 -22.74 1.72 34.31
N PHE D 63 -23.66 0.98 33.69
CA PHE D 63 -24.83 0.50 34.41
C PHE D 63 -24.39 -0.32 35.62
N PRO D 64 -25.13 -0.19 36.74
CA PRO D 64 -24.66 -0.76 37.99
C PRO D 64 -24.62 -2.26 38.01
N HIS D 65 -25.41 -2.95 37.19
CA HIS D 65 -25.33 -4.41 37.04
CA HIS D 65 -25.29 -4.41 37.18
C HIS D 65 -23.89 -4.83 36.69
N HIS D 66 -23.18 -3.94 35.98
CA HIS D 66 -21.80 -4.21 35.59
C HIS D 66 -20.79 -3.58 36.54
N ASP D 68 -21.29 -1.80 39.86
CA ASP D 68 -21.50 -1.51 41.28
C ASP D 68 -21.65 -2.85 42.02
N ALA D 69 -20.59 -3.25 42.73
CA ALA D 69 -20.56 -4.55 43.45
C ALA D 69 -21.63 -4.64 44.55
N GLU D 70 -22.00 -3.51 45.13
CA GLU D 70 -23.07 -3.50 46.14
C GLU D 70 -24.44 -3.75 45.54
N PHE D 71 -24.79 -2.98 44.51
CA PHE D 71 -26.03 -3.20 43.79
C PHE D 71 -26.12 -4.62 43.22
N ALA D 72 -25.00 -5.13 42.73
CA ALA D 72 -25.00 -6.42 42.05
C ALA D 72 -25.34 -7.59 43.00
N LYS D 73 -25.25 -7.33 44.30
CA LYS D 73 -25.71 -8.31 45.31
C LYS D 73 -27.20 -8.62 45.17
N THR D 74 -27.92 -7.73 44.49
CA THR D 74 -29.36 -7.91 44.24
C THR D 74 -29.67 -8.81 43.05
N LEU D 75 -28.64 -9.17 42.29
CA LEU D 75 -28.86 -9.97 41.08
C LEU D 75 -28.86 -11.45 41.47
N PRO D 76 -29.39 -12.35 40.66
N PRO D 76 -29.53 -12.33 40.73
CA PRO D 76 -29.51 -13.73 41.07
CA PRO D 76 -29.39 -13.74 41.03
C PRO D 76 -28.17 -14.31 41.40
C PRO D 76 -27.93 -13.99 40.87
N GLY D 77 -27.13 -13.99 40.67
N GLY D 77 -27.32 -14.69 41.78
CA GLY D 77 -25.81 -14.45 41.01
CA GLY D 77 -25.89 -14.92 41.70
C GLY D 77 -25.11 -13.82 42.18
C GLY D 77 -25.02 -13.79 42.17
N GLY D 78 -25.62 -12.71 42.65
CA GLY D 78 -25.04 -11.82 43.65
C GLY D 78 -23.77 -11.09 43.27
N GLN D 79 -23.38 -11.27 42.06
CA GLN D 79 -22.21 -10.47 41.64
CA GLN D 79 -22.15 -10.60 41.57
C GLN D 79 -22.34 -9.76 40.13
N ARG D 80 -21.48 -8.76 40.02
CA ARG D 80 -21.50 -7.99 38.75
C ARG D 80 -21.49 -8.92 37.53
N ILE D 81 -22.23 -8.55 36.50
CA ILE D 81 -22.25 -9.35 35.27
C ILE D 81 -21.65 -8.55 34.10
N ALA D 82 -20.97 -9.24 33.20
CA ALA D 82 -20.29 -8.55 32.10
C ALA D 82 -21.33 -7.98 31.14
N HIS D 83 -21.01 -6.84 30.52
CA HIS D 83 -21.88 -6.33 29.45
C HIS D 83 -22.01 -7.38 28.34
N GLY D 84 -23.22 -7.56 27.83
CA GLY D 84 -23.45 -8.40 26.62
C GLY D 84 -22.53 -7.97 25.48
N THR D 85 -22.36 -6.67 25.26
CA THR D 85 -21.46 -6.22 24.19
C THR D 85 -19.98 -6.57 24.43
N ILE D 87 -18.91 -9.45 26.06
CA ILE D 87 -18.79 -10.87 25.74
C ILE D 87 -18.83 -11.06 24.22
N PHE D 88 -19.64 -10.27 23.55
CA PHE D 88 -19.68 -10.31 22.08
C PHE D 88 -18.35 -9.87 21.47
N SER D 89 -17.87 -8.69 21.89
CA SER D 89 -16.66 -8.08 21.32
C SER D 89 -15.42 -8.93 21.55
N ILE D 90 -15.26 -9.41 22.79
CA ILE D 90 -14.12 -10.29 23.13
C ILE D 90 -14.29 -11.68 22.51
N GLY D 91 -15.49 -12.24 22.62
CA GLY D 91 -15.82 -13.53 21.97
C GLY D 91 -15.45 -13.56 20.50
N VAL D 92 -15.84 -12.51 19.77
CA VAL D 92 -15.51 -12.39 18.34
C VAL D 92 -14.04 -12.09 18.15
N GLY D 93 -13.50 -11.22 19.00
CA GLY D 93 -12.08 -10.85 18.97
C GLY D 93 -11.17 -12.06 19.06
N LEU D 94 -11.52 -13.02 19.92
CA LEU D 94 -10.78 -14.29 20.03
C LEU D 94 -10.62 -15.04 18.70
N THR D 95 -11.57 -14.87 17.80
CA THR D 95 -11.55 -15.57 16.53
C THR D 95 -10.76 -14.81 15.42
N ALA D 96 -10.25 -13.62 15.76
CA ALA D 96 -9.61 -12.73 14.77
C ALA D 96 -8.15 -13.14 14.45
N SER D 97 -7.96 -14.35 13.94
CA SER D 97 -6.60 -14.86 13.72
C SER D 97 -6.09 -14.80 12.27
N LEU D 98 -7.01 -14.90 11.31
CA LEU D 98 -6.67 -14.70 9.90
C LEU D 98 -7.81 -14.06 9.10
N ILE D 99 -7.45 -13.24 8.12
CA ILE D 99 -8.43 -12.49 7.34
C ILE D 99 -8.61 -13.07 5.93
N ASN D 100 -9.87 -13.10 5.49
CA ASN D 100 -10.24 -13.55 4.16
C ASN D 100 -10.72 -12.36 3.34
N PRO D 101 -9.84 -11.82 2.47
CA PRO D 101 -10.10 -10.63 1.65
C PRO D 101 -11.26 -10.73 0.66
N VAL D 102 -11.83 -11.93 0.49
CA VAL D 102 -12.97 -12.08 -0.42
C VAL D 102 -14.29 -12.45 0.32
N ALA D 103 -14.27 -12.31 1.65
CA ALA D 103 -15.48 -12.44 2.48
C ALA D 103 -15.86 -11.07 3.07
N PHE D 104 -17.10 -10.64 2.86
CA PHE D 104 -17.62 -9.40 3.47
C PHE D 104 -18.44 -9.75 4.72
N SER D 105 -18.19 -9.05 5.82
CA SER D 105 -18.99 -9.22 7.05
C SER D 105 -20.30 -8.42 6.93
N TYR D 106 -21.39 -9.13 6.63
CA TYR D 106 -22.70 -8.53 6.37
C TYR D 106 -23.40 -8.14 7.68
N GLY D 107 -23.29 -8.99 8.69
CA GLY D 107 -23.98 -8.73 9.97
C GLY D 107 -24.04 -10.01 10.77
N TYR D 108 -24.92 -10.01 11.78
CA TYR D 108 -25.11 -11.17 12.64
C TYR D 108 -26.60 -11.38 12.82
N ASP D 109 -27.03 -12.65 12.84
CA ASP D 109 -28.42 -12.97 13.21
C ASP D 109 -28.46 -13.64 14.57
N ARG D 110 -29.57 -13.45 15.28
CA ARG D 110 -29.86 -14.23 16.51
C ARG D 110 -28.71 -14.18 17.53
N LEU D 111 -28.25 -12.97 17.82
CA LEU D 111 -27.30 -12.80 18.93
C LEU D 111 -28.06 -12.98 20.27
N ARG D 112 -27.60 -13.91 21.10
CA ARG D 112 -28.34 -14.22 22.32
C ARG D 112 -27.39 -14.19 23.51
N PHE D 113 -27.83 -13.57 24.60
CA PHE D 113 -27.04 -13.53 25.85
C PHE D 113 -27.59 -14.67 26.69
N VAL D 114 -26.94 -15.82 26.54
CA VAL D 114 -27.46 -17.09 27.01
C VAL D 114 -27.29 -17.25 28.53
N ARG D 115 -26.12 -16.87 29.05
CA ARG D 115 -25.83 -16.93 30.48
C ARG D 115 -24.95 -15.75 30.85
N PRO D 116 -25.07 -15.25 32.09
CA PRO D 116 -24.19 -14.16 32.54
C PRO D 116 -22.75 -14.61 32.65
N VAL D 117 -21.81 -13.67 32.49
CA VAL D 117 -20.39 -14.00 32.66
C VAL D 117 -19.94 -13.16 33.85
N HIS D 118 -19.26 -13.78 34.79
CA HIS D 118 -18.79 -13.10 36.00
C HIS D 118 -17.30 -12.88 35.92
N ILE D 119 -16.81 -11.91 36.69
CA ILE D 119 -15.38 -11.72 36.88
C ILE D 119 -14.71 -13.02 37.25
N GLY D 120 -13.65 -13.36 36.53
CA GLY D 120 -12.93 -14.61 36.79
C GLY D 120 -13.35 -15.81 35.94
N ASP D 121 -14.44 -15.69 35.19
CA ASP D 121 -14.82 -16.74 34.25
C ASP D 121 -13.87 -16.68 33.06
N THR D 122 -13.64 -17.83 32.43
CA THR D 122 -12.74 -17.91 31.28
C THR D 122 -13.57 -18.32 30.07
N ILE D 123 -13.42 -17.61 28.96
CA ILE D 123 -14.21 -17.93 27.74
C ILE D 123 -13.32 -18.39 26.59
N ARG D 124 -13.95 -19.19 25.72
CA ARG D 124 -13.35 -19.64 24.45
C ARG D 124 -14.46 -19.50 23.44
N THR D 125 -14.13 -19.36 22.16
CA THR D 125 -15.19 -19.25 21.14
C THR D 125 -15.10 -20.41 20.15
N ARG D 126 -16.24 -21.07 19.91
CA ARG D 126 -16.38 -22.07 18.85
C ARG D 126 -16.96 -21.42 17.63
N VAL D 127 -16.29 -21.61 16.48
CA VAL D 127 -16.77 -21.08 15.20
C VAL D 127 -17.04 -22.28 14.30
N THR D 128 -18.27 -22.39 13.84
CA THR D 128 -18.68 -23.52 12.99
C THR D 128 -19.20 -23.03 11.65
N ILE D 129 -18.74 -23.61 10.54
CA ILE D 129 -19.38 -23.29 9.27
C ILE D 129 -20.74 -23.99 9.24
N ALA D 130 -21.79 -23.22 9.47
CA ALA D 130 -23.08 -23.83 9.82
C ALA D 130 -23.99 -24.05 8.63
N ALA D 131 -23.92 -23.12 7.66
CA ALA D 131 -24.80 -23.13 6.50
C ALA D 131 -24.17 -22.38 5.33
N LYS D 132 -24.56 -22.77 4.13
CA LYS D 132 -24.09 -22.11 2.93
C LYS D 132 -25.31 -21.98 2.03
N GLU D 133 -25.53 -20.79 1.48
CA GLU D 133 -26.62 -20.63 0.51
C GLU D 133 -26.23 -19.71 -0.65
N ASP D 134 -26.83 -19.93 -1.83
CA ASP D 134 -26.64 -18.96 -2.92
C ASP D 134 -27.14 -17.58 -2.47
N ASP D 135 -26.66 -16.53 -3.13
CA ASP D 135 -27.18 -15.20 -2.86
C ASP D 135 -28.04 -14.77 -4.04
N PRO D 136 -29.31 -14.38 -3.76
CA PRO D 136 -30.27 -14.02 -4.80
C PRO D 136 -29.80 -12.86 -5.67
N LYS D 137 -29.29 -11.81 -5.03
CA LYS D 137 -28.84 -10.60 -5.74
C LYS D 137 -27.47 -10.74 -6.40
N ARG D 138 -26.59 -11.54 -5.79
CA ARG D 138 -25.23 -11.74 -6.31
C ARG D 138 -24.98 -13.16 -6.81
N PRO D 139 -25.01 -13.38 -8.14
CA PRO D 139 -24.61 -14.69 -8.67
C PRO D 139 -23.09 -14.93 -8.53
N GLY D 140 -22.33 -13.86 -8.34
CA GLY D 140 -20.87 -13.95 -8.16
C GLY D 140 -20.42 -14.23 -6.73
N ALA D 141 -21.39 -14.46 -5.83
CA ALA D 141 -21.12 -14.67 -4.39
C ALA D 141 -22.15 -15.58 -3.73
N GLY D 142 -21.76 -16.22 -2.62
CA GLY D 142 -22.71 -16.99 -1.81
C GLY D 142 -22.74 -16.46 -0.37
N ARG D 143 -23.67 -16.95 0.45
CA ARG D 143 -23.75 -16.54 1.85
C ARG D 143 -23.24 -17.70 2.68
N VAL D 144 -22.37 -17.39 3.63
CA VAL D 144 -21.86 -18.39 4.55
C VAL D 144 -22.23 -17.95 5.96
N VAL D 145 -22.84 -18.86 6.72
CA VAL D 145 -23.18 -18.57 8.10
C VAL D 145 -22.16 -19.23 9.01
N GLU D 146 -21.45 -18.41 9.79
CA GLU D 146 -20.48 -18.90 10.76
C GLU D 146 -21.09 -18.82 12.13
N ARG D 147 -21.40 -19.98 12.71
CA ARG D 147 -22.03 -19.99 14.02
C ARG D 147 -20.95 -19.75 15.05
N CYS D 148 -21.16 -18.74 15.92
CA CYS D 148 -20.19 -18.38 16.96
C CYS D 148 -20.80 -18.68 18.32
N GLU D 149 -20.15 -19.54 19.10
CA GLU D 149 -20.67 -19.90 20.41
C GLU D 149 -19.57 -19.67 21.40
N VAL D 150 -19.82 -18.80 22.37
CA VAL D 150 -18.83 -18.50 23.39
C VAL D 150 -19.15 -19.40 24.55
N ILE D 151 -18.15 -20.14 25.03
CA ILE D 151 -18.37 -21.08 26.13
C ILE D 151 -17.49 -20.69 27.32
N ASN D 152 -17.97 -20.97 28.53
CA ASN D 152 -17.21 -20.68 29.74
C ASN D 152 -16.43 -21.94 30.23
N GLN D 153 -15.80 -21.83 31.40
CA GLN D 153 -14.93 -22.86 31.91
C GLN D 153 -15.73 -24.07 32.45
N ARG D 154 -17.04 -23.93 32.50
CA ARG D 154 -17.93 -25.08 32.80
C ARG D 154 -18.51 -25.73 31.53
N GLY D 155 -17.98 -25.32 30.37
CA GLY D 155 -18.42 -25.89 29.09
C GLY D 155 -19.86 -25.50 28.77
N GLU D 156 -20.29 -24.33 29.25
CA GLU D 156 -21.66 -23.83 29.06
C GLU D 156 -21.65 -22.69 28.07
N VAL D 157 -22.61 -22.65 27.16
CA VAL D 157 -22.68 -21.54 26.23
C VAL D 157 -23.12 -20.28 26.98
N VAL D 158 -22.37 -19.18 26.81
CA VAL D 158 -22.78 -17.94 27.46
C VAL D 158 -23.29 -16.93 26.43
N LEU D 159 -22.91 -17.12 25.17
CA LEU D 159 -23.33 -16.21 24.10
C LEU D 159 -23.32 -16.99 22.79
N ALA D 160 -24.31 -16.73 21.93
CA ALA D 160 -24.32 -17.38 20.63
C ALA D 160 -24.77 -16.34 19.62
N ALA D 161 -24.25 -16.43 18.41
CA ALA D 161 -24.66 -15.54 17.30
C ALA D 161 -24.27 -16.16 15.98
N ASP D 162 -25.06 -15.91 14.96
CA ASP D 162 -24.74 -16.43 13.62
C ASP D 162 -24.13 -15.30 12.78
N HIS D 163 -22.85 -15.45 12.44
CA HIS D 163 -22.16 -14.44 11.65
C HIS D 163 -22.44 -14.68 10.16
N ILE D 164 -22.94 -13.66 9.46
CA ILE D 164 -23.26 -13.78 8.04
C ILE D 164 -22.14 -13.17 7.18
N LEU D 165 -21.58 -14.01 6.32
CA LEU D 165 -20.53 -13.56 5.39
C LEU D 165 -21.06 -13.66 3.98
N ILE D 166 -20.69 -12.69 3.17
CA ILE D 166 -20.95 -12.74 1.73
C ILE D 166 -19.61 -13.01 1.10
N VAL D 167 -19.51 -14.16 0.44
CA VAL D 167 -18.21 -14.65 0.03
C VAL D 167 -18.24 -14.81 -1.47
N GLU D 168 -17.30 -14.16 -2.15
CA GLU D 168 -17.21 -14.29 -3.60
C GLU D 168 -16.92 -15.73 -4.01
N ARG D 169 -17.47 -16.11 -5.15
CA ARG D 169 -17.16 -17.40 -5.79
C ARG D 169 -15.81 -17.40 -6.50
N LYS D 170 -15.23 -18.59 -6.61
CA LYS D 170 -13.94 -18.78 -7.22
C LYS D 170 -14.02 -18.33 -8.66
N PRO D 171 -13.03 -17.54 -9.13
CA PRO D 171 -13.06 -17.09 -10.53
C PRO D 171 -12.85 -18.23 -11.54
N GLU D 172 -13.54 -18.12 -12.67
CA GLU D 172 -13.65 -19.16 -13.72
C GLU D 172 -14.48 -20.37 -13.30
N GLU E 26 -2.61 -23.54 19.36
CA GLU E 26 -1.24 -23.77 19.90
C GLU E 26 -0.43 -24.76 19.04
N GLN E 27 0.48 -24.22 18.23
CA GLN E 27 1.27 -25.01 17.27
C GLN E 27 2.69 -25.34 17.75
N THR E 28 2.88 -26.59 18.15
CA THR E 28 4.15 -27.10 18.68
C THR E 28 5.23 -27.25 17.59
N ILE E 29 6.39 -26.63 17.79
CA ILE E 29 7.56 -26.90 16.95
C ILE E 29 8.74 -27.36 17.83
N TYR E 30 9.19 -28.60 17.66
CA TYR E 30 10.34 -29.11 18.42
C TYR E 30 11.65 -28.56 17.86
N TYR E 31 12.71 -28.61 18.69
CA TYR E 31 14.01 -28.06 18.33
C TYR E 31 14.45 -28.41 16.91
N GLU E 32 14.35 -29.70 16.58
CA GLU E 32 14.90 -30.24 15.34
C GLU E 32 14.13 -29.76 14.10
N ASP E 33 12.92 -29.24 14.32
CA ASP E 33 12.09 -28.77 13.21
C ASP E 33 12.27 -27.30 12.86
N TYR E 34 12.99 -26.56 13.72
CA TYR E 34 13.38 -25.19 13.38
C TYR E 34 14.36 -25.22 12.23
N GLU E 35 14.11 -24.36 11.25
CA GLU E 35 14.86 -24.36 10.01
C GLU E 35 15.82 -23.16 10.05
N GLN E 36 17.11 -23.46 10.15
CA GLN E 36 18.14 -22.43 10.07
C GLN E 36 17.85 -21.50 8.89
N GLY E 37 17.76 -20.20 9.14
CA GLY E 37 17.61 -19.22 8.06
C GLY E 37 16.19 -18.90 7.62
N HIS E 38 15.21 -19.62 8.17
CA HIS E 38 13.80 -19.37 7.87
C HIS E 38 13.42 -17.93 8.29
N VAL E 39 12.68 -17.25 7.42
CA VAL E 39 12.24 -15.88 7.69
C VAL E 39 10.72 -15.79 7.69
N ARG E 40 10.17 -15.07 8.67
CA ARG E 40 8.77 -14.71 8.60
C ARG E 40 8.59 -13.23 8.91
N LEU E 41 7.52 -12.66 8.37
CA LEU E 41 7.24 -11.24 8.52
C LEU E 41 5.82 -11.09 9.05
N THR E 42 5.65 -10.25 10.07
CA THR E 42 4.36 -10.07 10.69
C THR E 42 3.56 -9.08 9.87
N SER E 43 2.27 -8.98 10.19
CA SER E 43 1.42 -7.89 9.71
C SER E 43 1.93 -6.57 10.28
N GLY E 44 1.50 -5.46 9.68
CA GLY E 44 1.93 -4.14 10.14
C GLY E 44 1.01 -3.49 11.14
N ARG E 45 1.55 -2.53 11.89
CA ARG E 45 0.77 -1.73 12.84
C ARG E 45 1.32 -0.32 12.85
N THR E 46 0.44 0.66 12.63
CA THR E 46 0.83 2.06 12.69
C THR E 46 1.00 2.48 14.15
N ILE E 47 2.14 3.08 14.47
CA ILE E 47 2.41 3.60 15.81
C ILE E 47 1.74 4.97 15.91
N THR E 48 0.75 5.06 16.79
CA THR E 48 -0.09 6.24 16.88
C THR E 48 0.26 7.03 18.10
N GLU E 49 -0.23 8.26 18.15
CA GLU E 49 -0.09 9.05 19.39
C GLU E 49 -0.72 8.31 20.56
N THR E 50 -1.81 7.58 20.32
CA THR E 50 -2.40 6.76 21.38
C THR E 50 -1.38 5.81 22.00
N ASP E 51 -0.58 5.17 21.15
CA ASP E 51 0.39 4.19 21.65
C ASP E 51 1.42 4.88 22.54
N PHE E 52 1.80 6.12 22.18
CA PHE E 52 2.72 6.88 23.04
C PHE E 52 2.14 7.09 24.43
N VAL E 53 0.90 7.54 24.46
CA VAL E 53 0.21 7.94 25.69
C VAL E 53 -0.07 6.71 26.56
N VAL E 54 -0.54 5.64 25.93
CA VAL E 54 -0.70 4.35 26.63
C VAL E 54 0.64 3.85 27.17
N HIS E 55 1.70 3.91 26.35
CA HIS E 55 2.98 3.41 26.88
C HIS E 55 3.45 4.22 28.09
N ALA E 56 3.35 5.55 28.00
CA ALA E 56 3.73 6.43 29.11
C ALA E 56 2.94 6.04 30.36
N GLY E 57 1.63 5.87 30.19
CA GLY E 57 0.75 5.51 31.29
C GLY E 57 1.02 4.14 31.90
N HIS E 58 1.41 3.20 31.05
CA HIS E 58 1.69 1.82 31.44
C HIS E 58 3.03 1.70 32.17
N THR E 59 4.01 2.50 31.77
CA THR E 59 5.38 2.34 32.32
C THR E 59 5.77 3.40 33.33
N GLY E 60 5.01 4.50 33.39
CA GLY E 60 5.34 5.63 34.27
C GLY E 60 6.32 6.64 33.68
N ASP E 61 6.60 6.55 32.39
CA ASP E 61 7.60 7.45 31.75
C ASP E 61 6.91 8.57 30.96
N PHE E 62 6.67 9.69 31.63
CA PHE E 62 6.07 10.88 30.99
C PHE E 62 7.08 11.98 30.78
N PHE E 63 8.36 11.64 30.69
CA PHE E 63 9.38 12.70 30.53
C PHE E 63 9.14 13.44 29.22
N PRO E 64 9.47 14.74 29.19
CA PRO E 64 8.99 15.59 28.07
C PRO E 64 9.58 15.29 26.70
N HIS E 65 10.74 14.62 26.65
CA HIS E 65 11.21 14.23 25.32
C HIS E 65 10.26 13.24 24.64
N HIS E 66 9.50 12.50 25.43
CA HIS E 66 8.45 11.61 24.91
C HIS E 66 7.08 12.29 24.80
N ASP E 68 6.07 15.86 25.43
CA ASP E 68 5.85 17.32 25.29
C ASP E 68 6.23 17.77 23.89
N ALA E 69 5.22 18.01 23.05
CA ALA E 69 5.46 18.34 21.63
C ALA E 69 6.19 19.68 21.45
N GLU E 70 6.00 20.62 22.38
CA GLU E 70 6.64 21.94 22.28
C GLU E 70 8.13 21.83 22.61
N PHE E 71 8.42 21.20 23.74
CA PHE E 71 9.82 20.95 24.11
C PHE E 71 10.53 20.12 23.02
N ALA E 72 9.84 19.11 22.49
CA ALA E 72 10.43 18.21 21.49
C ALA E 72 10.86 18.95 20.22
N LYS E 73 10.22 20.09 19.91
CA LYS E 73 10.70 20.96 18.82
C LYS E 73 12.17 21.35 18.97
N THR E 74 12.66 21.40 20.21
CA THR E 74 14.06 21.81 20.49
C THR E 74 15.05 20.64 20.42
N LEU E 75 14.52 19.43 20.27
CA LEU E 75 15.35 18.21 20.21
C LEU E 75 15.88 17.96 18.80
N PRO E 76 16.98 17.19 18.67
CA PRO E 76 17.35 16.72 17.33
C PRO E 76 16.16 15.98 16.69
N GLY E 77 15.75 16.41 15.51
CA GLY E 77 14.61 15.75 14.88
C GLY E 77 13.33 16.53 15.05
N GLY E 78 13.24 17.31 16.14
CA GLY E 78 12.13 18.23 16.31
C GLY E 78 10.79 17.59 16.71
N GLN E 79 10.81 16.31 17.09
CA GLN E 79 9.57 15.59 17.37
C GLN E 79 9.71 14.73 18.60
N ARG E 80 8.58 14.40 19.22
CA ARG E 80 8.57 13.47 20.36
C ARG E 80 9.25 12.16 19.99
N ILE E 81 10.08 11.67 20.93
CA ILE E 81 10.90 10.48 20.70
C ILE E 81 10.14 9.26 21.24
N ALA E 82 10.03 8.19 20.44
CA ALA E 82 9.30 6.99 20.90
C ALA E 82 10.07 6.33 22.02
N HIS E 83 9.36 5.82 23.03
CA HIS E 83 10.02 5.00 24.05
C HIS E 83 10.61 3.78 23.36
N GLY E 84 11.88 3.49 23.63
CA GLY E 84 12.51 2.27 23.10
C GLY E 84 11.78 1.02 23.57
N THR E 85 11.29 1.04 24.82
CA THR E 85 10.57 -0.13 25.33
C THR E 85 9.24 -0.33 24.62
N ILE E 87 8.67 0.35 21.32
CA ILE E 87 8.97 -0.26 20.02
C ILE E 87 9.37 -1.73 20.23
N PHE E 88 10.09 -2.00 21.32
CA PHE E 88 10.42 -3.38 21.67
C PHE E 88 9.15 -4.20 21.98
N SER E 89 8.28 -3.68 22.86
CA SER E 89 7.11 -4.45 23.32
C SER E 89 6.10 -4.69 22.19
N ILE E 90 5.82 -3.66 21.42
CA ILE E 90 4.93 -3.82 20.27
C ILE E 90 5.57 -4.69 19.19
N GLY E 91 6.87 -4.48 18.95
CA GLY E 91 7.58 -5.25 17.93
C GLY E 91 7.52 -6.74 18.20
N VAL E 92 7.81 -7.11 19.45
CA VAL E 92 7.69 -8.51 19.91
C VAL E 92 6.22 -8.95 19.88
N GLY E 93 5.33 -8.08 20.33
CA GLY E 93 3.88 -8.39 20.38
C GLY E 93 3.31 -8.77 19.02
N LEU E 94 3.80 -8.10 17.97
CA LEU E 94 3.39 -8.43 16.59
C LEU E 94 3.67 -9.89 16.22
N THR E 95 4.65 -10.48 16.88
CA THR E 95 5.04 -11.85 16.58
C THR E 95 4.23 -12.88 17.35
N ALA E 96 3.37 -12.42 18.23
CA ALA E 96 2.73 -13.32 19.17
C ALA E 96 1.87 -14.41 18.57
N SER E 97 1.35 -14.24 17.37
CA SER E 97 0.40 -15.23 16.86
C SER E 97 1.06 -16.59 16.83
N LEU E 98 2.29 -16.65 16.39
CA LEU E 98 3.04 -17.91 16.40
C LEU E 98 3.35 -18.32 17.83
N ILE E 99 2.47 -19.17 18.39
CA ILE E 99 2.60 -19.68 19.75
C ILE E 99 3.32 -21.01 19.74
N ASN E 100 4.53 -21.01 20.29
CA ASN E 100 5.22 -22.27 20.53
C ASN E 100 5.27 -22.61 22.01
N PRO E 101 4.37 -23.50 22.45
CA PRO E 101 4.26 -23.97 23.83
C PRO E 101 5.45 -24.78 24.34
N VAL E 102 6.25 -25.34 23.42
CA VAL E 102 7.46 -26.07 23.85
C VAL E 102 8.73 -25.20 23.85
N ALA E 103 8.56 -23.89 23.65
CA ALA E 103 9.69 -22.94 23.68
C ALA E 103 9.60 -22.02 24.89
N PHE E 104 10.71 -21.87 25.60
CA PHE E 104 10.79 -21.01 26.77
C PHE E 104 11.62 -19.81 26.37
N SER E 105 11.12 -18.64 26.72
CA SER E 105 11.82 -17.40 26.42
C SER E 105 12.91 -17.16 27.47
N TYR E 106 14.16 -17.36 27.07
CA TYR E 106 15.29 -17.27 27.99
C TYR E 106 15.70 -15.81 28.26
N GLY E 107 15.69 -15.02 27.21
CA GLY E 107 16.09 -13.60 27.31
C GLY E 107 16.35 -13.09 25.92
N TYR E 108 17.06 -11.98 25.83
CA TYR E 108 17.40 -11.37 24.56
C TYR E 108 18.86 -10.90 24.65
N ASP E 109 19.59 -11.04 23.54
CA ASP E 109 20.90 -10.41 23.40
C ASP E 109 20.85 -9.27 22.39
N ARG E 110 21.77 -8.31 22.51
CA ARG E 110 21.97 -7.26 21.50
C ARG E 110 20.67 -6.56 21.12
N LEU E 111 19.94 -6.08 22.14
CA LEU E 111 18.80 -5.23 21.90
C LEU E 111 19.38 -3.88 21.49
N ARG E 112 19.12 -3.46 20.26
CA ARG E 112 19.69 -2.22 19.73
C ARG E 112 18.59 -1.26 19.34
N PHE E 113 18.76 0.00 19.75
CA PHE E 113 17.89 1.09 19.34
C PHE E 113 18.55 1.73 18.14
N VAL E 114 17.91 1.60 16.96
CA VAL E 114 18.64 1.87 15.69
C VAL E 114 18.26 3.19 15.04
N ARG E 115 16.96 3.48 14.93
CA ARG E 115 16.46 4.69 14.28
C ARG E 115 15.30 5.29 15.06
N PRO E 116 14.94 6.56 14.75
CA PRO E 116 13.75 7.17 15.32
C PRO E 116 12.52 6.44 14.83
N VAL E 117 11.47 6.42 15.67
CA VAL E 117 10.12 6.08 15.24
C VAL E 117 9.19 7.26 15.58
N HIS E 118 8.60 7.85 14.55
CA HIS E 118 7.71 9.02 14.69
C HIS E 118 6.27 8.54 14.78
N ILE E 119 5.43 9.32 15.45
CA ILE E 119 3.99 9.10 15.39
C ILE E 119 3.59 9.02 13.91
N GLY E 120 2.82 8.00 13.54
CA GLY E 120 2.37 7.84 12.15
C GLY E 120 3.22 6.86 11.35
N ASP E 121 4.40 6.50 11.86
CA ASP E 121 5.22 5.46 11.21
C ASP E 121 4.54 4.10 11.44
N THR E 122 4.72 3.17 10.49
CA THR E 122 4.09 1.84 10.58
C THR E 122 5.20 0.80 10.67
N ILE E 123 5.07 -0.14 11.60
CA ILE E 123 6.11 -1.16 11.84
C ILE E 123 5.61 -2.58 11.60
N ARG E 124 6.56 -3.42 11.19
CA ARG E 124 6.37 -4.86 11.01
CA ARG E 124 6.37 -4.86 11.03
C ARG E 124 7.60 -5.47 11.65
N THR E 125 7.52 -6.73 12.05
CA THR E 125 8.69 -7.40 12.60
C THR E 125 9.09 -8.57 11.69
N ARG E 126 10.36 -8.59 11.34
CA ARG E 126 10.92 -9.72 10.59
C ARG E 126 11.65 -10.61 11.56
N VAL E 127 11.32 -11.90 11.52
CA VAL E 127 11.89 -12.84 12.47
C VAL E 127 12.66 -13.85 11.65
N THR E 128 13.95 -14.02 11.94
CA THR E 128 14.78 -14.95 11.20
C THR E 128 15.36 -15.96 12.16
N ILE E 129 15.33 -17.24 11.80
CA ILE E 129 16.06 -18.23 12.61
C ILE E 129 17.57 -18.08 12.36
N ALA E 130 18.24 -17.39 13.27
CA ALA E 130 19.62 -16.97 13.05
C ALA E 130 20.61 -18.07 13.44
N ALA E 131 20.31 -18.79 14.52
CA ALA E 131 21.22 -19.83 15.03
C ALA E 131 20.46 -20.94 15.72
N LYS E 132 20.99 -22.15 15.63
CA LYS E 132 20.57 -23.24 16.51
C LYS E 132 21.81 -23.85 17.10
N GLU E 133 21.79 -24.13 18.40
CA GLU E 133 22.89 -24.86 19.01
C GLU E 133 22.43 -25.76 20.16
N ASP E 134 23.20 -26.81 20.40
CA ASP E 134 22.99 -27.64 21.57
C ASP E 134 23.17 -26.79 22.82
N ASP E 135 22.42 -27.11 23.87
CA ASP E 135 22.62 -26.49 25.17
C ASP E 135 23.12 -27.62 26.07
N PRO E 136 24.37 -27.52 26.55
CA PRO E 136 25.00 -28.55 27.39
C PRO E 136 24.30 -28.73 28.75
N LYS E 137 23.73 -27.66 29.27
CA LYS E 137 22.98 -27.69 30.52
C LYS E 137 21.58 -28.33 30.38
N ARG E 138 21.14 -28.55 29.14
CA ARG E 138 19.77 -28.98 28.88
C ARG E 138 19.70 -29.97 27.74
N PRO E 139 19.99 -31.26 28.02
CA PRO E 139 20.08 -32.32 27.01
C PRO E 139 18.79 -32.56 26.24
N GLY E 140 17.64 -32.39 26.92
CA GLY E 140 16.34 -32.57 26.28
C GLY E 140 15.81 -31.34 25.56
N ALA E 141 16.68 -30.35 25.38
CA ALA E 141 16.32 -29.07 24.75
C ALA E 141 17.44 -28.58 23.84
N GLY E 142 17.12 -27.60 22.99
CA GLY E 142 18.13 -26.91 22.20
C GLY E 142 17.91 -25.41 22.29
N ARG E 143 18.93 -24.64 21.92
CA ARG E 143 18.86 -23.18 21.95
C ARG E 143 18.58 -22.68 20.53
N VAL E 144 17.55 -21.85 20.36
CA VAL E 144 17.27 -21.25 19.06
C VAL E 144 17.36 -19.75 19.25
N VAL E 145 18.10 -19.07 18.37
CA VAL E 145 18.16 -17.62 18.37
C VAL E 145 17.29 -17.09 17.24
N GLU E 146 16.24 -16.36 17.60
CA GLU E 146 15.40 -15.73 16.59
C GLU E 146 15.76 -14.25 16.55
N ARG E 147 16.40 -13.84 15.46
CA ARG E 147 16.71 -12.45 15.26
C ARG E 147 15.42 -11.69 14.91
N CYS E 148 15.09 -10.67 15.71
CA CYS E 148 13.91 -9.90 15.46
C CYS E 148 14.32 -8.52 14.99
N GLU E 149 13.83 -8.12 13.83
CA GLU E 149 14.12 -6.81 13.32
C GLU E 149 12.82 -6.07 13.08
N VAL E 150 12.65 -4.96 13.78
CA VAL E 150 11.47 -4.15 13.60
C VAL E 150 11.75 -3.17 12.48
N ILE E 151 10.91 -3.17 11.45
CA ILE E 151 11.16 -2.36 10.28
C ILE E 151 10.01 -1.36 10.07
N ASN E 152 10.34 -0.17 9.58
CA ASN E 152 9.31 0.85 9.36
C ASN E 152 8.79 0.78 7.92
N GLN E 153 7.99 1.78 7.54
CA GLN E 153 7.28 1.71 6.28
C GLN E 153 8.23 1.93 5.11
N ARG E 154 9.46 2.38 5.38
CA ARG E 154 10.51 2.53 4.34
C ARG E 154 11.42 1.32 4.29
N GLY E 155 11.09 0.31 5.09
CA GLY E 155 11.87 -0.91 5.18
C GLY E 155 13.15 -0.79 6.00
N GLU E 156 13.29 0.30 6.75
CA GLU E 156 14.48 0.54 7.57
C GLU E 156 14.36 -0.16 8.94
N VAL E 157 15.44 -0.77 9.41
CA VAL E 157 15.44 -1.40 10.75
C VAL E 157 15.48 -0.30 11.81
N VAL E 158 14.49 -0.30 12.72
CA VAL E 158 14.45 0.72 13.76
C VAL E 158 14.90 0.17 15.12
N LEU E 159 14.81 -1.15 15.26
CA LEU E 159 15.16 -1.84 16.49
C LEU E 159 15.47 -3.28 16.10
N ALA E 160 16.48 -3.86 16.74
CA ALA E 160 16.80 -5.27 16.50
C ALA E 160 17.10 -5.93 17.84
N ALA E 161 16.81 -7.23 17.95
CA ALA E 161 17.17 -7.96 19.16
C ALA E 161 17.24 -9.44 18.83
N ASP E 162 18.11 -10.16 19.53
CA ASP E 162 18.22 -11.60 19.34
C ASP E 162 17.49 -12.29 20.48
N HIS E 163 16.34 -12.87 20.15
CA HIS E 163 15.53 -13.60 21.13
C HIS E 163 16.07 -15.00 21.34
N ILE E 164 16.35 -15.36 22.59
CA ILE E 164 16.96 -16.65 22.88
C ILE E 164 15.85 -17.55 23.41
N LEU E 165 15.60 -18.63 22.68
CA LEU E 165 14.59 -19.61 23.03
C LEU E 165 15.26 -20.89 23.44
N ILE E 166 14.73 -21.50 24.50
CA ILE E 166 15.10 -22.85 24.87
C ILE E 166 13.92 -23.72 24.44
N VAL E 167 14.18 -24.60 23.47
CA VAL E 167 13.13 -25.32 22.77
C VAL E 167 13.31 -26.81 23.02
N GLU E 168 12.24 -27.45 23.51
CA GLU E 168 12.28 -28.89 23.79
C GLU E 168 12.60 -29.68 22.51
N ARG E 169 13.37 -30.74 22.66
CA ARG E 169 13.56 -31.67 21.55
C ARG E 169 12.36 -32.59 21.54
N LYS E 170 12.05 -33.19 20.39
CA LYS E 170 11.00 -34.21 20.34
C LYS E 170 11.43 -35.40 21.21
N PRO E 171 10.48 -36.03 21.93
CA PRO E 171 10.82 -37.09 22.89
C PRO E 171 11.89 -38.06 22.38
N GLU E 172 12.86 -38.38 23.24
CA GLU E 172 13.91 -39.33 22.87
C GLU E 172 13.23 -40.67 22.54
N GLY E 173 13.44 -41.13 21.32
CA GLY E 173 12.85 -42.40 20.88
C GLY E 173 13.69 -43.56 21.37
N THR E 174 13.06 -44.71 21.56
CA THR E 174 13.79 -45.94 21.84
C THR E 174 13.94 -46.66 20.50
N ILE E 175 15.16 -46.63 19.97
CA ILE E 175 15.45 -47.19 18.67
C ILE E 175 15.74 -48.68 18.80
N GLN E 176 14.83 -49.50 18.28
CA GLN E 176 14.96 -50.96 18.35
C GLN E 176 16.14 -51.46 17.55
N GLU F 26 -30.24 15.20 27.37
CA GLU F 26 -30.29 16.68 27.29
C GLU F 26 -31.54 17.26 27.96
N GLN F 27 -31.33 18.20 28.89
CA GLN F 27 -32.44 18.91 29.51
C GLN F 27 -32.04 20.33 29.91
N THR F 28 -32.71 21.30 29.30
CA THR F 28 -32.46 22.71 29.57
C THR F 28 -33.15 23.14 30.87
N ILE F 29 -32.36 23.64 31.82
CA ILE F 29 -32.88 24.18 33.07
C ILE F 29 -32.37 25.60 33.26
N TYR F 30 -33.27 26.56 33.21
CA TYR F 30 -32.90 27.96 33.39
C TYR F 30 -32.75 28.32 34.87
N TYR F 31 -32.15 29.49 35.14
CA TYR F 31 -31.90 29.93 36.53
C TYR F 31 -33.11 29.78 37.47
N GLU F 32 -34.25 30.38 37.08
CA GLU F 32 -35.47 30.32 37.85
C GLU F 32 -35.97 28.89 38.13
N ASP F 33 -35.66 27.96 37.22
CA ASP F 33 -36.11 26.57 37.33
C ASP F 33 -35.39 25.74 38.40
N TYR F 34 -34.18 26.15 38.79
CA TYR F 34 -33.46 25.47 39.88
C TYR F 34 -34.18 25.67 41.22
N GLU F 35 -34.40 24.58 41.96
CA GLU F 35 -35.08 24.64 43.24
C GLU F 35 -34.09 24.50 44.40
N GLN F 36 -33.93 25.57 45.17
CA GLN F 36 -33.20 25.52 46.43
C GLN F 36 -33.60 24.29 47.25
N GLY F 37 -32.62 23.45 47.56
CA GLY F 37 -32.85 22.29 48.43
C GLY F 37 -33.11 20.99 47.69
N HIS F 38 -33.32 21.04 46.37
CA HIS F 38 -33.51 19.85 45.55
C HIS F 38 -32.30 18.92 45.61
N VAL F 39 -32.58 17.62 45.76
CA VAL F 39 -31.55 16.60 45.95
C VAL F 39 -31.70 15.47 44.93
N ARG F 40 -30.57 15.04 44.35
CA ARG F 40 -30.55 13.83 43.57
C ARG F 40 -29.32 13.00 43.92
N LEU F 41 -29.40 11.70 43.66
CA LEU F 41 -28.28 10.78 43.91
C LEU F 41 -27.99 10.10 42.59
N THR F 42 -26.71 9.92 42.29
CA THR F 42 -26.34 9.25 41.08
C THR F 42 -26.38 7.75 41.28
N SER F 43 -26.19 7.04 40.18
CA SER F 43 -25.90 5.62 40.23
C SER F 43 -24.53 5.44 40.93
N GLY F 44 -24.24 4.21 41.35
CA GLY F 44 -23.02 3.90 42.08
C GLY F 44 -21.95 3.24 41.21
N ARG F 45 -20.72 3.29 41.69
CA ARG F 45 -19.61 2.69 40.97
C ARG F 45 -18.58 2.21 41.97
N THR F 46 -18.20 0.94 41.85
CA THR F 46 -17.19 0.39 42.76
C THR F 46 -15.82 0.83 42.26
N ILE F 47 -15.00 1.38 43.16
CA ILE F 47 -13.65 1.85 42.85
C ILE F 47 -12.73 0.63 42.91
N THR F 48 -12.17 0.25 41.75
CA THR F 48 -11.40 -0.99 41.63
C THR F 48 -9.92 -0.70 41.55
N GLU F 49 -9.12 -1.76 41.67
CA GLU F 49 -7.69 -1.62 41.51
C GLU F 49 -7.42 -1.08 40.11
N THR F 50 -8.25 -1.46 39.13
CA THR F 50 -8.07 -0.98 37.75
C THR F 50 -8.17 0.52 37.73
N ASP F 51 -9.13 1.07 38.48
CA ASP F 51 -9.26 2.55 38.54
C ASP F 51 -8.02 3.23 39.10
N PHE F 52 -7.36 2.60 40.09
CA PHE F 52 -6.13 3.17 40.64
C PHE F 52 -5.03 3.18 39.58
N VAL F 53 -4.90 2.06 38.88
CA VAL F 53 -3.85 1.89 37.85
C VAL F 53 -4.08 2.84 36.66
N VAL F 54 -5.33 2.91 36.22
CA VAL F 54 -5.70 3.85 35.12
C VAL F 54 -5.48 5.29 35.58
N HIS F 55 -5.78 5.58 36.84
CA HIS F 55 -5.60 6.97 37.30
C HIS F 55 -4.14 7.38 37.30
N ALA F 56 -3.28 6.50 37.81
CA ALA F 56 -1.83 6.74 37.77
C ALA F 56 -1.34 6.91 36.32
N GLY F 57 -1.81 6.05 35.42
CA GLY F 57 -1.37 6.07 34.02
C GLY F 57 -1.86 7.33 33.33
N HIS F 58 -2.98 7.86 33.80
CA HIS F 58 -3.58 9.03 33.15
C HIS F 58 -2.92 10.31 33.66
N THR F 59 -2.62 10.34 34.95
CA THR F 59 -2.11 11.58 35.61
C THR F 59 -0.59 11.63 35.72
N GLY F 60 0.04 10.47 35.59
CA GLY F 60 1.49 10.38 35.81
C GLY F 60 1.91 10.27 37.27
N ASP F 61 0.96 10.10 38.18
CA ASP F 61 1.26 10.03 39.63
C ASP F 61 1.27 8.55 40.06
N PHE F 62 2.47 7.99 40.23
CA PHE F 62 2.62 6.59 40.64
C PHE F 62 3.15 6.50 42.06
N PHE F 63 2.78 7.46 42.89
CA PHE F 63 3.39 7.43 44.21
C PHE F 63 2.95 6.20 45.03
N PRO F 64 3.88 5.63 45.81
CA PRO F 64 3.66 4.32 46.46
C PRO F 64 2.44 4.21 47.37
N HIS F 65 2.00 5.32 47.97
CA HIS F 65 0.76 5.30 48.76
C HIS F 65 -0.42 4.80 47.91
N HIS F 66 -0.38 5.09 46.61
CA HIS F 66 -1.44 4.64 45.72
C HIS F 66 -1.12 3.29 45.05
N ASP F 68 1.79 0.89 45.60
CA ASP F 68 2.68 -0.15 46.15
C ASP F 68 2.00 -0.79 47.36
N ALA F 69 1.45 -1.99 47.16
CA ALA F 69 0.67 -2.67 48.20
C ALA F 69 1.53 -3.02 49.41
N GLU F 70 2.83 -3.28 49.18
CA GLU F 70 3.74 -3.62 50.29
C GLU F 70 4.04 -2.41 51.16
N PHE F 71 4.46 -1.32 50.54
CA PHE F 71 4.67 -0.05 51.24
C PHE F 71 3.42 0.38 52.01
N ALA F 72 2.24 0.20 51.39
CA ALA F 72 1.00 0.70 51.96
C ALA F 72 0.64 0.00 53.28
N LYS F 73 1.19 -1.20 53.49
CA LYS F 73 1.01 -1.91 54.78
C LYS F 73 1.56 -1.11 55.96
N THR F 74 2.52 -0.23 55.70
CA THR F 74 3.18 0.57 56.73
C THR F 74 2.45 1.88 57.03
N LEU F 75 1.46 2.21 56.21
CA LEU F 75 0.65 3.40 56.41
C LEU F 75 -0.42 3.15 57.47
N PRO F 76 -0.99 4.19 58.00
N PRO F 76 -0.91 4.17 58.12
CA PRO F 76 -1.87 4.04 59.13
CA PRO F 76 -2.09 4.00 58.94
C PRO F 76 -3.02 3.13 58.83
C PRO F 76 -3.17 3.49 58.02
N GLY F 77 -3.67 3.24 57.69
N GLY F 77 -3.88 2.49 58.43
CA GLY F 77 -4.72 2.28 57.36
CA GLY F 77 -4.90 1.89 57.61
C GLY F 77 -4.34 0.86 56.96
C GLY F 77 -4.40 0.78 56.73
N GLY F 78 -3.09 0.67 56.65
CA GLY F 78 -2.53 -0.57 56.09
C GLY F 78 -2.81 -0.86 54.61
N GLN F 79 -3.39 0.08 53.87
CA GLN F 79 -3.71 -0.25 52.45
C GLN F 79 -3.59 0.95 51.53
N ARG F 80 -3.56 0.68 50.23
CA ARG F 80 -3.43 1.74 49.24
C ARG F 80 -4.65 2.67 49.33
N ILE F 81 -4.41 3.96 49.16
CA ILE F 81 -5.48 4.94 49.20
C ILE F 81 -5.61 5.63 47.83
N ALA F 82 -6.86 5.93 47.44
CA ALA F 82 -7.10 6.53 46.14
C ALA F 82 -6.55 7.95 46.07
N HIS F 83 -6.00 8.33 44.91
CA HIS F 83 -5.66 9.73 44.64
C HIS F 83 -6.89 10.61 44.90
N GLY F 84 -6.72 11.72 45.62
CA GLY F 84 -7.78 12.74 45.74
C GLY F 84 -8.38 13.17 44.39
N THR F 85 -7.54 13.34 43.39
CA THR F 85 -8.03 13.78 42.10
C THR F 85 -8.88 12.69 41.43
N ILE F 87 -10.96 10.57 43.13
CA ILE F 87 -12.27 10.57 43.78
C ILE F 87 -13.05 11.80 43.32
N PHE F 88 -12.36 12.91 43.13
CA PHE F 88 -12.99 14.10 42.56
C PHE F 88 -13.47 13.84 41.10
N SER F 89 -12.55 13.35 40.26
CA SER F 89 -12.89 13.19 38.83
C SER F 89 -14.01 12.18 38.63
N ILE F 90 -13.92 11.04 39.33
CA ILE F 90 -14.98 10.03 39.21
C ILE F 90 -16.28 10.51 39.88
N GLY F 91 -16.14 11.17 41.04
CA GLY F 91 -17.32 11.61 41.82
C GLY F 91 -18.12 12.62 41.02
N VAL F 92 -17.42 13.54 40.36
CA VAL F 92 -18.07 14.50 39.46
C VAL F 92 -18.55 13.84 38.17
N GLY F 93 -17.75 12.89 37.66
CA GLY F 93 -18.13 12.21 36.42
C GLY F 93 -19.47 11.47 36.52
N LEU F 94 -19.73 10.88 37.68
CA LEU F 94 -21.00 10.20 37.95
C LEU F 94 -22.18 11.13 37.77
N THR F 95 -21.96 12.43 37.94
CA THR F 95 -23.06 13.41 37.79
C THR F 95 -23.31 13.81 36.32
N ALA F 96 -22.45 13.38 35.41
CA ALA F 96 -22.50 13.86 34.02
C ALA F 96 -23.43 13.00 33.16
N SER F 97 -24.72 12.94 33.52
CA SER F 97 -25.69 12.09 32.80
C SER F 97 -26.63 12.87 31.89
N LEU F 98 -26.82 14.15 32.20
CA LEU F 98 -27.78 14.97 31.45
C LEU F 98 -27.26 16.39 31.26
N ILE F 99 -26.96 16.75 30.01
CA ILE F 99 -26.44 18.09 29.73
C ILE F 99 -27.51 19.15 29.98
N ASN F 100 -27.13 20.18 30.72
CA ASN F 100 -27.84 21.45 30.69
C ASN F 100 -26.96 22.41 29.88
N PRO F 101 -27.39 22.74 28.63
CA PRO F 101 -26.59 23.62 27.79
C PRO F 101 -26.56 25.06 28.32
N VAL F 102 -27.57 25.41 29.10
CA VAL F 102 -27.83 26.77 29.55
C VAL F 102 -27.01 27.14 30.81
N ALA F 103 -26.28 26.17 31.36
CA ALA F 103 -25.45 26.38 32.55
C ALA F 103 -23.98 26.32 32.19
N PHE F 104 -23.19 27.26 32.71
CA PHE F 104 -21.74 27.27 32.51
C PHE F 104 -21.00 26.82 33.78
N SER F 105 -19.98 25.99 33.63
CA SER F 105 -19.17 25.51 34.76
C SER F 105 -18.04 26.49 35.13
N TYR F 106 -18.28 27.35 36.12
CA TYR F 106 -17.32 28.39 36.48
C TYR F 106 -16.13 27.86 37.29
N GLY F 107 -16.41 26.96 38.24
CA GLY F 107 -15.37 26.34 39.04
C GLY F 107 -15.99 25.61 40.21
N TYR F 108 -15.18 25.39 41.25
CA TYR F 108 -15.64 24.75 42.47
C TYR F 108 -15.08 25.51 43.66
N ASP F 109 -15.89 25.64 44.71
CA ASP F 109 -15.37 26.11 46.00
C ASP F 109 -15.35 24.96 46.96
N ARG F 110 -14.52 25.09 47.99
CA ARG F 110 -14.57 24.18 49.15
C ARG F 110 -14.52 22.70 48.75
N LEU F 111 -13.52 22.35 47.95
CA LEU F 111 -13.23 20.95 47.66
C LEU F 111 -12.54 20.40 48.91
N ARG F 112 -13.16 19.41 49.53
CA ARG F 112 -12.60 18.83 50.76
C ARG F 112 -12.46 17.33 50.62
N PHE F 113 -11.32 16.83 51.03
CA PHE F 113 -11.06 15.39 51.05
C PHE F 113 -11.38 14.89 52.46
N VAL F 114 -12.58 14.32 52.61
CA VAL F 114 -13.18 14.08 53.95
C VAL F 114 -12.70 12.74 54.53
N ARG F 115 -12.73 11.69 53.71
CA ARG F 115 -12.32 10.35 54.15
C ARG F 115 -11.58 9.63 53.04
N PRO F 116 -10.63 8.77 53.42
CA PRO F 116 -9.95 8.02 52.34
C PRO F 116 -10.87 7.02 51.61
N VAL F 117 -10.57 6.76 50.34
CA VAL F 117 -11.29 5.77 49.55
C VAL F 117 -10.35 4.62 49.23
N HIS F 118 -10.81 3.39 49.45
CA HIS F 118 -9.97 2.22 49.26
C HIS F 118 -10.49 1.37 48.13
N ILE F 119 -9.62 0.53 47.59
CA ILE F 119 -10.05 -0.47 46.60
C ILE F 119 -11.23 -1.27 47.15
N GLY F 120 -12.25 -1.42 46.31
CA GLY F 120 -13.47 -2.13 46.71
C GLY F 120 -14.57 -1.30 47.33
N ASP F 121 -14.27 -0.03 47.68
CA ASP F 121 -15.31 0.90 48.14
C ASP F 121 -16.18 1.26 46.93
N THR F 122 -17.46 1.50 47.17
CA THR F 122 -18.41 1.86 46.10
C THR F 122 -18.90 3.24 46.43
N ILE F 123 -18.85 4.14 45.45
CA ILE F 123 -19.29 5.52 45.65
C ILE F 123 -20.48 5.90 44.76
N ARG F 124 -21.30 6.68 45.31
CA ARG F 124 -22.22 7.48 44.48
CA ARG F 124 -22.34 7.54 44.56
C ARG F 124 -22.28 9.10 44.99
N THR F 125 -22.78 9.88 44.09
CA THR F 125 -22.71 11.29 44.39
C THR F 125 -24.08 11.90 44.67
N ARG F 126 -24.17 12.61 45.80
CA ARG F 126 -25.37 13.36 46.10
C ARG F 126 -25.16 14.79 45.66
N VAL F 127 -26.10 15.30 44.88
CA VAL F 127 -26.05 16.66 44.35
C VAL F 127 -27.21 17.43 44.91
N THR F 128 -26.91 18.49 45.65
CA THR F 128 -27.95 19.35 46.26
C THR F 128 -27.83 20.76 45.72
N ILE F 129 -28.96 21.36 45.32
CA ILE F 129 -28.98 22.79 44.96
C ILE F 129 -28.85 23.56 46.28
N ALA F 130 -27.68 24.13 46.52
CA ALA F 130 -27.33 24.69 47.82
C ALA F 130 -27.70 26.18 47.95
N ALA F 131 -27.48 26.94 46.89
CA ALA F 131 -27.69 28.40 46.89
C ALA F 131 -27.99 28.95 45.50
N LYS F 132 -28.73 30.05 45.46
CA LYS F 132 -29.01 30.78 44.22
C LYS F 132 -28.79 32.25 44.50
N GLU F 133 -28.16 32.96 43.58
CA GLU F 133 -28.03 34.41 43.70
C GLU F 133 -27.84 35.10 42.36
N ASP F 134 -28.28 36.36 42.28
CA ASP F 134 -28.03 37.23 41.11
C ASP F 134 -26.54 37.33 40.82
N ASP F 135 -26.15 37.10 39.57
CA ASP F 135 -24.76 37.25 39.15
C ASP F 135 -24.39 38.73 39.18
N PRO F 136 -23.27 39.09 39.85
CA PRO F 136 -22.89 40.50 40.05
C PRO F 136 -22.78 41.29 38.74
N LYS F 137 -22.28 40.64 37.69
CA LYS F 137 -21.98 41.30 36.42
C LYS F 137 -22.85 40.85 35.24
N ARG F 138 -23.54 39.72 35.37
CA ARG F 138 -24.40 39.22 34.30
C ARG F 138 -25.86 39.50 34.62
N PRO F 139 -26.47 40.50 33.94
CA PRO F 139 -27.90 40.75 34.16
C PRO F 139 -28.76 39.56 33.72
N GLY F 140 -28.38 38.92 32.62
CA GLY F 140 -29.16 37.82 32.06
C GLY F 140 -28.87 36.42 32.62
N ALA F 141 -28.00 36.34 33.63
CA ALA F 141 -27.72 35.06 34.28
C ALA F 141 -27.84 35.12 35.80
N GLY F 142 -27.80 33.96 36.44
CA GLY F 142 -27.76 33.86 37.89
C GLY F 142 -26.73 32.83 38.30
N ARG F 143 -26.47 32.74 39.59
CA ARG F 143 -25.45 31.85 40.11
C ARG F 143 -26.10 30.72 40.93
N VAL F 144 -25.75 29.48 40.60
CA VAL F 144 -26.28 28.33 41.34
C VAL F 144 -25.12 27.51 41.90
N VAL F 145 -25.20 27.19 43.18
CA VAL F 145 -24.20 26.32 43.81
C VAL F 145 -24.79 24.93 43.97
N GLU F 146 -24.16 23.94 43.35
CA GLU F 146 -24.58 22.54 43.51
C GLU F 146 -23.57 21.85 44.38
N ARG F 147 -23.99 21.48 45.59
CA ARG F 147 -23.08 20.81 46.51
C ARG F 147 -23.04 19.36 46.07
N CYS F 148 -21.83 18.86 45.78
CA CYS F 148 -21.66 17.47 45.42
C CYS F 148 -21.01 16.79 46.61
N GLU F 149 -21.64 15.73 47.09
CA GLU F 149 -21.06 14.94 48.14
C GLU F 149 -20.89 13.54 47.61
N VAL F 150 -19.64 13.11 47.58
CA VAL F 150 -19.36 11.74 47.15
C VAL F 150 -19.49 10.88 48.40
N ILE F 151 -20.29 9.82 48.30
CA ILE F 151 -20.68 9.02 49.45
C ILE F 151 -20.27 7.57 49.25
N ASN F 152 -19.70 6.93 50.27
CA ASN F 152 -19.32 5.52 50.14
C ASN F 152 -20.44 4.55 50.54
N GLN F 153 -20.09 3.26 50.60
CA GLN F 153 -21.11 2.20 50.79
C GLN F 153 -21.67 2.18 52.22
N ARG F 154 -20.98 2.87 53.13
CA ARG F 154 -21.48 3.07 54.50
C ARG F 154 -22.27 4.35 54.63
N GLY F 155 -22.52 5.02 53.52
CA GLY F 155 -23.24 6.29 53.54
C GLY F 155 -22.45 7.49 54.05
N GLU F 156 -21.14 7.30 54.23
CA GLU F 156 -20.24 8.38 54.71
C GLU F 156 -19.78 9.29 53.56
N VAL F 157 -19.74 10.59 53.80
CA VAL F 157 -19.19 11.53 52.81
C VAL F 157 -17.67 11.35 52.79
N VAL F 158 -17.12 11.10 51.60
CA VAL F 158 -15.67 10.94 51.48
C VAL F 158 -15.06 12.17 50.79
N LEU F 159 -15.88 12.92 50.05
CA LEU F 159 -15.38 14.11 49.33
C LEU F 159 -16.56 15.05 49.16
N ALA F 160 -16.33 16.34 49.39
CA ALA F 160 -17.38 17.32 49.09
C ALA F 160 -16.81 18.43 48.24
N ALA F 161 -17.64 19.00 47.38
CA ALA F 161 -17.22 20.17 46.58
C ALA F 161 -18.46 20.94 46.18
N ASP F 162 -18.34 22.27 46.15
CA ASP F 162 -19.43 23.12 45.70
C ASP F 162 -19.21 23.53 44.26
N HIS F 163 -20.02 22.96 43.37
CA HIS F 163 -19.91 23.27 41.98
C HIS F 163 -20.58 24.61 41.70
N ILE F 164 -19.82 25.56 41.14
CA ILE F 164 -20.36 26.92 40.89
C ILE F 164 -20.82 26.99 39.43
N LEU F 165 -22.12 27.22 39.24
CA LEU F 165 -22.73 27.30 37.91
C LEU F 165 -23.18 28.72 37.58
N ILE F 166 -22.87 29.19 36.38
CA ILE F 166 -23.49 30.44 35.92
C ILE F 166 -24.59 30.01 34.95
N VAL F 167 -25.83 30.34 35.30
CA VAL F 167 -26.98 29.80 34.57
C VAL F 167 -27.78 30.93 33.93
N GLU F 168 -28.07 30.78 32.64
CA GLU F 168 -28.91 31.74 31.92
C GLU F 168 -30.31 31.87 32.55
N ARG F 169 -30.82 33.10 32.58
CA ARG F 169 -32.20 33.36 32.95
C ARG F 169 -33.12 32.98 31.79
N LYS F 170 -34.32 32.53 32.12
CA LYS F 170 -35.30 31.99 31.16
C LYS F 170 -35.51 32.90 29.93
N GLU G 26 -2.77 22.87 -37.53
CA GLU G 26 -4.11 23.13 -38.12
C GLU G 26 -3.99 24.00 -39.37
N GLN G 27 -3.17 23.55 -40.31
CA GLN G 27 -2.97 24.27 -41.57
C GLN G 27 -4.14 23.99 -42.51
N THR G 28 -5.15 24.85 -42.41
CA THR G 28 -6.41 24.69 -43.14
C THR G 28 -6.23 25.09 -44.60
N ILE G 29 -6.73 24.24 -45.50
CA ILE G 29 -6.80 24.58 -46.92
C ILE G 29 -8.20 24.23 -47.43
N TYR G 30 -8.95 25.25 -47.83
CA TYR G 30 -10.27 25.06 -48.41
C TYR G 30 -10.19 24.53 -49.82
N TYR G 31 -11.31 24.03 -50.34
CA TYR G 31 -11.36 23.44 -51.68
C TYR G 31 -10.69 24.29 -52.76
N GLU G 32 -10.99 25.60 -52.76
CA GLU G 32 -10.49 26.52 -53.79
C GLU G 32 -8.98 26.77 -53.72
N ASP G 33 -8.40 26.58 -52.52
CA ASP G 33 -6.96 26.80 -52.34
C ASP G 33 -6.10 25.69 -52.95
N TYR G 34 -6.64 24.47 -53.00
CA TYR G 34 -5.94 23.35 -53.62
C TYR G 34 -5.57 23.64 -55.07
N GLU G 35 -4.29 23.48 -55.39
CA GLU G 35 -3.78 23.76 -56.73
C GLU G 35 -3.71 22.50 -57.57
N GLN G 36 -4.58 22.40 -58.57
CA GLN G 36 -4.43 21.37 -59.59
C GLN G 36 -2.95 21.24 -59.99
N GLY G 37 -2.39 20.06 -59.79
CA GLY G 37 -1.03 19.77 -60.23
C GLY G 37 0.11 20.09 -59.27
N HIS G 38 -0.22 20.66 -58.10
CA HIS G 38 0.77 20.95 -57.06
C HIS G 38 1.39 19.65 -56.54
N VAL G 39 2.70 19.67 -56.32
CA VAL G 39 3.44 18.47 -55.94
C VAL G 39 4.23 18.72 -54.67
N ARG G 40 4.17 17.79 -53.72
CA ARG G 40 5.11 17.79 -52.62
C ARG G 40 5.73 16.41 -52.43
N LEU G 41 6.89 16.39 -51.79
CA LEU G 41 7.56 15.14 -51.50
C LEU G 41 7.79 15.10 -49.98
N THR G 42 7.48 13.96 -49.36
CA THR G 42 7.72 13.83 -47.95
C THR G 42 9.20 13.59 -47.66
N SER G 43 9.52 13.65 -46.37
CA SER G 43 10.77 13.14 -45.85
C SER G 43 10.80 11.60 -46.09
N GLY G 44 11.99 11.03 -46.08
CA GLY G 44 12.16 9.60 -46.30
C GLY G 44 12.31 8.79 -45.04
N ARG G 45 12.12 7.49 -45.21
CA ARG G 45 12.24 6.57 -44.12
C ARG G 45 12.73 5.25 -44.67
N THR G 46 13.78 4.74 -44.06
CA THR G 46 14.31 3.44 -44.46
C THR G 46 13.42 2.34 -43.86
N ILE G 47 13.02 1.38 -44.69
CA ILE G 47 12.21 0.26 -44.26
C ILE G 47 13.16 -0.82 -43.71
N THR G 48 13.00 -1.13 -42.44
CA THR G 48 13.96 -1.96 -41.72
C THR G 48 13.33 -3.32 -41.41
N GLU G 49 14.17 -4.27 -41.01
CA GLU G 49 13.66 -5.56 -40.55
C GLU G 49 12.73 -5.33 -39.37
N THR G 50 13.02 -4.30 -38.55
CA THR G 50 12.15 -4.00 -37.41
C THR G 50 10.75 -3.68 -37.93
N ASP G 51 10.67 -2.94 -39.02
CA ASP G 51 9.35 -2.60 -39.57
C ASP G 51 8.56 -3.83 -40.03
N PHE G 52 9.23 -4.81 -40.61
CA PHE G 52 8.59 -6.08 -40.99
C PHE G 52 8.05 -6.81 -39.77
N VAL G 53 8.87 -6.92 -38.73
CA VAL G 53 8.50 -7.65 -37.49
C VAL G 53 7.37 -6.94 -36.74
N VAL G 54 7.46 -5.62 -36.65
CA VAL G 54 6.38 -4.80 -36.02
C VAL G 54 5.08 -4.95 -36.85
N HIS G 55 5.22 -4.96 -38.17
CA HIS G 55 4.01 -5.06 -39.00
C HIS G 55 3.33 -6.41 -38.82
N ALA G 56 4.12 -7.48 -38.83
CA ALA G 56 3.55 -8.82 -38.54
C ALA G 56 2.85 -8.79 -37.18
N GLY G 57 3.50 -8.19 -36.19
CA GLY G 57 3.00 -8.22 -34.81
C GLY G 57 1.73 -7.40 -34.66
N HIS G 58 1.62 -6.38 -35.49
CA HIS G 58 0.47 -5.48 -35.42
C HIS G 58 -0.74 -6.05 -36.18
N THR G 59 -0.48 -6.72 -37.30
CA THR G 59 -1.57 -7.19 -38.19
C THR G 59 -1.92 -8.66 -38.01
N GLY G 60 -1.05 -9.44 -37.40
CA GLY G 60 -1.24 -10.89 -37.29
C GLY G 60 -0.78 -11.73 -38.48
N ASP G 61 -0.16 -11.09 -39.47
CA ASP G 61 0.28 -11.75 -40.71
C ASP G 61 1.77 -12.11 -40.59
N PHE G 62 2.04 -13.38 -40.28
CA PHE G 62 3.43 -13.87 -40.14
C PHE G 62 3.83 -14.77 -41.30
N PHE G 63 3.23 -14.54 -42.45
CA PHE G 63 3.48 -15.49 -43.52
C PHE G 63 4.94 -15.51 -43.97
N PRO G 64 5.44 -16.70 -44.34
CA PRO G 64 6.91 -16.84 -44.49
C PRO G 64 7.54 -15.96 -45.56
N HIS G 65 6.69 -15.57 -46.49
CA HIS G 65 7.22 -14.62 -47.45
CA HIS G 65 7.28 -14.65 -47.40
C HIS G 65 7.88 -13.20 -46.95
N HIS G 66 7.20 -12.95 -45.79
CA HIS G 66 7.59 -11.78 -45.04
C HIS G 66 8.58 -12.10 -43.93
N ASP G 68 10.26 -15.38 -43.01
CA ASP G 68 11.18 -16.52 -43.01
C ASP G 68 12.29 -16.30 -44.07
N ALA G 69 13.49 -15.96 -43.60
CA ALA G 69 14.59 -15.58 -44.49
C ALA G 69 15.06 -16.80 -45.30
N GLU G 70 14.94 -17.99 -44.71
CA GLU G 70 15.36 -19.22 -45.43
C GLU G 70 14.37 -19.57 -46.54
N PHE G 71 13.08 -19.55 -46.21
CA PHE G 71 12.04 -19.78 -47.23
C PHE G 71 12.16 -18.75 -48.35
N ALA G 72 12.41 -17.49 -47.99
CA ALA G 72 12.47 -16.40 -48.97
C ALA G 72 13.56 -16.56 -50.01
N LYS G 73 14.63 -17.29 -49.68
CA LYS G 73 15.68 -17.62 -50.66
C LYS G 73 15.13 -18.37 -51.87
N THR G 74 14.02 -19.10 -51.67
CA THR G 74 13.42 -19.93 -52.73
C THR G 74 12.49 -19.12 -53.63
N LEU G 75 12.13 -17.92 -53.18
CA LEU G 75 11.25 -17.02 -53.92
C LEU G 75 12.01 -16.32 -55.04
N PRO G 76 11.30 -15.79 -55.99
N PRO G 76 11.30 -15.96 -56.07
CA PRO G 76 11.88 -15.28 -57.20
CA PRO G 76 11.87 -15.13 -57.10
C PRO G 76 12.87 -14.16 -56.98
C PRO G 76 12.35 -13.87 -56.42
N GLY G 77 12.67 -13.25 -56.05
N GLY G 77 13.56 -13.48 -56.68
CA GLY G 77 13.71 -12.29 -55.75
CA GLY G 77 14.15 -12.37 -55.97
C GLY G 77 14.75 -12.65 -54.69
C GLY G 77 14.77 -12.61 -54.62
N GLY G 78 14.66 -13.82 -54.11
CA GLY G 78 15.58 -14.38 -53.10
C GLY G 78 15.56 -13.79 -51.70
N GLN G 79 14.63 -12.88 -51.44
CA GLN G 79 14.58 -12.23 -50.13
C GLN G 79 13.17 -11.93 -49.65
N ARG G 80 13.05 -11.63 -48.37
CA ARG G 80 11.74 -11.32 -47.79
C ARG G 80 11.18 -10.07 -48.45
N ILE G 81 9.86 -10.03 -48.59
CA ILE G 81 9.20 -8.88 -49.18
CA ILE G 81 9.14 -8.94 -49.23
C ILE G 81 8.22 -8.28 -48.20
N ALA G 82 8.13 -6.95 -48.21
CA ALA G 82 7.25 -6.23 -47.30
C ALA G 82 5.79 -6.50 -47.59
N HIS G 83 4.97 -6.62 -46.53
CA HIS G 83 3.52 -6.72 -46.66
C HIS G 83 3.03 -5.49 -47.45
N GLY G 84 2.13 -5.70 -48.40
CA GLY G 84 1.47 -4.59 -49.11
C GLY G 84 0.85 -3.55 -48.16
N THR G 85 0.23 -4.04 -47.10
CA THR G 85 -0.40 -3.13 -46.14
C THR G 85 0.61 -2.28 -45.39
N ILE G 87 3.56 -1.14 -46.73
CA ILE G 87 4.03 -0.09 -47.63
C ILE G 87 2.92 0.97 -47.78
N PHE G 88 1.67 0.51 -47.78
CA PHE G 88 0.56 1.47 -47.83
C PHE G 88 0.50 2.29 -46.55
N SER G 89 0.48 1.63 -45.40
CA SER G 89 0.32 2.37 -44.12
C SER G 89 1.47 3.35 -43.87
N ILE G 90 2.71 2.89 -44.05
CA ILE G 90 3.86 3.80 -43.88
C ILE G 90 3.89 4.87 -44.98
N GLY G 91 3.57 4.45 -46.20
CA GLY G 91 3.59 5.40 -47.32
C GLY G 91 2.66 6.57 -47.07
N VAL G 92 1.44 6.25 -46.61
CA VAL G 92 0.45 7.27 -46.28
C VAL G 92 0.87 8.00 -44.98
N GLY G 93 1.42 7.25 -44.02
CA GLY G 93 1.85 7.83 -42.74
C GLY G 93 2.86 8.95 -42.93
N LEU G 94 3.79 8.77 -43.89
CA LEU G 94 4.77 9.83 -44.24
C LEU G 94 4.12 11.16 -44.60
N THR G 95 2.89 11.12 -45.15
CA THR G 95 2.20 12.33 -45.56
C THR G 95 1.49 13.04 -44.41
N ALA G 96 1.39 12.37 -43.25
CA ALA G 96 0.59 12.88 -42.14
C ALA G 96 1.39 13.87 -41.29
N SER G 97 1.90 14.93 -41.91
CA SER G 97 2.70 15.98 -41.25
C SER G 97 1.90 17.16 -40.77
N LEU G 98 0.99 17.66 -41.60
CA LEU G 98 0.21 18.83 -41.25
C LEU G 98 -1.29 18.57 -41.38
N ILE G 99 -2.01 18.73 -40.28
CA ILE G 99 -3.46 18.62 -40.26
C ILE G 99 -4.08 19.63 -41.23
N ASN G 100 -5.04 19.17 -42.03
CA ASN G 100 -6.03 20.03 -42.67
C ASN G 100 -7.41 19.68 -42.07
N PRO G 101 -7.94 20.56 -41.19
CA PRO G 101 -9.20 20.36 -40.48
C PRO G 101 -10.41 20.19 -41.39
N VAL G 102 -10.45 20.96 -42.47
CA VAL G 102 -11.65 21.01 -43.33
C VAL G 102 -11.65 19.99 -44.46
N ALA G 103 -10.71 19.04 -44.41
CA ALA G 103 -10.66 17.95 -45.38
C ALA G 103 -11.05 16.63 -44.73
N PHE G 104 -11.94 15.88 -45.39
CA PHE G 104 -12.36 14.56 -44.89
C PHE G 104 -11.82 13.41 -45.74
N SER G 105 -11.22 12.43 -45.07
CA SER G 105 -10.68 11.25 -45.75
C SER G 105 -11.78 10.25 -46.11
N TYR G 106 -12.31 10.36 -47.33
CA TYR G 106 -13.38 9.49 -47.82
C TYR G 106 -12.91 8.03 -48.07
N GLY G 107 -11.71 7.89 -48.60
CA GLY G 107 -11.18 6.58 -48.97
C GLY G 107 -10.11 6.69 -50.03
N TYR G 108 -9.84 5.59 -50.71
CA TYR G 108 -8.81 5.56 -51.76
C TYR G 108 -9.32 4.85 -52.99
N ASP G 109 -8.93 5.34 -54.16
CA ASP G 109 -9.16 4.64 -55.41
C ASP G 109 -7.85 4.14 -55.95
N ARG G 110 -7.91 3.06 -56.71
CA ARG G 110 -6.78 2.56 -57.49
C ARG G 110 -5.50 2.45 -56.67
N LEU G 111 -5.59 1.70 -55.57
CA LEU G 111 -4.41 1.32 -54.80
C LEU G 111 -3.70 0.20 -55.58
N ARG G 112 -2.44 0.41 -55.92
CA ARG G 112 -1.71 -0.52 -56.78
C ARG G 112 -0.38 -0.86 -56.16
N PHE G 113 -0.08 -2.15 -56.09
CA PHE G 113 1.21 -2.61 -55.60
C PHE G 113 2.16 -2.80 -56.78
N VAL G 114 3.01 -1.80 -57.00
CA VAL G 114 3.73 -1.67 -58.28
C VAL G 114 5.05 -2.47 -58.28
N ARG G 115 5.82 -2.39 -57.20
CA ARG G 115 7.07 -3.11 -57.05
C ARG G 115 7.24 -3.57 -55.62
N PRO G 116 7.93 -4.71 -55.43
CA PRO G 116 8.18 -5.17 -54.05
C PRO G 116 9.12 -4.23 -53.29
N VAL G 117 9.01 -4.21 -51.97
CA VAL G 117 9.91 -3.44 -51.13
C VAL G 117 10.67 -4.43 -50.25
N HIS G 118 11.98 -4.25 -50.17
CA HIS G 118 12.85 -5.14 -49.42
C HIS G 118 13.40 -4.46 -48.20
N ILE G 119 13.86 -5.26 -47.22
CA ILE G 119 14.58 -4.70 -46.09
C ILE G 119 15.74 -3.83 -46.58
N GLY G 120 15.80 -2.61 -46.06
CA GLY G 120 16.91 -1.69 -46.37
C GLY G 120 16.56 -0.69 -47.44
N ASP G 121 15.41 -0.87 -48.12
CA ASP G 121 14.95 0.10 -49.12
C ASP G 121 14.49 1.36 -48.37
N THR G 122 14.59 2.52 -48.98
CA THR G 122 14.18 3.78 -48.32
C THR G 122 13.08 4.38 -49.19
N ILE G 123 11.97 4.73 -48.55
CA ILE G 123 10.84 5.32 -49.28
C ILE G 123 10.53 6.75 -48.91
N ARG G 124 9.96 7.46 -49.88
CA ARG G 124 9.39 8.81 -49.67
C ARG G 124 8.08 8.80 -50.43
N THR G 125 7.19 9.72 -50.11
CA THR G 125 5.90 9.76 -50.80
C THR G 125 5.73 11.07 -51.54
N ARG G 126 5.42 10.95 -52.82
CA ARG G 126 5.08 12.10 -53.65
C ARG G 126 3.57 12.25 -53.67
N VAL G 127 3.10 13.45 -53.33
CA VAL G 127 1.68 13.75 -53.23
C VAL G 127 1.41 14.84 -54.24
N THR G 128 0.52 14.52 -55.19
CA THR G 128 0.16 15.42 -56.29
C THR G 128 -1.33 15.68 -56.19
N ILE G 129 -1.73 16.93 -56.38
CA ILE G 129 -3.16 17.22 -56.57
C ILE G 129 -3.56 16.84 -58.00
N ALA G 130 -4.21 15.69 -58.13
CA ALA G 130 -4.48 15.07 -59.41
C ALA G 130 -5.77 15.59 -60.05
N ALA G 131 -6.77 15.86 -59.21
CA ALA G 131 -8.09 16.24 -59.66
C ALA G 131 -8.83 17.09 -58.63
N LYS G 132 -9.67 17.98 -59.15
CA LYS G 132 -10.63 18.72 -58.35
C LYS G 132 -11.99 18.58 -59.03
N GLU G 133 -13.02 18.29 -58.24
CA GLU G 133 -14.39 18.15 -58.75
C GLU G 133 -15.40 18.54 -57.67
N ASP G 134 -16.48 19.20 -58.08
CA ASP G 134 -17.59 19.47 -57.16
C ASP G 134 -18.16 18.15 -56.66
N ASP G 135 -18.51 18.10 -55.38
CA ASP G 135 -19.04 16.87 -54.78
C ASP G 135 -20.47 16.63 -55.27
N PRO G 136 -20.76 15.42 -55.78
CA PRO G 136 -22.07 15.08 -56.37
C PRO G 136 -23.25 15.28 -55.40
N LYS G 137 -23.08 14.89 -54.14
CA LYS G 137 -24.12 15.07 -53.11
C LYS G 137 -23.99 16.39 -52.32
N ARG G 138 -22.78 16.68 -51.82
CA ARG G 138 -22.55 17.85 -50.96
C ARG G 138 -22.28 19.11 -51.79
N PRO G 139 -23.16 20.13 -51.64
CA PRO G 139 -22.93 21.39 -52.37
C PRO G 139 -21.87 22.27 -51.70
N GLY G 140 -21.79 22.23 -50.38
CA GLY G 140 -20.85 23.07 -49.62
C GLY G 140 -19.44 22.51 -49.49
N ALA G 141 -19.18 21.39 -50.17
CA ALA G 141 -17.84 20.79 -50.21
C ALA G 141 -17.45 20.34 -51.62
N GLY G 142 -16.14 20.14 -51.83
CA GLY G 142 -15.62 19.65 -53.10
C GLY G 142 -14.75 18.42 -52.93
N ARG G 143 -14.58 17.67 -54.02
CA ARG G 143 -13.75 16.47 -54.02
C ARG G 143 -12.36 16.73 -54.59
N VAL G 144 -11.32 16.40 -53.81
CA VAL G 144 -9.92 16.55 -54.22
C VAL G 144 -9.29 15.16 -54.23
N VAL G 145 -8.59 14.83 -55.31
CA VAL G 145 -7.87 13.57 -55.41
C VAL G 145 -6.39 13.87 -55.21
N GLU G 146 -5.84 13.41 -54.09
CA GLU G 146 -4.40 13.52 -53.82
C GLU G 146 -3.75 12.23 -54.22
N ARG G 147 -3.13 12.23 -55.38
CA ARG G 147 -2.42 11.09 -55.86
C ARG G 147 -1.16 10.90 -55.01
N CYS G 148 -1.03 9.74 -54.40
CA CYS G 148 0.15 9.42 -53.58
C CYS G 148 0.94 8.35 -54.29
N GLU G 149 2.21 8.62 -54.54
CA GLU G 149 3.10 7.63 -55.11
C GLU G 149 4.27 7.42 -54.15
N VAL G 150 4.44 6.20 -53.69
CA VAL G 150 5.52 5.87 -52.77
C VAL G 150 6.67 5.48 -53.66
N ILE G 151 7.84 6.10 -53.39
CA ILE G 151 8.98 6.01 -54.28
C ILE G 151 10.18 5.44 -53.51
N ASN G 152 10.93 4.50 -54.12
CA ASN G 152 12.09 3.96 -53.42
C ASN G 152 13.38 4.75 -53.67
N GLN G 153 14.51 4.23 -53.18
CA GLN G 153 15.77 4.95 -53.33
C GLN G 153 16.29 5.00 -54.77
N ARG G 154 15.71 4.16 -55.65
CA ARG G 154 16.06 4.19 -57.08
C ARG G 154 15.10 5.11 -57.83
N GLY G 155 14.23 5.82 -57.10
CA GLY G 155 13.25 6.72 -57.74
C GLY G 155 12.06 5.97 -58.32
N GLU G 156 11.98 4.66 -58.09
CA GLU G 156 10.91 3.86 -58.72
C GLU G 156 9.65 3.93 -57.88
N VAL G 157 8.49 4.02 -58.53
CA VAL G 157 7.19 3.92 -57.84
C VAL G 157 6.98 2.47 -57.38
N VAL G 158 6.77 2.30 -56.08
CA VAL G 158 6.55 0.96 -55.52
C VAL G 158 5.09 0.76 -55.17
N LEU G 159 4.35 1.85 -55.02
CA LEU G 159 2.93 1.80 -54.62
C LEU G 159 2.30 3.11 -55.03
N ALA G 160 1.08 3.04 -55.56
CA ALA G 160 0.34 4.25 -55.87
C ALA G 160 -1.08 4.10 -55.35
N ALA G 161 -1.68 5.23 -55.00
CA ALA G 161 -3.07 5.27 -54.53
C ALA G 161 -3.57 6.69 -54.65
N ASP G 162 -4.83 6.81 -55.08
CA ASP G 162 -5.53 8.10 -55.12
C ASP G 162 -6.37 8.30 -53.87
N HIS G 163 -5.90 9.21 -53.01
CA HIS G 163 -6.56 9.56 -51.76
C HIS G 163 -7.69 10.55 -52.03
N ILE G 164 -8.94 10.10 -51.81
CA ILE G 164 -10.14 10.93 -52.06
C ILE G 164 -10.46 11.76 -50.83
N LEU G 165 -10.44 13.08 -51.00
CA LEU G 165 -10.73 14.03 -49.94
C LEU G 165 -12.02 14.79 -50.24
N ILE G 166 -12.93 14.82 -49.27
CA ILE G 166 -14.09 15.72 -49.34
C ILE G 166 -13.69 16.95 -48.52
N VAL G 167 -13.62 18.11 -49.17
CA VAL G 167 -13.00 19.29 -48.57
C VAL G 167 -14.00 20.43 -48.49
N GLU G 168 -14.15 20.99 -47.29
CA GLU G 168 -15.04 22.13 -47.03
C GLU G 168 -14.64 23.36 -47.87
N ARG G 169 -15.62 24.24 -48.09
CA ARG G 169 -15.42 25.44 -48.91
C ARG G 169 -15.18 26.67 -48.04
N LYS G 170 -14.69 27.73 -48.68
CA LYS G 170 -14.54 29.07 -48.08
C LYS G 170 -15.22 29.26 -46.72
N GLU H 16 19.24 23.13 -49.29
CA GLU H 16 20.36 23.13 -50.28
C GLU H 16 20.60 21.73 -50.86
N ASN H 17 20.79 20.72 -50.01
CA ASN H 17 20.80 19.33 -50.51
C ASN H 17 19.52 19.14 -51.34
N LEU H 18 19.61 18.40 -52.44
CA LEU H 18 18.45 18.14 -53.29
C LEU H 18 17.27 17.44 -52.55
N TYR H 19 17.59 16.73 -51.48
CA TYR H 19 16.62 16.02 -50.64
C TYR H 19 15.46 16.91 -50.19
N PHE H 20 15.77 18.16 -49.87
CA PHE H 20 14.77 19.08 -49.33
C PHE H 20 13.89 19.78 -50.38
N GLN H 21 14.24 19.67 -51.64
CA GLN H 21 13.41 20.21 -52.71
C GLN H 21 11.98 19.62 -52.67
N SER H 22 10.99 20.51 -52.67
CA SER H 22 9.56 20.16 -52.67
C SER H 22 9.06 19.54 -51.36
N SER H 25 7.38 20.02 -45.21
CA SER H 25 7.79 19.99 -43.79
C SER H 25 9.25 20.42 -43.56
N GLU H 26 9.84 21.07 -44.54
CA GLU H 26 11.18 21.62 -44.40
C GLU H 26 11.08 23.14 -44.36
N GLN H 27 11.69 23.74 -43.35
CA GLN H 27 11.67 25.17 -43.18
C GLN H 27 13.03 25.62 -42.69
N THR H 28 13.81 26.21 -43.59
CA THR H 28 15.13 26.72 -43.23
C THR H 28 14.96 28.05 -42.50
N ILE H 29 15.42 28.09 -41.25
CA ILE H 29 15.48 29.35 -40.51
C ILE H 29 16.91 29.64 -40.08
N TYR H 30 17.48 30.70 -40.62
CA TYR H 30 18.81 31.13 -40.19
C TYR H 30 18.76 31.87 -38.87
N TYR H 31 19.90 31.92 -38.19
CA TYR H 31 20.01 32.51 -36.86
C TYR H 31 19.33 33.86 -36.75
N GLU H 32 19.60 34.72 -37.73
CA GLU H 32 19.10 36.09 -37.72
C GLU H 32 17.58 36.15 -37.78
N ASP H 33 16.97 35.10 -38.30
CA ASP H 33 15.53 35.14 -38.51
C ASP H 33 14.71 34.56 -37.38
N TYR H 34 15.37 33.91 -36.42
CA TYR H 34 14.73 33.57 -35.16
C TYR H 34 14.44 34.85 -34.37
N GLU H 35 13.21 34.94 -33.84
CA GLU H 35 12.78 36.13 -33.07
C GLU H 35 12.34 35.81 -31.65
N GLN H 36 13.03 36.41 -30.65
CA GLN H 36 12.64 36.25 -29.24
C GLN H 36 11.17 36.53 -29.06
N GLY H 37 10.48 35.58 -28.42
CA GLY H 37 9.08 35.76 -28.06
C GLY H 37 8.14 35.00 -28.99
N HIS H 38 8.64 34.58 -30.16
CA HIS H 38 7.83 33.75 -31.05
C HIS H 38 7.44 32.48 -30.30
N VAL H 39 6.17 32.10 -30.42
CA VAL H 39 5.66 30.94 -29.72
C VAL H 39 4.81 30.12 -30.66
N ARG H 40 4.86 28.81 -30.46
CA ARG H 40 4.00 27.89 -31.14
C ARG H 40 3.58 26.79 -30.18
N LEU H 41 2.44 26.18 -30.49
CA LEU H 41 1.95 25.12 -29.62
C LEU H 41 1.73 23.89 -30.48
N THR H 42 2.23 22.75 -30.04
CA THR H 42 2.04 21.50 -30.81
C THR H 42 0.62 20.97 -30.69
N SER H 43 0.33 19.98 -31.54
CA SER H 43 -0.90 19.20 -31.36
CA SER H 43 -0.85 19.12 -31.42
C SER H 43 -0.76 18.39 -30.07
N GLY H 44 -1.89 17.85 -29.60
CA GLY H 44 -1.94 17.11 -28.34
C GLY H 44 -1.86 15.62 -28.50
N ARG H 45 -1.47 14.98 -27.42
CA ARG H 45 -1.38 13.53 -27.40
C ARG H 45 -1.74 13.03 -26.01
N THR H 46 -2.72 12.14 -25.95
CA THR H 46 -3.11 11.54 -24.67
C THR H 46 -2.08 10.48 -24.29
N ILE H 47 -1.57 10.60 -23.08
CA ILE H 47 -0.59 9.65 -22.57
C ILE H 47 -1.37 8.46 -22.05
N THR H 48 -1.11 7.29 -22.63
CA THR H 48 -1.89 6.08 -22.32
C THR H 48 -1.09 5.09 -21.50
N GLU H 49 -1.78 4.09 -20.96
CA GLU H 49 -1.09 2.99 -20.27
C GLU H 49 -0.09 2.32 -21.24
N THR H 50 -0.46 2.28 -22.52
CA THR H 50 0.43 1.71 -23.53
C THR H 50 1.76 2.46 -23.54
N ASP H 51 1.68 3.78 -23.46
CA ASP H 51 2.91 4.60 -23.44
C ASP H 51 3.79 4.30 -22.23
N PHE H 52 3.17 4.05 -21.06
CA PHE H 52 3.94 3.65 -19.88
C PHE H 52 4.68 2.34 -20.12
N VAL H 53 3.97 1.36 -20.65
CA VAL H 53 4.50 0.01 -20.85
C VAL H 53 5.59 -0.01 -21.94
N VAL H 54 5.36 0.75 -23.01
CA VAL H 54 6.36 0.88 -24.09
C VAL H 54 7.61 1.60 -23.54
N HIS H 55 7.38 2.64 -22.75
CA HIS H 55 8.54 3.36 -22.24
C HIS H 55 9.42 2.46 -21.33
N ALA H 56 8.79 1.70 -20.45
CA ALA H 56 9.54 0.73 -19.61
C ALA H 56 10.30 -0.24 -20.48
N GLY H 57 9.63 -0.79 -21.48
CA GLY H 57 10.28 -1.81 -22.34
C GLY H 57 11.42 -1.21 -23.14
N HIS H 58 11.29 0.06 -23.52
CA HIS H 58 12.31 0.74 -24.32
C HIS H 58 13.54 1.10 -23.46
N THR H 59 13.32 1.55 -22.23
CA THR H 59 14.42 2.10 -21.37
C THR H 59 14.99 1.12 -20.35
N GLY H 60 14.25 0.06 -20.03
CA GLY H 60 14.64 -0.88 -18.95
C GLY H 60 14.18 -0.49 -17.56
N ASP H 61 13.39 0.58 -17.45
CA ASP H 61 12.93 1.10 -16.16
C ASP H 61 11.52 0.59 -15.86
N PHE H 62 11.43 -0.38 -14.97
CA PHE H 62 10.14 -1.02 -14.62
C PHE H 62 9.74 -0.74 -13.19
N PHE H 63 10.20 0.38 -12.64
CA PHE H 63 9.91 0.66 -11.23
C PHE H 63 8.42 0.64 -10.98
N PRO H 64 8.01 0.14 -9.81
CA PRO H 64 6.59 -0.05 -9.51
C PRO H 64 5.78 1.25 -9.51
N HIS H 65 6.44 2.38 -9.24
CA HIS H 65 5.77 3.69 -9.33
C HIS H 65 5.16 3.93 -10.71
N HIS H 66 5.80 3.37 -11.74
CA HIS H 66 5.29 3.45 -13.12
C HIS H 66 4.47 2.22 -13.50
N ASP H 68 3.18 -0.66 -11.37
CA ASP H 68 2.42 -1.50 -10.43
C ASP H 68 1.26 -0.70 -9.82
N ALA H 69 0.06 -0.89 -10.36
CA ALA H 69 -1.14 -0.16 -9.92
C ALA H 69 -1.50 -0.37 -8.44
N GLU H 70 -1.13 -1.53 -7.90
CA GLU H 70 -1.45 -1.83 -6.51
C GLU H 70 -0.52 -1.06 -5.59
N PHE H 71 0.77 -1.12 -5.89
CA PHE H 71 1.78 -0.37 -5.15
C PHE H 71 1.51 1.12 -5.24
N ALA H 72 1.07 1.58 -6.42
CA ALA H 72 0.82 3.00 -6.64
C ALA H 72 -0.31 3.56 -5.79
N LYS H 73 -1.20 2.70 -5.31
CA LYS H 73 -2.21 3.14 -4.32
C LYS H 73 -1.59 3.71 -3.02
N THR H 74 -0.38 3.26 -2.68
CA THR H 74 0.29 3.70 -1.45
C THR H 74 1.05 5.02 -1.58
N LEU H 75 1.28 5.46 -2.82
CA LEU H 75 1.95 6.74 -3.10
C LEU H 75 1.02 7.93 -2.94
N PRO H 76 1.60 9.11 -2.62
CA PRO H 76 0.78 10.33 -2.73
C PRO H 76 0.19 10.41 -4.13
N GLY H 77 -1.10 10.72 -4.24
CA GLY H 77 -1.78 10.70 -5.53
C GLY H 77 -2.47 9.39 -5.85
N GLY H 78 -1.96 8.28 -5.29
CA GLY H 78 -2.66 7.00 -5.41
C GLY H 78 -2.70 6.32 -6.76
N GLN H 79 -1.90 6.82 -7.71
CA GLN H 79 -1.83 6.17 -9.04
C GLN H 79 -0.44 6.18 -9.66
N ARG H 80 -0.29 5.38 -10.71
CA ARG H 80 0.98 5.26 -11.41
C ARG H 80 1.35 6.60 -11.99
N ILE H 81 2.64 6.88 -12.03
CA ILE H 81 3.09 8.16 -12.61
C ILE H 81 4.05 7.91 -13.76
N ALA H 82 4.02 8.77 -14.76
CA ALA H 82 4.84 8.54 -15.97
C ALA H 82 6.32 8.76 -15.66
N HIS H 83 7.20 8.02 -16.31
CA HIS H 83 8.66 8.24 -16.18
C HIS H 83 8.96 9.66 -16.62
N GLY H 84 9.86 10.34 -15.91
CA GLY H 84 10.28 11.70 -16.31
C GLY H 84 10.88 11.69 -17.72
N THR H 85 11.62 10.62 -18.05
CA THR H 85 12.23 10.54 -19.41
C THR H 85 11.18 10.38 -20.52
N ILE H 87 8.01 11.73 -20.36
CA ILE H 87 7.36 13.03 -20.59
C ILE H 87 8.33 13.94 -21.37
N PHE H 88 9.61 13.82 -21.05
CA PHE H 88 10.63 14.56 -21.79
C PHE H 88 10.66 14.15 -23.28
N SER H 89 10.83 12.85 -23.54
CA SER H 89 11.00 12.35 -24.91
CA SER H 89 11.02 12.38 -24.91
C SER H 89 9.76 12.59 -25.77
N ILE H 90 8.57 12.36 -25.19
CA ILE H 90 7.34 12.62 -25.95
C ILE H 90 7.07 14.12 -26.07
N GLY H 91 7.35 14.87 -25.00
CA GLY H 91 7.16 16.35 -25.03
C GLY H 91 8.00 16.97 -26.16
N VAL H 92 9.26 16.55 -26.25
CA VAL H 92 10.16 16.98 -27.34
C VAL H 92 9.74 16.43 -28.70
N GLY H 93 9.35 15.15 -28.72
CA GLY H 93 8.92 14.51 -29.95
C GLY H 93 7.70 15.19 -30.58
N LEU H 94 6.78 15.70 -29.76
CA LEU H 94 5.63 16.46 -30.32
C LEU H 94 6.10 17.67 -31.14
N THR H 95 7.29 18.18 -30.84
CA THR H 95 7.80 19.38 -31.56
C THR H 95 8.49 19.02 -32.89
N ALA H 96 8.67 17.73 -33.17
CA ALA H 96 9.50 17.26 -34.30
C ALA H 96 8.70 17.22 -35.60
N SER H 97 8.15 18.35 -36.02
CA SER H 97 7.32 18.39 -37.21
C SER H 97 8.04 19.01 -38.41
N LEU H 98 8.63 20.18 -38.22
CA LEU H 98 9.23 20.89 -39.35
C LEU H 98 10.74 20.97 -39.22
N ILE H 99 11.45 20.25 -40.08
CA ILE H 99 12.90 20.21 -39.98
C ILE H 99 13.55 21.52 -40.44
N ASN H 100 14.42 22.05 -39.58
CA ASN H 100 15.28 23.15 -39.96
C ASN H 100 16.66 22.60 -40.28
N PRO H 101 16.99 22.52 -41.59
CA PRO H 101 18.27 21.97 -42.09
C PRO H 101 19.52 22.61 -41.50
N VAL H 102 19.43 23.87 -41.06
CA VAL H 102 20.61 24.55 -40.56
C VAL H 102 20.70 24.70 -39.03
N ALA H 103 19.87 23.97 -38.28
CA ALA H 103 19.94 23.99 -36.81
C ALA H 103 20.40 22.62 -36.30
N PHE H 104 21.34 22.63 -35.35
CA PHE H 104 21.88 21.43 -34.72
C PHE H 104 21.45 21.40 -33.25
N SER H 105 20.95 20.26 -32.79
CA SER H 105 20.54 20.11 -31.37
C SER H 105 21.77 19.89 -30.48
N TYR H 106 22.14 20.91 -29.71
CA TYR H 106 23.37 20.89 -28.93
C TYR H 106 23.13 20.23 -27.57
N GLY H 107 21.93 20.41 -27.01
CA GLY H 107 21.64 19.90 -25.65
C GLY H 107 20.50 20.66 -25.03
N TYR H 108 20.27 20.46 -23.72
CA TYR H 108 19.19 21.14 -23.01
C TYR H 108 19.74 21.68 -21.70
N ASP H 109 19.24 22.84 -21.31
CA ASP H 109 19.48 23.37 -19.95
C ASP H 109 18.18 23.33 -19.17
N ARG H 110 18.28 23.26 -17.85
CA ARG H 110 17.15 23.51 -16.92
C ARG H 110 15.93 22.64 -17.26
N LEU H 111 16.21 21.36 -17.45
CA LEU H 111 15.16 20.34 -17.52
C LEU H 111 14.56 20.19 -16.11
N ARG H 112 13.26 20.47 -15.99
CA ARG H 112 12.58 20.42 -14.68
C ARG H 112 11.35 19.54 -14.73
N PHE H 113 11.22 18.68 -13.73
CA PHE H 113 10.02 17.85 -13.58
C PHE H 113 9.04 18.54 -12.65
N VAL H 114 8.04 19.18 -13.23
CA VAL H 114 7.22 20.17 -12.50
C VAL H 114 5.99 19.51 -11.86
N ARG H 115 5.31 18.64 -12.62
CA ARG H 115 4.15 17.91 -12.09
C ARG H 115 4.11 16.49 -12.63
N PRO H 116 3.54 15.55 -11.86
CA PRO H 116 3.41 14.22 -12.44
C PRO H 116 2.39 14.15 -13.57
N VAL H 117 2.58 13.18 -14.45
CA VAL H 117 1.64 12.87 -15.51
C VAL H 117 1.07 11.49 -15.26
N HIS H 118 -0.26 11.42 -15.34
CA HIS H 118 -1.01 10.18 -15.09
C HIS H 118 -1.58 9.60 -16.36
N ILE H 119 -1.88 8.30 -16.31
CA ILE H 119 -2.57 7.67 -17.42
C ILE H 119 -3.85 8.45 -17.75
N GLY H 120 -4.01 8.79 -19.03
CA GLY H 120 -5.23 9.50 -19.46
C GLY H 120 -5.09 11.02 -19.53
N ASP H 121 -3.99 11.57 -19.02
CA ASP H 121 -3.70 13.00 -19.18
C ASP H 121 -3.34 13.23 -20.65
N THR H 122 -3.60 14.44 -21.15
CA THR H 122 -3.22 14.79 -22.54
C THR H 122 -2.21 15.91 -22.48
N ILE H 123 -1.12 15.80 -23.25
CA ILE H 123 -0.11 16.84 -23.21
C ILE H 123 0.04 17.50 -24.58
N ARG H 124 0.49 18.75 -24.55
CA ARG H 124 0.91 19.53 -25.72
C ARG H 124 2.18 20.24 -25.30
N THR H 125 3.03 20.61 -26.25
CA THR H 125 4.24 21.36 -25.92
C THR H 125 4.15 22.77 -26.49
N ARG H 126 4.37 23.77 -25.62
CA ARG H 126 4.46 25.17 -26.03
C ARG H 126 5.95 25.49 -26.19
N VAL H 127 6.34 25.94 -27.39
CA VAL H 127 7.75 26.20 -27.67
C VAL H 127 7.92 27.69 -27.90
N THR H 128 8.76 28.31 -27.07
CA THR H 128 8.97 29.75 -27.15
C THR H 128 10.43 30.01 -27.53
N ILE H 129 10.67 30.90 -28.49
CA ILE H 129 12.05 31.34 -28.74
C ILE H 129 12.40 32.26 -27.57
N ALA H 130 13.14 31.72 -26.63
CA ALA H 130 13.30 32.40 -25.35
C ALA H 130 14.49 33.35 -25.35
N ALA H 131 15.50 33.04 -26.16
CA ALA H 131 16.77 33.79 -26.09
C ALA H 131 17.66 33.42 -27.25
N LYS H 132 18.63 34.30 -27.51
CA LYS H 132 19.62 34.08 -28.55
C LYS H 132 20.97 34.51 -27.99
N GLU H 133 22.03 33.79 -28.36
CA GLU H 133 23.35 34.13 -27.89
C GLU H 133 24.35 33.91 -29.01
N ASP H 134 25.43 34.68 -29.00
CA ASP H 134 26.58 34.31 -29.82
C ASP H 134 27.15 32.95 -29.38
N ASP H 135 27.67 32.18 -30.33
CA ASP H 135 28.32 30.90 -30.02
C ASP H 135 29.83 31.13 -29.89
N PRO H 136 30.39 30.93 -28.67
CA PRO H 136 31.77 31.32 -28.35
C PRO H 136 32.83 30.71 -29.27
N LYS H 137 32.58 29.49 -29.74
CA LYS H 137 33.54 28.76 -30.56
C LYS H 137 33.17 28.70 -32.04
N ARG H 138 32.11 29.43 -32.42
CA ARG H 138 31.56 29.37 -33.78
C ARG H 138 31.05 30.74 -34.25
N PRO H 139 31.94 31.54 -34.89
CA PRO H 139 31.52 32.85 -35.41
C PRO H 139 30.44 32.82 -36.51
N GLY H 140 30.34 31.71 -37.24
CA GLY H 140 29.35 31.57 -38.33
C GLY H 140 28.01 30.95 -37.91
N ALA H 141 27.75 30.92 -36.61
CA ALA H 141 26.54 30.33 -36.05
C ALA H 141 26.20 31.10 -34.77
N GLY H 142 24.98 30.92 -34.28
CA GLY H 142 24.59 31.49 -33.00
C GLY H 142 23.80 30.45 -32.27
N ARG H 143 23.47 30.71 -31.00
CA ARG H 143 22.67 29.78 -30.24
C ARG H 143 21.27 30.34 -30.10
N VAL H 144 20.30 29.47 -30.31
CA VAL H 144 18.91 29.82 -30.06
C VAL H 144 18.39 28.93 -28.96
N VAL H 145 17.76 29.52 -27.96
CA VAL H 145 17.18 28.75 -26.86
C VAL H 145 15.68 28.63 -27.13
N GLU H 146 15.22 27.39 -27.31
CA GLU H 146 13.79 27.13 -27.50
C GLU H 146 13.28 26.52 -26.19
N ARG H 147 12.57 27.32 -25.41
CA ARG H 147 12.01 26.85 -24.12
C ARG H 147 10.80 25.99 -24.46
N CYS H 148 10.82 24.74 -24.01
CA CYS H 148 9.74 23.82 -24.26
C CYS H 148 9.02 23.67 -22.94
N GLU H 149 7.73 23.95 -22.92
CA GLU H 149 6.94 23.73 -21.72
C GLU H 149 5.85 22.75 -22.08
N VAL H 150 5.91 21.59 -21.45
CA VAL H 150 4.94 20.54 -21.69
C VAL H 150 3.77 20.83 -20.75
N ILE H 151 2.58 20.93 -21.33
CA ILE H 151 1.39 21.30 -20.53
C ILE H 151 0.34 20.19 -20.59
N ASN H 152 -0.39 19.99 -19.48
CA ASN H 152 -1.47 18.99 -19.49
C ASN H 152 -2.82 19.59 -19.88
N GLN H 153 -3.88 18.80 -19.77
CA GLN H 153 -5.22 19.18 -20.26
C GLN H 153 -5.81 20.32 -19.43
N ARG H 154 -5.18 20.60 -18.28
CA ARG H 154 -5.60 21.70 -17.40
C ARG H 154 -4.77 22.96 -17.62
N GLY H 155 -3.88 22.88 -18.59
CA GLY H 155 -2.95 23.98 -18.91
C GLY H 155 -1.85 24.18 -17.89
N GLU H 156 -1.61 23.15 -17.06
CA GLU H 156 -0.52 23.20 -16.07
C GLU H 156 0.75 22.69 -16.69
N VAL H 157 1.87 23.38 -16.41
CA VAL H 157 3.18 22.88 -16.82
C VAL H 157 3.50 21.61 -16.07
N VAL H 158 3.81 20.56 -16.82
CA VAL H 158 4.23 19.32 -16.16
C VAL H 158 5.75 19.14 -16.32
N LEU H 159 6.33 19.73 -17.36
CA LEU H 159 7.78 19.59 -17.56
C LEU H 159 8.24 20.80 -18.35
N ALA H 160 9.45 21.27 -18.06
CA ALA H 160 10.00 22.37 -18.82
C ALA H 160 11.46 22.06 -19.14
N ALA H 161 11.94 22.53 -20.30
CA ALA H 161 13.37 22.42 -20.61
C ALA H 161 13.73 23.45 -21.67
N ASP H 162 14.96 23.93 -21.63
CA ASP H 162 15.42 24.91 -22.62
C ASP H 162 16.28 24.20 -23.64
N HIS H 163 15.74 24.01 -24.84
CA HIS H 163 16.45 23.35 -25.92
C HIS H 163 17.44 24.31 -26.54
N ILE H 164 18.70 23.91 -26.56
CA ILE H 164 19.77 24.75 -27.14
C ILE H 164 20.05 24.31 -28.57
N LEU H 165 19.79 25.20 -29.52
CA LEU H 165 20.10 24.93 -30.94
C LEU H 165 21.30 25.76 -31.38
N ILE H 166 22.17 25.15 -32.19
CA ILE H 166 23.24 25.91 -32.83
C ILE H 166 22.76 26.10 -34.24
N VAL H 167 22.60 27.36 -34.63
CA VAL H 167 21.94 27.69 -35.88
C VAL H 167 22.90 28.48 -36.76
N GLU H 168 23.09 28.03 -38.00
CA GLU H 168 23.90 28.78 -38.94
C GLU H 168 23.40 30.22 -39.17
N ARG H 169 24.34 31.16 -39.25
CA ARG H 169 24.04 32.52 -39.72
C ARG H 169 23.85 32.50 -41.25
N LYS H 170 23.10 33.46 -41.80
CA LYS H 170 22.79 33.47 -43.26
C LYS H 170 24.06 33.42 -44.10
N PRO H 171 24.07 32.61 -45.19
CA PRO H 171 25.26 32.48 -46.04
C PRO H 171 25.27 33.49 -47.17
N GLU I 16 -39.79 -1.36 43.95
CA GLU I 16 -38.54 -0.77 43.36
C GLU I 16 -37.42 -0.69 44.40
N ASN I 17 -36.24 -1.22 44.05
CA ASN I 17 -35.09 -1.19 44.97
C ASN I 17 -34.79 0.23 45.44
N LEU I 18 -34.51 0.41 46.74
CA LEU I 18 -34.22 1.74 47.30
C LEU I 18 -33.09 2.49 46.54
N TYR I 19 -32.20 1.72 45.93
CA TYR I 19 -31.08 2.26 45.13
C TYR I 19 -31.51 3.40 44.19
N PHE I 20 -32.62 3.17 43.49
CA PHE I 20 -33.11 4.09 42.44
C PHE I 20 -33.88 5.29 42.96
N GLN I 21 -34.11 5.34 44.26
CA GLN I 21 -34.71 6.52 44.87
C GLN I 21 -33.79 7.71 44.61
N SER I 22 -34.39 8.83 44.18
CA SER I 22 -33.69 10.09 43.93
C SER I 22 -32.75 10.06 42.72
N SER I 25 -31.52 9.67 36.48
CA SER I 25 -31.32 8.87 35.27
C SER I 25 -32.11 7.54 35.27
N GLU I 26 -32.88 7.29 36.33
CA GLU I 26 -33.68 6.08 36.37
C GLU I 26 -35.10 6.35 35.89
N GLN I 27 -35.51 5.57 34.90
CA GLN I 27 -36.87 5.60 34.42
C GLN I 27 -37.34 4.16 34.32
N THR I 28 -38.09 3.73 35.33
CA THR I 28 -38.73 2.42 35.28
C THR I 28 -39.89 2.48 34.30
N ILE I 29 -39.83 1.65 33.26
CA ILE I 29 -40.96 1.51 32.34
C ILE I 29 -41.36 0.04 32.29
N TYR I 30 -42.57 -0.24 32.81
CA TYR I 30 -43.13 -1.58 32.77
C TYR I 30 -43.63 -1.88 31.38
N TYR I 31 -43.84 -3.16 31.11
CA TYR I 31 -44.15 -3.63 29.75
C TYR I 31 -45.30 -2.86 29.11
N GLU I 32 -46.40 -2.69 29.87
CA GLU I 32 -47.59 -1.99 29.38
C GLU I 32 -47.37 -0.53 29.01
N ASP I 33 -46.40 0.12 29.65
CA ASP I 33 -46.15 1.54 29.41
C ASP I 33 -45.16 1.89 28.29
N TYR I 34 -44.52 0.88 27.68
CA TYR I 34 -43.74 1.15 26.48
C TYR I 34 -44.67 1.61 25.37
N GLU I 35 -44.30 2.67 24.69
CA GLU I 35 -45.17 3.19 23.64
C GLU I 35 -44.58 2.86 22.29
N GLN I 36 -45.28 2.06 21.48
CA GLN I 36 -44.83 1.84 20.12
C GLN I 36 -44.63 3.15 19.42
N GLY I 37 -43.51 3.26 18.71
CA GLY I 37 -43.23 4.44 17.92
C GLY I 37 -42.46 5.50 18.67
N HIS I 38 -42.29 5.33 19.98
CA HIS I 38 -41.53 6.33 20.75
C HIS I 38 -40.10 6.32 20.24
N VAL I 39 -39.53 7.51 20.00
CA VAL I 39 -38.17 7.63 19.46
C VAL I 39 -37.33 8.45 20.44
N ARG I 40 -36.10 8.01 20.69
CA ARG I 40 -35.10 8.86 21.37
C ARG I 40 -33.80 8.86 20.56
N LEU I 41 -33.04 9.96 20.66
CA LEU I 41 -31.77 10.06 19.93
C LEU I 41 -30.70 10.45 20.94
N THR I 42 -29.59 9.72 20.95
CA THR I 42 -28.51 10.02 21.89
C THR I 42 -27.70 11.25 21.48
N SER I 43 -26.84 11.69 22.39
CA SER I 43 -25.87 12.68 22.03
CA SER I 43 -25.80 12.66 22.12
C SER I 43 -24.81 11.99 21.17
N GLY I 44 -23.93 12.78 20.55
CA GLY I 44 -22.98 12.28 19.57
C GLY I 44 -21.59 12.02 20.15
N ARG I 45 -20.84 11.18 19.46
CA ARG I 45 -19.48 10.85 19.88
C ARG I 45 -18.62 10.68 18.64
N THR I 46 -17.56 11.46 18.53
CA THR I 46 -16.62 11.32 17.42
C THR I 46 -15.72 10.08 17.64
N ILE I 47 -15.65 9.22 16.63
CA ILE I 47 -14.86 7.99 16.69
C ILE I 47 -13.45 8.38 16.32
N THR I 48 -12.51 8.15 17.23
CA THR I 48 -11.16 8.67 17.12
C THR I 48 -10.20 7.52 16.84
N GLU I 49 -8.99 7.88 16.46
CA GLU I 49 -7.95 6.84 16.31
C GLU I 49 -7.71 6.13 17.65
N THR I 50 -7.89 6.86 18.74
CA THR I 50 -7.79 6.23 20.10
C THR I 50 -8.79 5.09 20.26
N ASP I 51 -10.00 5.33 19.81
CA ASP I 51 -11.05 4.30 19.91
C ASP I 51 -10.69 3.04 19.11
N PHE I 52 -10.06 3.21 17.95
CA PHE I 52 -9.59 2.06 17.14
C PHE I 52 -8.55 1.27 17.92
N VAL I 53 -7.58 1.98 18.52
CA VAL I 53 -6.45 1.35 19.21
C VAL I 53 -6.92 0.68 20.53
N VAL I 54 -7.84 1.34 21.25
CA VAL I 54 -8.46 0.78 22.46
C VAL I 54 -9.28 -0.44 22.10
N HIS I 55 -10.09 -0.35 21.04
CA HIS I 55 -10.90 -1.52 20.70
C HIS I 55 -10.04 -2.74 20.37
N ALA I 56 -8.99 -2.54 19.59
CA ALA I 56 -8.05 -3.62 19.26
C ALA I 56 -7.46 -4.23 20.52
N GLY I 57 -6.99 -3.37 21.43
CA GLY I 57 -6.38 -3.88 22.65
C GLY I 57 -7.36 -4.59 23.56
N HIS I 58 -8.60 -4.13 23.55
CA HIS I 58 -9.67 -4.74 24.36
C HIS I 58 -10.10 -6.09 23.83
N THR I 59 -10.16 -6.22 22.50
CA THR I 59 -10.76 -7.41 21.88
C THR I 59 -9.72 -8.42 21.40
N GLY I 60 -8.49 -7.96 21.16
CA GLY I 60 -7.42 -8.81 20.57
C GLY I 60 -7.42 -8.82 19.03
N ASP I 61 -8.27 -8.01 18.41
CA ASP I 61 -8.35 -7.90 16.94
C ASP I 61 -7.50 -6.74 16.41
N PHE I 62 -6.33 -7.07 15.86
CA PHE I 62 -5.35 -6.10 15.36
C PHE I 62 -5.23 -6.17 13.84
N PHE I 63 -6.31 -6.61 13.18
CA PHE I 63 -6.23 -6.75 11.72
C PHE I 63 -5.81 -5.46 11.07
N PRO I 64 -4.97 -5.54 10.02
CA PRO I 64 -4.40 -4.34 9.40
C PRO I 64 -5.42 -3.40 8.76
N HIS I 65 -6.59 -3.91 8.36
CA HIS I 65 -7.72 -3.07 7.93
CA HIS I 65 -7.62 -2.99 7.89
C HIS I 65 -8.11 -2.04 8.98
N HIS I 66 -7.88 -2.38 10.25
CA HIS I 66 -8.17 -1.43 11.32
C HIS I 66 -6.94 -0.69 11.82
N ASP I 68 -3.45 -0.60 10.38
CA ASP I 68 -2.26 -0.30 9.56
C ASP I 68 -2.63 0.73 8.49
N ALA I 69 -2.26 1.97 8.71
CA ALA I 69 -2.64 3.07 7.79
C ALA I 69 -2.04 2.90 6.39
N GLU I 70 -0.89 2.24 6.28
CA GLU I 70 -0.25 2.03 4.98
C GLU I 70 -1.00 0.97 4.15
N PHE I 71 -1.30 -0.16 4.78
CA PHE I 71 -2.04 -1.23 4.13
C PHE I 71 -3.41 -0.70 3.73
N ALA I 72 -4.02 0.11 4.60
CA ALA I 72 -5.37 0.60 4.33
C ALA I 72 -5.47 1.49 3.09
N LYS I 73 -4.35 2.10 2.68
CA LYS I 73 -4.31 2.87 1.40
C LYS I 73 -4.65 1.98 0.20
N THR I 74 -4.40 0.67 0.31
CA THR I 74 -4.67 -0.25 -0.82
C THR I 74 -6.10 -0.77 -0.82
N LEU I 75 -6.87 -0.45 0.23
CA LEU I 75 -8.24 -0.95 0.32
C LEU I 75 -9.14 -0.05 -0.48
N PRO I 76 -10.26 -0.57 -0.97
N PRO I 76 -10.33 -0.54 -0.79
CA PRO I 76 -11.28 0.30 -1.49
CA PRO I 76 -11.21 0.19 -1.65
C PRO I 76 -11.60 1.24 -0.36
C PRO I 76 -11.52 1.59 -1.20
N GLY I 77 -11.67 2.50 -0.65
N GLY I 77 -11.72 1.91 0.05
CA GLY I 77 -11.88 3.50 0.37
CA GLY I 77 -11.89 3.30 0.44
C GLY I 77 -10.62 4.08 1.01
C GLY I 77 -10.64 4.04 0.91
N GLY I 78 -9.50 3.40 0.85
CA GLY I 78 -8.17 4.01 1.11
C GLY I 78 -7.83 4.38 2.53
N GLN I 79 -8.67 3.99 3.47
CA GLN I 79 -8.40 4.32 4.87
C GLN I 79 -8.83 3.21 5.83
N ARG I 80 -8.32 3.31 7.05
CA ARG I 80 -8.65 2.31 8.06
C ARG I 80 -10.15 2.34 8.37
N ILE I 81 -10.73 1.19 8.67
CA ILE I 81 -12.14 1.11 8.99
C ILE I 81 -12.35 0.54 10.38
N ALA I 82 -13.35 1.06 11.08
CA ALA I 82 -13.61 0.63 12.48
C ALA I 82 -14.09 -0.79 12.50
N HIS I 83 -13.72 -1.52 13.56
CA HIS I 83 -14.24 -2.88 13.77
C HIS I 83 -15.76 -2.84 13.88
N GLY I 84 -16.44 -3.80 13.27
CA GLY I 84 -17.90 -3.93 13.43
C GLY I 84 -18.35 -3.97 14.90
N THR I 85 -17.60 -4.72 15.71
CA THR I 85 -17.95 -4.84 17.12
C THR I 85 -17.76 -3.52 17.88
N ILE I 87 -18.39 -0.41 16.47
CA ILE I 87 -19.55 0.45 16.13
C ILE I 87 -20.78 -0.05 16.88
N PHE I 88 -20.88 -1.36 17.01
CA PHE I 88 -21.96 -1.97 17.79
C PHE I 88 -21.86 -1.59 19.28
N SER I 89 -20.70 -1.85 19.90
CA SER I 89 -20.53 -1.60 21.34
CA SER I 89 -20.57 -1.60 21.34
C SER I 89 -20.69 -0.13 21.72
N ILE I 90 -20.08 0.76 20.92
CA ILE I 90 -20.23 2.18 21.19
C ILE I 90 -21.63 2.66 20.86
N GLY I 91 -22.17 2.18 19.73
CA GLY I 91 -23.53 2.60 19.36
C GLY I 91 -24.55 2.27 20.46
N VAL I 92 -24.46 1.06 21.02
CA VAL I 92 -25.29 0.62 22.15
C VAL I 92 -24.93 1.39 23.42
N GLY I 93 -23.63 1.58 23.66
CA GLY I 93 -23.18 2.30 24.85
C GLY I 93 -23.73 3.70 24.93
N LEU I 94 -23.84 4.39 23.78
CA LEU I 94 -24.41 5.75 23.75
C LEU I 94 -25.81 5.80 24.33
N THR I 95 -26.54 4.68 24.25
CA THR I 95 -27.93 4.60 24.80
C THR I 95 -28.00 4.35 26.34
N ALA I 96 -26.85 4.14 26.96
CA ALA I 96 -26.82 3.68 28.35
C ALA I 96 -26.85 4.85 29.31
N SER I 97 -27.87 5.71 29.20
CA SER I 97 -27.93 6.89 30.05
C SER I 97 -29.06 6.71 31.03
N LEU I 98 -30.22 6.33 30.50
CA LEU I 98 -31.38 6.13 31.32
C LEU I 98 -31.48 4.63 31.57
N ILE I 99 -31.62 4.26 32.85
CA ILE I 99 -31.74 2.86 33.18
C ILE I 99 -33.21 2.51 33.47
N ASN I 100 -33.65 1.42 32.85
CA ASN I 100 -34.92 0.81 33.20
C ASN I 100 -34.61 -0.47 33.95
N PRO I 101 -34.72 -0.44 35.29
CA PRO I 101 -34.37 -1.64 36.06
C PRO I 101 -35.29 -2.84 35.84
N VAL I 102 -36.45 -2.65 35.18
CA VAL I 102 -37.33 -3.81 34.95
C VAL I 102 -37.18 -4.49 33.57
N ALA I 103 -36.22 -4.05 32.77
CA ALA I 103 -35.94 -4.65 31.45
C ALA I 103 -34.68 -5.50 31.45
N PHE I 104 -34.78 -6.73 30.95
CA PHE I 104 -33.61 -7.61 30.78
C PHE I 104 -33.23 -7.68 29.29
N SER I 105 -31.94 -7.52 29.00
CA SER I 105 -31.43 -7.65 27.62
C SER I 105 -31.24 -9.12 27.16
N TYR I 106 -32.12 -9.56 26.27
CA TYR I 106 -32.23 -10.95 25.88
C TYR I 106 -31.26 -11.23 24.73
N GLY I 107 -31.12 -10.26 23.83
CA GLY I 107 -30.22 -10.39 22.68
C GLY I 107 -30.59 -9.40 21.60
N TYR I 108 -30.08 -9.63 20.39
CA TYR I 108 -30.33 -8.72 19.26
C TYR I 108 -30.64 -9.57 18.03
N ASP I 109 -31.54 -9.07 17.20
CA ASP I 109 -31.81 -9.67 15.89
C ASP I 109 -31.34 -8.72 14.80
N ARG I 110 -30.99 -9.28 13.64
CA ARG I 110 -30.73 -8.48 12.43
C ARG I 110 -29.72 -7.35 12.63
N LEU I 111 -28.59 -7.69 13.27
CA LEU I 111 -27.47 -6.76 13.37
C LEU I 111 -26.85 -6.64 11.96
N ARG I 112 -26.81 -5.43 11.41
CA ARG I 112 -26.33 -5.21 10.07
C ARG I 112 -25.28 -4.12 10.04
N PHE I 113 -24.19 -4.39 9.33
CA PHE I 113 -23.13 -3.40 9.11
C PHE I 113 -23.43 -2.69 7.81
N VAL I 114 -24.05 -1.52 7.93
CA VAL I 114 -24.64 -0.85 6.77
C VAL I 114 -23.62 -0.01 5.98
N ARG I 115 -22.75 0.70 6.69
CA ARG I 115 -21.70 1.52 6.08
C ARG I 115 -20.44 1.47 6.93
N PRO I 116 -19.25 1.60 6.30
CA PRO I 116 -18.07 1.66 7.18
C PRO I 116 -18.00 2.95 7.97
N VAL I 117 -17.31 2.92 9.12
CA VAL I 117 -17.06 4.10 9.92
C VAL I 117 -15.55 4.36 9.93
N HIS I 118 -15.19 5.62 9.71
CA HIS I 118 -13.79 6.01 9.62
C HIS I 118 -13.41 6.88 10.77
N ILE I 119 -12.11 6.99 11.00
CA ILE I 119 -11.58 7.92 12.01
C ILE I 119 -12.10 9.31 11.71
N GLY I 120 -12.68 9.97 12.73
CA GLY I 120 -13.18 11.35 12.55
C GLY I 120 -14.68 11.44 12.32
N ASP I 121 -15.32 10.31 11.99
CA ASP I 121 -16.77 10.24 11.89
C ASP I 121 -17.38 10.43 13.27
N THR I 122 -18.57 11.02 13.31
CA THR I 122 -19.27 11.23 14.55
C THR I 122 -20.57 10.44 14.47
N ILE I 123 -20.86 9.65 15.50
CA ILE I 123 -22.07 8.83 15.53
C ILE I 123 -23.04 9.19 16.65
N ARG I 124 -24.33 8.96 16.37
CA ARG I 124 -25.42 9.08 17.36
C ARG I 124 -26.28 7.86 17.17
N THR I 125 -27.02 7.48 18.20
CA THR I 125 -27.90 6.32 18.07
C THR I 125 -29.35 6.73 18.23
N ARG I 126 -30.18 6.31 17.27
CA ARG I 126 -31.62 6.52 17.37
C ARG I 126 -32.26 5.24 17.86
N VAL I 127 -33.13 5.33 18.87
CA VAL I 127 -33.74 4.12 19.41
C VAL I 127 -35.25 4.27 19.28
N THR I 128 -35.91 3.32 18.60
CA THR I 128 -37.35 3.41 18.35
C THR I 128 -38.02 2.18 18.93
N ILE I 129 -39.10 2.35 19.68
CA ILE I 129 -39.86 1.21 20.17
C ILE I 129 -40.61 0.65 18.98
N ALA I 130 -40.30 -0.60 18.62
CA ALA I 130 -40.78 -1.15 17.35
C ALA I 130 -41.94 -2.10 17.52
N ALA I 131 -41.85 -3.01 18.50
CA ALA I 131 -42.86 -4.09 18.66
C ALA I 131 -42.97 -4.54 20.11
N LYS I 132 -44.16 -5.04 20.47
CA LYS I 132 -44.44 -5.51 21.81
C LYS I 132 -45.25 -6.80 21.70
N GLU I 133 -44.77 -7.87 22.33
CA GLU I 133 -45.60 -9.08 22.41
C GLU I 133 -45.57 -9.75 23.79
N ASP I 134 -46.54 -10.63 24.03
CA ASP I 134 -46.51 -11.48 25.22
C ASP I 134 -45.25 -12.36 25.20
N ASP I 135 -44.71 -12.63 26.38
CA ASP I 135 -43.61 -13.58 26.49
C ASP I 135 -44.20 -14.99 26.65
N PRO I 136 -43.91 -15.88 25.68
CA PRO I 136 -44.46 -17.25 25.75
C PRO I 136 -43.96 -18.05 26.98
N LYS I 137 -42.78 -17.71 27.48
CA LYS I 137 -42.17 -18.43 28.61
C LYS I 137 -42.55 -17.85 29.98
N ARG I 138 -42.77 -16.55 30.03
CA ARG I 138 -43.07 -15.85 31.30
C ARG I 138 -44.33 -15.00 31.21
N PRO I 139 -45.40 -15.42 31.92
CA PRO I 139 -46.67 -14.68 31.90
C PRO I 139 -46.61 -13.33 32.61
N GLY I 140 -45.61 -13.14 33.48
CA GLY I 140 -45.41 -11.89 34.20
C GLY I 140 -44.50 -10.91 33.47
N ALA I 141 -44.15 -11.24 32.23
CA ALA I 141 -43.28 -10.38 31.42
C ALA I 141 -43.82 -10.27 30.00
N GLY I 142 -43.33 -9.24 29.29
CA GLY I 142 -43.59 -9.11 27.85
C GLY I 142 -42.28 -8.87 27.13
N ARG I 143 -42.30 -9.02 25.80
CA ARG I 143 -41.15 -8.77 24.93
CA ARG I 143 -41.15 -8.75 24.97
C ARG I 143 -41.30 -7.43 24.23
N VAL I 144 -40.27 -6.60 24.31
CA VAL I 144 -40.25 -5.31 23.60
C VAL I 144 -39.04 -5.29 22.66
N VAL I 145 -39.27 -4.97 21.38
CA VAL I 145 -38.15 -4.79 20.45
C VAL I 145 -37.85 -3.29 20.30
N GLU I 146 -36.61 -2.92 20.61
CA GLU I 146 -36.11 -1.57 20.34
C GLU I 146 -35.19 -1.60 19.10
N ARG I 147 -35.61 -0.93 18.05
CA ARG I 147 -34.80 -0.81 16.85
C ARG I 147 -33.72 0.23 17.12
N CYS I 148 -32.45 -0.16 16.94
CA CYS I 148 -31.34 0.75 17.17
C CYS I 148 -30.70 1.08 15.82
N GLU I 149 -30.57 2.37 15.53
CA GLU I 149 -29.93 2.80 14.32
C GLU I 149 -28.83 3.77 14.67
N VAL I 150 -27.60 3.39 14.32
CA VAL I 150 -26.43 4.24 14.52
C VAL I 150 -26.23 5.06 13.24
N ILE I 151 -26.16 6.37 13.39
CA ILE I 151 -26.11 7.28 12.25
CA ILE I 151 -26.17 7.32 12.29
C ILE I 151 -24.88 8.15 12.32
N ASN I 152 -24.27 8.41 11.16
CA ASN I 152 -23.08 9.26 11.16
C ASN I 152 -23.42 10.74 10.95
N GLN I 153 -22.37 11.54 10.75
CA GLN I 153 -22.50 12.99 10.71
C GLN I 153 -23.18 13.46 9.42
N ARG I 154 -23.32 12.55 8.47
CA ARG I 154 -24.06 12.86 7.22
C ARG I 154 -25.51 12.39 7.31
N GLY I 155 -25.90 11.91 8.48
CA GLY I 155 -27.25 11.38 8.65
C GLY I 155 -27.45 9.99 8.03
N GLU I 156 -26.36 9.31 7.71
CA GLU I 156 -26.45 7.99 7.10
C GLU I 156 -26.46 6.89 8.16
N VAL I 157 -27.30 5.88 7.99
CA VAL I 157 -27.26 4.71 8.89
C VAL I 157 -25.97 3.95 8.65
N VAL I 158 -25.18 3.71 9.69
CA VAL I 158 -23.96 2.91 9.53
C VAL I 158 -24.12 1.50 10.13
N LEU I 159 -25.04 1.38 11.09
CA LEU I 159 -25.35 0.10 11.72
C LEU I 159 -26.80 0.09 12.20
N ALA I 160 -27.44 -1.08 12.12
CA ALA I 160 -28.79 -1.23 12.64
C ALA I 160 -28.88 -2.57 13.34
N ALA I 161 -29.76 -2.65 14.34
CA ALA I 161 -29.98 -3.91 15.05
C ALA I 161 -31.29 -3.78 15.80
N ASP I 162 -31.97 -4.92 16.00
CA ASP I 162 -33.19 -4.98 16.81
C ASP I 162 -32.88 -5.54 18.19
N HIS I 163 -32.98 -4.69 19.21
CA HIS I 163 -32.66 -5.10 20.59
C HIS I 163 -33.90 -5.70 21.23
N ILE I 164 -33.78 -6.93 21.69
CA ILE I 164 -34.89 -7.63 22.32
C ILE I 164 -34.78 -7.52 23.83
N LEU I 165 -35.81 -6.93 24.42
CA LEU I 165 -35.92 -6.77 25.86
C LEU I 165 -37.02 -7.64 26.43
N ILE I 166 -36.76 -8.26 27.58
CA ILE I 166 -37.81 -8.94 28.33
C ILE I 166 -38.16 -8.00 29.48
N VAL I 167 -39.39 -7.47 29.45
CA VAL I 167 -39.79 -6.39 30.35
C VAL I 167 -40.88 -6.89 31.32
N GLU I 168 -40.64 -6.71 32.62
CA GLU I 168 -41.63 -7.02 33.66
C GLU I 168 -42.95 -6.29 33.43
N ARG I 169 -44.05 -7.00 33.64
CA ARG I 169 -45.38 -6.37 33.60
C ARG I 169 -45.58 -5.58 34.89
N LYS I 170 -46.39 -4.52 34.82
CA LYS I 170 -46.62 -3.68 35.99
C LYS I 170 -47.39 -4.44 37.06
N PRO I 171 -46.95 -4.31 38.33
CA PRO I 171 -47.55 -5.09 39.41
C PRO I 171 -48.96 -4.60 39.71
N GLU I 172 -49.81 -5.53 40.14
CA GLU I 172 -51.14 -5.24 40.72
C GLU I 172 -51.22 -3.90 41.47
N GLN J 27 10.53 11.47 50.93
CA GLN J 27 11.03 12.88 51.09
C GLN J 27 10.30 13.60 52.22
N THR J 28 10.61 14.88 52.40
CA THR J 28 9.99 15.69 53.46
C THR J 28 10.31 17.19 53.34
N ILE J 29 9.29 18.01 53.59
CA ILE J 29 9.44 19.44 53.91
C ILE J 29 8.53 19.74 55.11
N TYR J 30 9.13 19.93 56.29
CA TYR J 30 8.40 20.34 57.50
C TYR J 30 7.77 21.73 57.35
N TYR J 31 6.81 22.06 58.22
CA TYR J 31 6.09 23.34 58.12
C TYR J 31 6.99 24.56 58.04
N GLU J 32 7.97 24.63 58.94
CA GLU J 32 8.92 25.75 58.98
C GLU J 32 9.78 25.84 57.70
N ASP J 33 9.89 24.72 56.97
CA ASP J 33 10.75 24.67 55.79
C ASP J 33 10.10 25.26 54.52
N TYR J 34 8.77 25.35 54.50
CA TYR J 34 8.05 26.07 53.45
C TYR J 34 8.43 27.54 53.49
N GLU J 35 8.62 28.16 52.33
CA GLU J 35 8.88 29.59 52.29
C GLU J 35 7.82 30.27 51.44
N GLN J 36 7.05 31.18 52.05
CA GLN J 36 6.03 31.92 51.30
C GLN J 36 6.69 32.69 50.18
N GLY J 37 6.03 32.68 49.01
CA GLY J 37 6.54 33.34 47.83
C GLY J 37 7.36 32.45 46.90
N HIS J 38 7.81 31.30 47.39
CA HIS J 38 8.55 30.36 46.56
C HIS J 38 7.69 29.90 45.37
N VAL J 39 8.27 29.86 44.18
CA VAL J 39 7.55 29.42 42.98
C VAL J 39 8.26 28.25 42.35
N ARG J 40 7.48 27.27 41.91
CA ARG J 40 7.99 26.12 41.21
C ARG J 40 7.23 26.02 39.90
N LEU J 41 7.93 25.84 38.79
CA LEU J 41 7.26 25.65 37.49
C LEU J 41 7.60 24.25 36.96
N THR J 42 6.60 23.44 36.62
CA THR J 42 6.85 22.07 36.14
C THR J 42 7.27 22.07 34.67
N SER J 43 7.82 20.95 34.23
CA SER J 43 7.92 20.69 32.80
C SER J 43 6.51 20.47 32.22
N GLY J 44 6.45 20.30 30.89
CA GLY J 44 5.18 20.28 30.18
C GLY J 44 4.68 18.92 29.75
N ARG J 45 3.41 18.88 29.39
CA ARG J 45 2.82 17.67 28.80
C ARG J 45 1.78 18.10 27.79
N THR J 46 1.84 17.55 26.59
CA THR J 46 0.87 17.89 25.56
C THR J 46 -0.40 17.08 25.82
N ILE J 47 -1.53 17.78 25.83
CA ILE J 47 -2.84 17.19 26.03
C ILE J 47 -3.31 16.70 24.66
N THR J 48 -3.53 15.39 24.54
CA THR J 48 -3.78 14.77 23.24
C THR J 48 -5.23 14.36 23.14
N GLU J 49 -5.65 14.02 21.93
CA GLU J 49 -6.99 13.42 21.79
C GLU J 49 -7.11 12.15 22.68
N THR J 50 -6.04 11.36 22.76
CA THR J 50 -6.04 10.18 23.63
C THR J 50 -6.46 10.54 25.07
N ASP J 51 -5.90 11.62 25.57
CA ASP J 51 -6.18 12.04 26.93
C ASP J 51 -7.64 12.39 27.14
N PHE J 52 -8.29 13.01 26.13
CA PHE J 52 -9.72 13.28 26.17
C PHE J 52 -10.52 11.97 26.27
N VAL J 53 -10.21 11.03 25.39
CA VAL J 53 -10.94 9.76 25.31
C VAL J 53 -10.72 8.91 26.59
N VAL J 54 -9.50 8.90 27.09
CA VAL J 54 -9.17 8.18 28.32
C VAL J 54 -9.89 8.85 29.50
N HIS J 55 -9.92 10.19 29.50
CA HIS J 55 -10.53 10.87 30.64
C HIS J 55 -12.05 10.55 30.67
N ALA J 56 -12.69 10.58 29.51
CA ALA J 56 -14.14 10.24 29.44
C ALA J 56 -14.37 8.83 29.95
N GLY J 57 -13.51 7.92 29.51
CA GLY J 57 -13.66 6.49 29.88
C GLY J 57 -13.44 6.26 31.37
N HIS J 58 -12.49 7.01 31.93
CA HIS J 58 -12.13 6.90 33.32
C HIS J 58 -13.22 7.47 34.23
N THR J 59 -13.87 8.55 33.78
CA THR J 59 -14.79 9.30 34.66
C THR J 59 -16.26 9.04 34.38
N GLY J 60 -16.56 8.56 33.17
CA GLY J 60 -17.95 8.42 32.73
C GLY J 60 -18.56 9.69 32.12
N ASP J 61 -17.75 10.74 31.98
CA ASP J 61 -18.27 12.00 31.42
C ASP J 61 -18.00 12.06 29.91
N PHE J 62 -19.08 11.89 29.12
CA PHE J 62 -18.95 11.86 27.66
C PHE J 62 -19.67 13.07 27.04
N PHE J 63 -19.74 14.16 27.78
CA PHE J 63 -20.49 15.34 27.30
C PHE J 63 -19.94 15.78 25.94
N PRO J 64 -20.83 16.26 25.06
CA PRO J 64 -20.42 16.49 23.67
C PRO J 64 -19.41 17.64 23.50
N HIS J 65 -19.36 18.58 24.44
CA HIS J 65 -18.32 19.60 24.46
C HIS J 65 -16.95 18.97 24.38
N HIS J 66 -16.78 17.79 24.98
CA HIS J 66 -15.50 17.13 25.01
C HIS J 66 -15.36 16.10 23.91
N ASP J 68 -17.62 15.39 21.02
CA ASP J 68 -18.29 15.43 19.73
C ASP J 68 -17.76 16.61 18.93
N ALA J 69 -16.91 16.32 17.94
CA ALA J 69 -16.24 17.35 17.15
C ALA J 69 -17.22 18.14 16.28
N GLU J 70 -18.36 17.54 15.92
CA GLU J 70 -19.37 18.29 15.12
C GLU J 70 -20.08 19.30 16.00
N PHE J 71 -20.58 18.84 17.16
CA PHE J 71 -21.18 19.72 18.15
C PHE J 71 -20.25 20.83 18.56
N ALA J 72 -18.98 20.50 18.74
CA ALA J 72 -18.00 21.45 19.24
C ALA J 72 -17.77 22.64 18.28
N LYS J 73 -18.06 22.45 16.99
CA LYS J 73 -18.02 23.54 16.01
C LYS J 73 -18.89 24.73 16.43
N THR J 74 -19.86 24.48 17.32
CA THR J 74 -20.82 25.51 17.78
C THR J 74 -20.30 26.29 18.98
N LEU J 75 -19.22 25.81 19.57
CA LEU J 75 -18.61 26.47 20.73
C LEU J 75 -17.76 27.66 20.26
N PRO J 76 -17.41 28.59 21.13
N PRO J 76 -17.52 28.68 21.07
CA PRO J 76 -16.74 29.81 20.74
CA PRO J 76 -16.52 29.69 20.75
C PRO J 76 -15.43 29.51 20.07
C PRO J 76 -15.22 28.94 20.70
N GLY J 77 -14.65 28.59 20.61
N GLY J 77 -14.46 29.07 19.68
CA GLY J 77 -13.43 28.13 19.96
CA GLY J 77 -13.25 28.30 19.54
C GLY J 77 -13.55 27.23 18.74
C GLY J 77 -13.47 27.05 18.74
N GLY J 78 -14.72 26.70 18.54
CA GLY J 78 -15.10 25.77 17.46
C GLY J 78 -14.48 24.38 17.51
N GLN J 79 -13.81 24.12 18.59
CA GLN J 79 -13.31 22.74 18.80
CA GLN J 79 -13.26 22.75 18.84
C GLN J 79 -13.56 22.13 20.34
N ARG J 80 -13.40 20.81 20.32
CA ARG J 80 -13.65 20.12 21.58
C ARG J 80 -12.78 20.73 22.68
N ILE J 81 -13.33 20.76 23.90
CA ILE J 81 -12.60 21.33 25.02
C ILE J 81 -12.36 20.24 26.06
N ALA J 82 -11.19 20.26 26.71
CA ALA J 82 -10.86 19.23 27.73
C ALA J 82 -11.81 19.35 28.91
N HIS J 83 -12.11 18.22 29.55
CA HIS J 83 -12.85 18.27 30.81
C HIS J 83 -12.06 19.09 31.85
N GLY J 84 -12.78 19.92 32.62
CA GLY J 84 -12.14 20.65 33.73
C GLY J 84 -11.43 19.71 34.69
N THR J 85 -12.05 18.58 34.97
CA THR J 85 -11.41 17.61 35.89
C THR J 85 -10.14 16.95 35.28
N ILE J 87 -7.98 18.63 33.18
CA ILE J 87 -6.95 19.66 33.33
C ILE J 87 -6.49 19.75 34.80
N PHE J 88 -7.44 19.60 35.71
CA PHE J 88 -7.12 19.56 37.14
C PHE J 88 -6.24 18.34 37.47
N SER J 89 -6.67 17.13 37.08
CA SER J 89 -5.97 15.90 37.46
CA SER J 89 -5.94 15.94 37.52
C SER J 89 -4.56 15.85 36.87
N ILE J 90 -4.46 16.19 35.58
CA ILE J 90 -3.14 16.16 34.88
C ILE J 90 -2.26 17.30 35.40
N GLY J 91 -2.87 18.49 35.56
CA GLY J 91 -2.21 19.67 36.15
C GLY J 91 -1.56 19.35 37.49
N VAL J 92 -2.34 18.73 38.38
CA VAL J 92 -1.84 18.32 39.69
C VAL J 92 -0.82 17.18 39.53
N GLY J 93 -1.07 16.28 38.60
CA GLY J 93 -0.15 15.15 38.35
C GLY J 93 1.24 15.63 37.94
N LEU J 94 1.32 16.74 37.20
CA LEU J 94 2.63 17.28 36.81
C LEU J 94 3.48 17.67 38.02
N THR J 95 2.82 17.94 39.15
CA THR J 95 3.52 18.35 40.37
C THR J 95 3.90 17.20 41.28
N ALA J 96 3.67 15.97 40.81
CA ALA J 96 3.76 14.77 41.66
C ALA J 96 5.19 14.46 42.11
N SER J 97 6.17 14.63 41.22
CA SER J 97 7.58 14.34 41.57
C SER J 97 8.03 15.19 42.76
N LEU J 98 7.18 16.15 43.13
CA LEU J 98 7.43 17.08 44.23
C LEU J 98 6.53 16.81 45.43
N ILE J 99 5.82 15.68 45.44
CA ILE J 99 4.86 15.41 46.53
C ILE J 99 5.57 15.25 47.85
N ASN J 100 5.14 16.03 48.84
CA ASN J 100 5.72 16.01 50.18
C ASN J 100 4.97 15.00 51.07
N PRO J 101 5.64 13.90 51.44
CA PRO J 101 5.00 12.87 52.27
C PRO J 101 4.64 13.32 53.71
N VAL J 102 5.11 14.47 54.14
CA VAL J 102 4.69 14.99 55.47
C VAL J 102 3.62 16.07 55.40
N ALA J 103 2.85 16.09 54.32
CA ALA J 103 1.77 17.07 54.16
C ALA J 103 0.44 16.38 53.87
N PHE J 104 -0.54 16.57 54.77
CA PHE J 104 -1.91 16.11 54.51
C PHE J 104 -2.63 17.06 53.56
N SER J 105 -3.12 16.50 52.47
CA SER J 105 -3.89 17.28 51.50
C SER J 105 -5.33 17.43 51.99
N TYR J 106 -5.63 18.63 52.43
CA TYR J 106 -6.89 18.93 53.07
C TYR J 106 -8.02 19.15 52.05
N GLY J 107 -7.67 19.79 50.94
CA GLY J 107 -8.67 20.17 49.96
C GLY J 107 -8.16 21.31 49.10
N TYR J 108 -9.05 21.89 48.30
CA TYR J 108 -8.72 23.03 47.48
C TYR J 108 -9.81 24.08 47.63
N ASP J 109 -9.40 25.34 47.56
CA ASP J 109 -10.33 26.45 47.47
C ASP J 109 -10.23 27.11 46.11
N ARG J 110 -11.33 27.70 45.65
CA ARG J 110 -11.29 28.61 44.51
C ARG J 110 -10.74 27.94 43.26
N LEU J 111 -11.25 26.74 42.96
CA LEU J 111 -10.87 26.07 41.72
C LEU J 111 -11.61 26.77 40.60
N ARG J 112 -10.89 27.23 39.58
CA ARG J 112 -11.52 28.02 38.52
C ARG J 112 -11.08 27.53 37.16
N PHE J 113 -12.06 27.38 36.28
CA PHE J 113 -11.83 26.98 34.92
C PHE J 113 -11.71 28.26 34.09
N VAL J 114 -10.48 28.69 33.89
CA VAL J 114 -10.20 30.04 33.38
C VAL J 114 -10.30 30.15 31.86
N ARG J 115 -9.74 29.17 31.15
CA ARG J 115 -9.77 29.11 29.68
C ARG J 115 -9.86 27.68 29.25
N PRO J 116 -10.52 27.43 28.10
CA PRO J 116 -10.53 26.07 27.58
C PRO J 116 -9.17 25.54 27.12
N VAL J 117 -8.99 24.22 27.22
CA VAL J 117 -7.80 23.56 26.70
C VAL J 117 -8.22 22.70 25.51
N HIS J 118 -7.51 22.83 24.40
CA HIS J 118 -7.84 22.11 23.17
C HIS J 118 -6.87 20.98 22.94
N ILE J 119 -7.25 20.05 22.08
CA ILE J 119 -6.39 18.97 21.66
C ILE J 119 -5.13 19.59 21.06
N GLY J 120 -3.98 19.10 21.50
CA GLY J 120 -2.69 19.61 21.01
C GLY J 120 -2.08 20.75 21.82
N ASP J 121 -2.83 21.36 22.74
CA ASP J 121 -2.27 22.33 23.68
C ASP J 121 -1.32 21.60 24.64
N THR J 122 -0.31 22.31 25.13
CA THR J 122 0.62 21.72 26.07
C THR J 122 0.54 22.51 27.36
N ILE J 123 0.52 21.81 28.49
CA ILE J 123 0.34 22.45 29.79
C ILE J 123 1.52 22.27 30.71
N ARG J 124 1.72 23.27 31.56
CA ARG J 124 2.67 23.25 32.66
C ARG J 124 1.93 23.74 33.90
N THR J 125 2.45 23.41 35.07
CA THR J 125 1.81 23.88 36.32
C THR J 125 2.77 24.77 37.09
N ARG J 126 2.27 25.92 37.50
CA ARG J 126 3.04 26.85 38.34
C ARG J 126 2.49 26.83 39.74
N VAL J 127 3.33 26.51 40.69
CA VAL J 127 2.91 26.39 42.09
C VAL J 127 3.63 27.44 42.91
N THR J 128 2.87 28.24 43.62
CA THR J 128 3.43 29.31 44.46
C THR J 128 2.98 29.06 45.89
N ILE J 129 3.90 29.14 46.85
CA ILE J 129 3.50 29.11 48.26
C ILE J 129 2.85 30.45 48.56
N ALA J 130 1.52 30.46 48.65
CA ALA J 130 0.75 31.71 48.73
C ALA J 130 0.52 32.20 50.16
N ALA J 131 0.43 31.25 51.10
CA ALA J 131 0.24 31.62 52.51
C ALA J 131 0.69 30.53 53.49
N LYS J 132 1.09 30.97 54.68
CA LYS J 132 1.31 30.11 55.83
C LYS J 132 0.56 30.71 57.01
N GLU J 133 -0.27 29.91 57.67
CA GLU J 133 -1.05 30.38 58.80
C GLU J 133 -1.08 29.33 59.90
N ASP J 134 -1.03 29.78 61.14
CA ASP J 134 -1.17 28.89 62.30
C ASP J 134 -2.61 28.46 62.47
N ASP J 135 -2.81 27.19 62.84
CA ASP J 135 -4.15 26.60 62.95
C ASP J 135 -4.67 26.62 64.40
N PRO J 136 -5.95 27.02 64.59
CA PRO J 136 -6.55 27.03 65.94
C PRO J 136 -6.91 25.63 66.46
N LYS J 137 -6.82 24.61 65.60
CA LYS J 137 -7.14 23.23 65.98
C LYS J 137 -5.90 22.40 66.34
N ARG J 138 -4.82 22.62 65.61
CA ARG J 138 -3.55 21.93 65.90
C ARG J 138 -2.43 22.95 66.13
N PRO J 139 -1.94 23.08 67.38
CA PRO J 139 -0.77 23.92 67.63
C PRO J 139 0.54 23.26 67.16
N GLY J 140 0.49 21.94 66.94
CA GLY J 140 1.64 21.18 66.42
C GLY J 140 1.67 21.04 64.90
N ALA J 141 1.00 21.97 64.21
CA ALA J 141 0.91 21.97 62.75
C ALA J 141 0.49 23.35 62.23
N GLY J 142 0.70 23.57 60.93
CA GLY J 142 0.27 24.82 60.29
C GLY J 142 -0.36 24.59 58.93
N ARG J 143 -1.19 25.55 58.53
CA ARG J 143 -1.84 25.58 57.23
C ARG J 143 -0.83 26.13 56.20
N VAL J 144 -0.68 25.47 55.06
CA VAL J 144 0.12 26.01 53.96
C VAL J 144 -0.82 26.03 52.77
N VAL J 145 -0.92 27.18 52.12
CA VAL J 145 -1.68 27.26 50.86
C VAL J 145 -0.72 27.30 49.67
N GLU J 146 -0.86 26.33 48.75
CA GLU J 146 -0.08 26.31 47.51
C GLU J 146 -0.97 26.70 46.34
N ARG J 147 -0.75 27.89 45.78
CA ARG J 147 -1.53 28.36 44.63
C ARG J 147 -1.06 27.64 43.37
N CYS J 148 -1.98 26.98 42.68
CA CYS J 148 -1.62 26.19 41.51
C CYS J 148 -2.22 26.86 40.29
N GLU J 149 -1.40 27.15 39.29
CA GLU J 149 -1.91 27.72 38.05
C GLU J 149 -1.45 26.85 36.91
N VAL J 150 -2.39 26.27 36.19
CA VAL J 150 -2.04 25.50 34.98
C VAL J 150 -2.00 26.48 33.84
N ILE J 151 -0.90 26.48 33.10
CA ILE J 151 -0.74 27.41 31.96
C ILE J 151 -0.56 26.61 30.66
N ASN J 152 -1.00 27.18 29.55
CA ASN J 152 -0.82 26.53 28.27
C ASN J 152 0.45 27.04 27.55
N GLN J 153 0.61 26.61 26.30
CA GLN J 153 1.85 26.87 25.57
C GLN J 153 2.01 28.35 25.18
N ARG J 154 0.91 29.11 25.29
CA ARG J 154 0.92 30.57 25.10
C ARG J 154 1.16 31.31 26.41
N GLY J 155 1.39 30.57 27.48
CA GLY J 155 1.62 31.14 28.79
C GLY J 155 0.34 31.63 29.47
N GLU J 156 -0.84 31.30 28.92
CA GLU J 156 -2.11 31.76 29.50
C GLU J 156 -2.56 30.82 30.61
N VAL J 157 -3.11 31.38 31.68
CA VAL J 157 -3.67 30.55 32.76
C VAL J 157 -4.94 29.87 32.24
N VAL J 158 -4.98 28.54 32.34
CA VAL J 158 -6.20 27.81 31.93
C VAL J 158 -6.99 27.28 33.13
N LEU J 159 -6.31 27.10 34.25
CA LEU J 159 -6.93 26.61 35.49
C LEU J 159 -6.13 27.12 36.68
N ALA J 160 -6.84 27.50 37.73
CA ALA J 160 -6.22 27.95 38.97
C ALA J 160 -6.96 27.30 40.15
N ALA J 161 -6.23 27.04 41.22
CA ALA J 161 -6.81 26.49 42.44
C ALA J 161 -5.84 26.65 43.59
N ASP J 162 -6.39 26.82 44.79
CA ASP J 162 -5.59 26.96 46.00
C ASP J 162 -5.60 25.66 46.77
N HIS J 163 -4.45 25.01 46.82
CA HIS J 163 -4.30 23.73 47.50
C HIS J 163 -4.00 23.99 48.98
N ILE J 164 -4.85 23.47 49.86
CA ILE J 164 -4.67 23.62 51.30
C ILE J 164 -3.99 22.38 51.87
N LEU J 165 -2.82 22.58 52.46
CA LEU J 165 -2.06 21.52 53.12
C LEU J 165 -1.98 21.76 54.63
N ILE J 166 -2.09 20.68 55.39
CA ILE J 166 -1.81 20.72 56.82
C ILE J 166 -0.47 20.03 57.01
N VAL J 167 0.51 20.77 57.53
CA VAL J 167 1.90 20.32 57.48
C VAL J 167 2.48 20.20 58.89
N GLU J 168 3.29 19.15 59.09
CA GLU J 168 3.87 18.81 60.39
C GLU J 168 4.90 19.85 60.83
N ARG J 169 4.78 20.29 62.08
CA ARG J 169 5.57 21.41 62.61
C ARG J 169 6.85 20.94 63.27
N GLN K 27 -4.39 -22.70 -47.86
CA GLN K 27 -3.69 -23.53 -48.91
C GLN K 27 -3.72 -22.83 -50.28
N THR K 28 -3.15 -23.50 -51.27
CA THR K 28 -3.14 -23.03 -52.66
C THR K 28 -4.50 -23.23 -53.36
N ILE K 29 -4.91 -22.24 -54.16
CA ILE K 29 -6.07 -22.36 -55.05
C ILE K 29 -5.71 -21.80 -56.44
N TYR K 30 -5.97 -22.58 -57.49
CA TYR K 30 -5.80 -22.14 -58.90
C TYR K 30 -6.98 -21.32 -59.39
N TYR K 31 -6.78 -20.54 -60.44
CA TYR K 31 -7.83 -19.65 -60.97
C TYR K 31 -9.18 -20.33 -61.10
N GLU K 32 -9.19 -21.48 -61.77
CA GLU K 32 -10.40 -22.27 -62.02
C GLU K 32 -11.10 -22.70 -60.73
N ASP K 33 -10.34 -22.89 -59.65
CA ASP K 33 -10.88 -23.37 -58.38
C ASP K 33 -11.50 -22.27 -57.51
N TYR K 34 -11.35 -21.01 -57.94
CA TYR K 34 -12.09 -19.90 -57.35
C TYR K 34 -13.54 -19.95 -57.79
N GLU K 35 -14.43 -20.00 -56.81
CA GLU K 35 -15.87 -20.10 -57.07
C GLU K 35 -16.49 -18.75 -56.78
N GLN K 36 -17.11 -18.15 -57.80
CA GLN K 36 -17.79 -16.87 -57.63
C GLN K 36 -18.95 -16.99 -56.64
N GLY K 37 -19.03 -16.03 -55.71
CA GLY K 37 -20.10 -16.00 -54.72
C GLY K 37 -19.75 -16.64 -53.40
N HIS K 38 -18.64 -17.37 -53.37
CA HIS K 38 -18.13 -17.97 -52.14
C HIS K 38 -17.82 -16.88 -51.10
N VAL K 39 -18.32 -17.04 -49.89
CA VAL K 39 -18.10 -16.07 -48.83
C VAL K 39 -17.35 -16.74 -47.67
N ARG K 40 -16.36 -16.05 -47.09
CA ARG K 40 -15.74 -16.49 -45.85
C ARG K 40 -15.76 -15.35 -44.84
N LEU K 41 -15.92 -15.68 -43.56
CA LEU K 41 -15.94 -14.68 -42.52
C LEU K 41 -14.87 -15.05 -41.52
N THR K 42 -14.00 -14.09 -41.15
CA THR K 42 -12.94 -14.37 -40.20
C THR K 42 -13.46 -14.34 -38.77
N SER K 43 -12.64 -14.81 -37.86
CA SER K 43 -12.88 -14.57 -36.44
C SER K 43 -12.55 -13.11 -36.14
N GLY K 44 -12.82 -12.71 -34.89
CA GLY K 44 -12.77 -11.30 -34.49
C GLY K 44 -11.52 -10.90 -33.74
N ARG K 45 -11.25 -9.60 -33.73
CA ARG K 45 -10.19 -9.05 -32.89
C ARG K 45 -10.66 -7.72 -32.36
N THR K 46 -10.52 -7.51 -31.06
CA THR K 46 -10.95 -6.24 -30.47
C THR K 46 -9.86 -5.22 -30.70
N ILE K 47 -10.26 -4.04 -31.18
CA ILE K 47 -9.35 -2.93 -31.44
C ILE K 47 -9.17 -2.16 -30.15
N THR K 48 -7.94 -2.18 -29.63
CA THR K 48 -7.63 -1.64 -28.32
C THR K 48 -6.92 -0.29 -28.45
N GLU K 49 -6.85 0.44 -27.35
CA GLU K 49 -6.04 1.64 -27.32
C GLU K 49 -4.58 1.33 -27.70
N THR K 50 -4.08 0.18 -27.25
CA THR K 50 -2.72 -0.24 -27.66
C THR K 50 -2.58 -0.21 -29.17
N ASP K 51 -3.56 -0.78 -29.86
CA ASP K 51 -3.50 -0.81 -31.32
C ASP K 51 -3.43 0.60 -31.97
N PHE K 52 -4.14 1.58 -31.40
CA PHE K 52 -4.08 2.98 -31.87
C PHE K 52 -2.64 3.51 -31.71
N VAL K 53 -2.07 3.31 -30.52
CA VAL K 53 -0.72 3.80 -30.18
C VAL K 53 0.38 3.09 -31.00
N VAL K 54 0.24 1.78 -31.16
CA VAL K 54 1.17 1.02 -32.01
C VAL K 54 1.03 1.47 -33.47
N HIS K 55 -0.19 1.72 -33.92
CA HIS K 55 -0.34 2.11 -35.33
C HIS K 55 0.29 3.48 -35.58
N ALA K 56 0.05 4.43 -34.68
CA ALA K 56 0.69 5.75 -34.81
C ALA K 56 2.21 5.63 -34.87
N GLY K 57 2.76 4.81 -33.97
CA GLY K 57 4.22 4.63 -33.88
C GLY K 57 4.77 3.94 -35.12
N HIS K 58 4.01 3.00 -35.65
CA HIS K 58 4.43 2.25 -36.84
C HIS K 58 4.39 3.10 -38.11
N THR K 59 3.42 4.00 -38.19
CA THR K 59 3.19 4.76 -39.42
C THR K 59 3.68 6.18 -39.41
N GLY K 60 3.88 6.75 -38.23
CA GLY K 60 4.23 8.17 -38.09
C GLY K 60 3.03 9.11 -38.07
N ASP K 61 1.81 8.55 -38.08
CA ASP K 61 0.59 9.37 -38.12
C ASP K 61 0.06 9.54 -36.70
N PHE K 62 0.27 10.75 -36.12
CA PHE K 62 -0.22 11.03 -34.76
C PHE K 62 -1.35 12.05 -34.76
N PHE K 63 -2.14 12.07 -35.82
CA PHE K 63 -3.21 13.08 -35.92
C PHE K 63 -4.13 13.02 -34.69
N PRO K 64 -4.55 14.20 -34.17
CA PRO K 64 -5.30 14.24 -32.92
C PRO K 64 -6.62 13.50 -32.94
N HIS K 65 -7.23 13.32 -34.12
CA HIS K 65 -8.48 12.54 -34.21
C HIS K 65 -8.26 11.13 -33.68
N HIS K 66 -7.02 10.64 -33.82
CA HIS K 66 -6.63 9.30 -33.33
C HIS K 66 -6.02 9.32 -31.96
N ASP K 68 -5.68 12.12 -29.53
CA ASP K 68 -5.93 13.14 -28.48
C ASP K 68 -7.38 13.01 -28.02
N ALA K 69 -7.56 12.42 -26.83
CA ALA K 69 -8.89 12.18 -26.25
C ALA K 69 -9.66 13.47 -25.96
N GLU K 70 -8.93 14.55 -25.65
CA GLU K 70 -9.57 15.86 -25.39
C GLU K 70 -10.09 16.47 -26.68
N PHE K 71 -9.25 16.49 -27.71
CA PHE K 71 -9.63 16.99 -29.04
C PHE K 71 -10.80 16.18 -29.57
N ALA K 72 -10.75 14.87 -29.37
CA ALA K 72 -11.79 13.99 -29.94
C ALA K 72 -13.19 14.24 -29.39
N LYS K 73 -13.27 14.88 -28.22
CA LYS K 73 -14.56 15.30 -27.67
C LYS K 73 -15.30 16.26 -28.62
N THR K 74 -14.56 16.93 -29.50
CA THR K 74 -15.13 17.86 -30.50
C THR K 74 -15.68 17.12 -31.72
N LEU K 75 -15.38 15.83 -31.85
CA LEU K 75 -15.83 15.05 -33.01
C LEU K 75 -17.26 14.52 -32.82
N PRO K 76 -17.90 14.09 -33.88
CA PRO K 76 -19.29 13.69 -33.77
C PRO K 76 -19.49 12.58 -32.78
N GLY K 77 -18.63 11.60 -32.74
CA GLY K 77 -18.76 10.56 -31.76
C GLY K 77 -18.21 10.88 -30.40
N GLY K 78 -17.47 11.97 -30.30
CA GLY K 78 -16.92 12.37 -29.05
C GLY K 78 -15.74 11.55 -28.58
N GLN K 79 -15.21 10.70 -29.45
CA GLN K 79 -14.10 9.87 -29.04
C GLN K 79 -13.13 9.60 -30.15
N ARG K 80 -11.93 9.19 -29.76
CA ARG K 80 -10.88 8.97 -30.75
C ARG K 80 -11.33 7.95 -31.80
N ILE K 81 -10.93 8.15 -33.05
CA ILE K 81 -11.26 7.21 -34.12
C ILE K 81 -10.00 6.56 -34.66
N ALA K 82 -10.10 5.29 -35.05
CA ALA K 82 -8.93 4.54 -35.52
C ALA K 82 -8.49 5.06 -36.86
N HIS K 83 -7.18 5.05 -37.13
CA HIS K 83 -6.68 5.37 -38.48
C HIS K 83 -7.35 4.46 -39.52
N GLY K 84 -7.72 5.04 -40.67
CA GLY K 84 -8.23 4.23 -41.80
C GLY K 84 -7.25 3.10 -42.15
N THR K 85 -5.96 3.41 -42.15
CA THR K 85 -4.96 2.42 -42.53
C THR K 85 -4.81 1.27 -41.53
N ILE K 87 -7.48 0.05 -39.64
CA ILE K 87 -8.62 -0.83 -39.93
C ILE K 87 -8.37 -1.65 -41.19
N PHE K 88 -7.76 -1.02 -42.19
CA PHE K 88 -7.38 -1.73 -43.41
C PHE K 88 -6.36 -2.84 -43.10
N SER K 89 -5.25 -2.46 -42.44
CA SER K 89 -4.15 -3.40 -42.20
CA SER K 89 -4.16 -3.43 -42.26
C SER K 89 -4.55 -4.60 -41.34
N ILE K 90 -5.25 -4.31 -40.22
CA ILE K 90 -5.73 -5.35 -39.29
C ILE K 90 -6.84 -6.17 -39.95
N GLY K 91 -7.77 -5.50 -40.63
CA GLY K 91 -8.84 -6.18 -41.35
C GLY K 91 -8.29 -7.19 -42.37
N VAL K 92 -7.30 -6.74 -43.15
CA VAL K 92 -6.67 -7.63 -44.14
C VAL K 92 -5.87 -8.72 -43.41
N GLY K 93 -5.20 -8.34 -42.32
CA GLY K 93 -4.40 -9.29 -41.51
C GLY K 93 -5.25 -10.42 -40.94
N LEU K 94 -6.51 -10.15 -40.59
CA LEU K 94 -7.42 -11.20 -40.15
C LEU K 94 -7.63 -12.31 -41.19
N THR K 95 -7.47 -11.97 -42.46
CA THR K 95 -7.69 -12.92 -43.56
C THR K 95 -6.41 -13.66 -43.94
N ALA K 96 -5.33 -13.43 -43.19
CA ALA K 96 -4.02 -13.97 -43.54
C ALA K 96 -4.02 -15.50 -43.68
N SER K 97 -4.60 -16.20 -42.71
CA SER K 97 -4.66 -17.69 -42.75
C SER K 97 -5.46 -18.21 -43.95
N LEU K 98 -6.16 -17.30 -44.62
CA LEU K 98 -6.81 -17.55 -45.90
C LEU K 98 -5.88 -17.15 -47.06
N ILE K 99 -4.59 -17.44 -46.88
CA ILE K 99 -3.55 -17.23 -47.89
C ILE K 99 -3.80 -17.99 -49.18
N ASN K 100 -3.39 -17.40 -50.29
CA ASN K 100 -3.21 -18.13 -51.54
C ASN K 100 -1.88 -17.77 -52.20
N PRO K 101 -0.83 -18.57 -51.91
CA PRO K 101 0.50 -18.31 -52.49
C PRO K 101 0.55 -18.47 -54.02
N VAL K 102 -0.60 -18.74 -54.64
CA VAL K 102 -0.69 -18.86 -56.10
C VAL K 102 -1.32 -17.60 -56.74
N ALA K 103 -1.86 -16.72 -55.91
CA ALA K 103 -2.44 -15.45 -56.36
C ALA K 103 -1.47 -14.30 -56.12
N PHE K 104 -1.32 -13.41 -57.12
CA PHE K 104 -0.55 -12.18 -56.95
C PHE K 104 -1.48 -11.02 -56.57
N SER K 105 -1.12 -10.29 -55.52
CA SER K 105 -1.96 -9.18 -55.08
C SER K 105 -1.64 -7.92 -55.87
N TYR K 106 -2.56 -7.59 -56.77
CA TYR K 106 -2.34 -6.51 -57.73
C TYR K 106 -2.63 -5.14 -57.10
N GLY K 107 -3.69 -5.09 -56.31
CA GLY K 107 -4.05 -3.89 -55.59
C GLY K 107 -5.48 -4.01 -55.11
N TYR K 108 -6.06 -2.86 -54.82
CA TYR K 108 -7.45 -2.74 -54.35
C TYR K 108 -8.10 -1.58 -55.07
N ASP K 109 -9.39 -1.74 -55.36
CA ASP K 109 -10.23 -0.65 -55.85
C ASP K 109 -11.25 -0.23 -54.80
N ARG K 110 -11.65 1.04 -54.85
CA ARG K 110 -12.76 1.57 -54.05
C ARG K 110 -12.65 1.20 -52.57
N LEU K 111 -11.52 1.56 -51.98
CA LEU K 111 -11.35 1.43 -50.54
C LEU K 111 -12.14 2.57 -49.91
N ARG K 112 -13.06 2.23 -49.01
CA ARG K 112 -13.93 3.24 -48.44
C ARG K 112 -13.94 3.09 -46.94
N PHE K 113 -13.75 4.20 -46.26
CA PHE K 113 -13.88 4.28 -44.82
C PHE K 113 -15.32 4.58 -44.50
N VAL K 114 -16.09 3.52 -44.23
CA VAL K 114 -17.55 3.61 -44.15
C VAL K 114 -18.05 4.18 -42.82
N ARG K 115 -17.49 3.70 -41.72
CA ARG K 115 -17.83 4.15 -40.38
CA ARG K 115 -17.85 4.13 -40.36
C ARG K 115 -16.59 4.21 -39.51
N PRO K 116 -16.55 5.15 -38.55
CA PRO K 116 -15.39 5.16 -37.65
C PRO K 116 -15.35 3.92 -36.76
N VAL K 117 -14.15 3.53 -36.36
CA VAL K 117 -13.97 2.48 -35.40
C VAL K 117 -13.41 3.10 -34.11
N HIS K 118 -14.03 2.74 -32.97
CA HIS K 118 -13.61 3.26 -31.67
C HIS K 118 -12.83 2.24 -30.88
N ILE K 119 -12.09 2.74 -29.92
CA ILE K 119 -11.43 1.88 -28.92
C ILE K 119 -12.48 0.96 -28.29
N GLY K 120 -12.17 -0.33 -28.29
CA GLY K 120 -13.08 -1.34 -27.77
C GLY K 120 -14.06 -1.97 -28.76
N ASP K 121 -14.14 -1.46 -29.97
CA ASP K 121 -14.96 -2.13 -31.00
C ASP K 121 -14.18 -3.38 -31.41
N THR K 122 -14.92 -4.38 -31.89
CA THR K 122 -14.33 -5.65 -32.31
C THR K 122 -14.64 -5.81 -33.80
N ILE K 123 -13.62 -6.17 -34.58
CA ILE K 123 -13.85 -6.28 -36.02
C ILE K 123 -13.64 -7.71 -36.52
N ARG K 124 -14.36 -8.04 -37.60
CA ARG K 124 -14.18 -9.28 -38.35
C ARG K 124 -14.14 -8.87 -39.81
N THR K 125 -13.63 -9.75 -40.66
CA THR K 125 -13.61 -9.46 -42.10
C THR K 125 -14.36 -10.49 -42.90
N ARG K 126 -15.25 -10.00 -43.78
CA ARG K 126 -16.01 -10.84 -44.70
C ARG K 126 -15.42 -10.68 -46.10
N VAL K 127 -15.09 -11.81 -46.72
CA VAL K 127 -14.45 -11.86 -48.02
C VAL K 127 -15.34 -12.65 -48.97
N THR K 128 -15.78 -11.98 -50.04
CA THR K 128 -16.66 -12.60 -51.04
C THR K 128 -15.95 -12.64 -52.39
N ILE K 129 -16.03 -13.77 -53.10
CA ILE K 129 -15.49 -13.86 -54.46
C ILE K 129 -16.50 -13.15 -55.36
N ALA K 130 -16.17 -11.93 -55.75
CA ALA K 130 -17.14 -11.03 -56.38
C ALA K 130 -17.10 -11.04 -57.91
N ALA K 131 -15.92 -11.27 -58.48
CA ALA K 131 -15.78 -11.27 -59.93
C ALA K 131 -14.66 -12.18 -60.37
N LYS K 132 -14.86 -12.76 -61.55
CA LYS K 132 -13.87 -13.56 -62.24
C LYS K 132 -13.88 -13.11 -63.70
N GLU K 133 -12.69 -12.82 -64.24
CA GLU K 133 -12.57 -12.27 -65.59
C GLU K 133 -11.36 -12.84 -66.32
N GLY K 142 -6.53 -15.66 -64.73
CA GLY K 142 -6.50 -14.21 -64.82
C GLY K 142 -7.00 -13.52 -63.54
N ARG K 143 -8.02 -12.66 -63.66
CA ARG K 143 -8.39 -11.70 -62.60
C ARG K 143 -9.53 -12.17 -61.69
N VAL K 144 -9.26 -12.17 -60.38
CA VAL K 144 -10.25 -12.48 -59.36
C VAL K 144 -10.43 -11.26 -58.46
N VAL K 145 -11.67 -10.81 -58.30
CA VAL K 145 -11.96 -9.73 -57.36
C VAL K 145 -12.54 -10.34 -56.08
N GLU K 146 -11.91 -10.04 -54.95
CA GLU K 146 -12.43 -10.40 -53.63
C GLU K 146 -12.97 -9.15 -52.94
N ARG K 147 -14.28 -9.09 -52.75
CA ARG K 147 -14.93 -8.01 -52.01
C ARG K 147 -14.64 -8.19 -50.52
N CYS K 148 -13.95 -7.23 -49.91
CA CYS K 148 -13.58 -7.32 -48.49
C CYS K 148 -14.40 -6.30 -47.70
N GLU K 149 -15.12 -6.78 -46.69
CA GLU K 149 -15.88 -5.87 -45.83
C GLU K 149 -15.47 -6.13 -44.39
N VAL K 150 -14.93 -5.10 -43.74
CA VAL K 150 -14.61 -5.23 -42.33
C VAL K 150 -15.86 -4.78 -41.59
N ILE K 151 -16.30 -5.59 -40.64
CA ILE K 151 -17.53 -5.31 -39.91
C ILE K 151 -17.24 -5.21 -38.43
N ASN K 152 -18.01 -4.39 -37.76
CA ASN K 152 -17.83 -4.25 -36.33
C ASN K 152 -18.74 -5.22 -35.53
N GLN K 153 -18.77 -5.06 -34.21
CA GLN K 153 -19.50 -6.02 -33.36
C GLN K 153 -21.01 -5.91 -33.53
N ARG K 154 -21.47 -4.81 -34.14
CA ARG K 154 -22.92 -4.60 -34.43
C ARG K 154 -23.28 -5.17 -35.81
N GLY K 155 -22.27 -5.67 -36.52
CA GLY K 155 -22.46 -6.15 -37.89
C GLY K 155 -22.44 -5.06 -38.95
N GLU K 156 -22.10 -3.84 -38.56
CA GLU K 156 -22.02 -2.72 -39.51
C GLU K 156 -20.72 -2.73 -40.27
N VAL K 157 -20.77 -2.49 -41.59
CA VAL K 157 -19.56 -2.34 -42.40
C VAL K 157 -18.85 -1.04 -42.02
N VAL K 158 -17.58 -1.17 -41.64
CA VAL K 158 -16.80 0.00 -41.25
C VAL K 158 -15.77 0.33 -42.34
N LEU K 159 -15.47 -0.66 -43.16
CA LEU K 159 -14.49 -0.48 -44.23
C LEU K 159 -14.78 -1.49 -45.32
N ALA K 160 -14.67 -1.05 -46.56
CA ALA K 160 -14.88 -1.94 -47.70
C ALA K 160 -13.82 -1.67 -48.75
N ALA K 161 -13.47 -2.69 -49.51
CA ALA K 161 -12.48 -2.58 -50.60
C ALA K 161 -12.58 -3.78 -51.52
N ASP K 162 -12.28 -3.58 -52.80
CA ASP K 162 -12.26 -4.69 -53.73
C ASP K 162 -10.82 -5.12 -53.95
N HIS K 163 -10.45 -6.29 -53.47
CA HIS K 163 -9.09 -6.83 -53.62
C HIS K 163 -8.95 -7.46 -55.00
N ILE K 164 -7.96 -7.00 -55.78
CA ILE K 164 -7.70 -7.51 -57.14
C ILE K 164 -6.56 -8.52 -57.14
N LEU K 165 -6.88 -9.75 -57.53
CA LEU K 165 -5.89 -10.81 -57.57
C LEU K 165 -5.66 -11.27 -59.01
N ILE K 166 -4.39 -11.41 -59.40
CA ILE K 166 -4.06 -12.07 -60.66
C ILE K 166 -3.68 -13.50 -60.31
N VAL K 167 -4.51 -14.44 -60.79
CA VAL K 167 -4.34 -15.85 -60.44
C VAL K 167 -4.06 -16.65 -61.72
N GLU K 168 -3.09 -17.56 -61.63
CA GLU K 168 -2.67 -18.36 -62.78
C GLU K 168 -3.75 -19.38 -63.15
N ARG K 169 -3.99 -19.53 -64.45
CA ARG K 169 -4.98 -20.50 -64.96
C ARG K 169 -4.49 -21.94 -64.82
N GLU L 26 24.44 -8.57 -10.69
CA GLU L 26 25.79 -8.66 -11.30
C GLU L 26 26.75 -9.57 -10.51
N GLN L 27 26.45 -9.77 -9.23
CA GLN L 27 27.30 -10.55 -8.34
C GLN L 27 27.33 -12.04 -8.65
N THR L 28 28.54 -12.57 -8.79
CA THR L 28 28.81 -14.00 -8.95
C THR L 28 28.47 -14.75 -7.66
N ILE L 29 27.64 -15.78 -7.77
CA ILE L 29 27.36 -16.67 -6.64
C ILE L 29 27.73 -18.10 -7.01
N TYR L 30 28.77 -18.62 -6.36
CA TYR L 30 29.16 -20.02 -6.58
C TYR L 30 28.18 -20.97 -5.89
N TYR L 31 28.16 -22.21 -6.35
CA TYR L 31 27.22 -23.24 -5.90
C TYR L 31 27.12 -23.39 -4.39
N GLU L 32 28.28 -23.40 -3.71
CA GLU L 32 28.32 -23.65 -2.27
C GLU L 32 27.62 -22.54 -1.51
N ASP L 33 27.57 -21.36 -2.12
CA ASP L 33 26.99 -20.18 -1.49
C ASP L 33 25.46 -20.06 -1.56
N TYR L 34 24.83 -20.85 -2.43
CA TYR L 34 23.37 -20.94 -2.45
C TYR L 34 22.89 -21.54 -1.15
N GLU L 35 21.93 -20.88 -0.51
CA GLU L 35 21.37 -21.37 0.74
C GLU L 35 20.04 -22.03 0.45
N GLN L 36 19.97 -23.34 0.65
CA GLN L 36 18.72 -24.05 0.48
C GLN L 36 17.65 -23.42 1.39
N GLY L 37 16.46 -23.19 0.85
CA GLY L 37 15.36 -22.60 1.63
C GLY L 37 15.29 -21.08 1.56
N HIS L 38 16.30 -20.45 0.97
CA HIS L 38 16.30 -18.98 0.82
C HIS L 38 15.15 -18.53 -0.07
N VAL L 39 14.50 -17.42 0.30
CA VAL L 39 13.36 -16.89 -0.44
C VAL L 39 13.62 -15.44 -0.83
N ARG L 40 13.27 -15.11 -2.07
CA ARG L 40 13.35 -13.75 -2.60
C ARG L 40 12.01 -13.45 -3.31
N LEU L 41 11.51 -12.22 -3.16
CA LEU L 41 10.27 -11.82 -3.80
C LEU L 41 10.56 -10.60 -4.68
N THR L 42 10.12 -10.65 -5.94
CA THR L 42 10.40 -9.55 -6.85
C THR L 42 9.46 -8.37 -6.61
N SER L 43 9.76 -7.26 -7.28
CA SER L 43 8.79 -6.17 -7.42
C SER L 43 7.57 -6.65 -8.21
N GLY L 44 6.51 -5.86 -8.17
CA GLY L 44 5.28 -6.19 -8.87
C GLY L 44 5.15 -5.48 -10.21
N ARG L 45 4.30 -6.04 -11.06
CA ARG L 45 3.97 -5.44 -12.35
C ARG L 45 2.55 -5.77 -12.70
N THR L 46 1.77 -4.73 -13.04
CA THR L 46 0.37 -4.94 -13.43
C THR L 46 0.35 -5.46 -14.87
N ILE L 47 -0.42 -6.52 -15.09
CA ILE L 47 -0.58 -7.08 -16.43
C ILE L 47 -1.68 -6.29 -17.13
N THR L 48 -1.29 -5.64 -18.21
CA THR L 48 -2.18 -4.68 -18.86
C THR L 48 -2.70 -5.23 -20.16
N GLU L 49 -3.70 -4.57 -20.73
CA GLU L 49 -4.16 -4.93 -22.06
C GLU L 49 -3.01 -4.76 -23.07
N THR L 50 -2.14 -3.78 -22.85
CA THR L 50 -0.94 -3.68 -23.71
C THR L 50 -0.12 -4.96 -23.70
N ASP L 51 0.06 -5.53 -22.52
CA ASP L 51 0.89 -6.75 -22.43
C ASP L 51 0.26 -7.91 -23.22
N PHE L 52 -1.07 -7.98 -23.22
CA PHE L 52 -1.76 -9.01 -24.05
C PHE L 52 -1.45 -8.78 -25.53
N VAL L 53 -1.61 -7.53 -25.98
CA VAL L 53 -1.45 -7.20 -27.40
C VAL L 53 0.00 -7.36 -27.86
N VAL L 54 0.93 -6.92 -27.01
CA VAL L 54 2.38 -7.07 -27.33
C VAL L 54 2.70 -8.56 -27.35
N HIS L 55 2.17 -9.32 -26.39
CA HIS L 55 2.47 -10.77 -26.41
C HIS L 55 1.95 -11.46 -27.67
N ALA L 56 0.71 -11.16 -28.05
CA ALA L 56 0.14 -11.68 -29.30
C ALA L 56 1.04 -11.34 -30.49
N GLY L 57 1.45 -10.07 -30.60
CA GLY L 57 2.30 -9.64 -31.72
C GLY L 57 3.69 -10.26 -31.69
N HIS L 58 4.21 -10.51 -30.50
CA HIS L 58 5.53 -11.09 -30.36
C HIS L 58 5.54 -12.60 -30.67
N THR L 59 4.43 -13.28 -30.34
CA THR L 59 4.43 -14.75 -30.46
C THR L 59 3.68 -15.26 -31.68
N GLY L 60 2.82 -14.41 -32.23
CA GLY L 60 1.97 -14.76 -33.36
C GLY L 60 0.66 -15.40 -32.96
N ASP L 61 0.35 -15.38 -31.66
CA ASP L 61 -0.90 -15.99 -31.16
C ASP L 61 -2.00 -14.94 -30.95
N PHE L 62 -2.81 -14.73 -31.98
CA PHE L 62 -3.94 -13.78 -31.93
C PHE L 62 -5.30 -14.44 -31.79
N PHE L 63 -5.35 -15.69 -31.32
CA PHE L 63 -6.66 -16.38 -31.26
C PHE L 63 -7.66 -15.68 -30.31
N PRO L 64 -8.97 -15.78 -30.60
CA PRO L 64 -9.95 -14.87 -30.00
C PRO L 64 -10.15 -15.03 -28.51
N HIS L 65 -9.81 -16.20 -27.93
CA HIS L 65 -9.91 -16.30 -26.46
C HIS L 65 -8.93 -15.35 -25.76
N HIS L 66 -7.86 -14.98 -26.46
CA HIS L 66 -6.93 -13.99 -25.96
C HIS L 66 -7.25 -12.56 -26.42
N ASP L 68 -10.23 -11.33 -28.44
CA ASP L 68 -11.60 -10.89 -28.80
C ASP L 68 -12.46 -10.79 -27.55
N ALA L 69 -12.72 -9.56 -27.11
CA ALA L 69 -13.44 -9.29 -25.87
C ALA L 69 -14.88 -9.78 -25.97
N GLU L 70 -15.48 -9.66 -27.16
CA GLU L 70 -16.88 -10.11 -27.33
C GLU L 70 -16.99 -11.63 -27.25
N PHE L 71 -16.12 -12.33 -27.97
CA PHE L 71 -16.14 -13.79 -27.93
C PHE L 71 -15.85 -14.26 -26.50
N ALA L 72 -14.88 -13.61 -25.84
CA ALA L 72 -14.47 -13.98 -24.49
C ALA L 72 -15.63 -13.88 -23.47
N LYS L 73 -16.63 -13.03 -23.74
CA LYS L 73 -17.86 -13.02 -22.90
C LYS L 73 -18.50 -14.40 -22.74
N THR L 74 -18.34 -15.26 -23.76
CA THR L 74 -18.97 -16.58 -23.81
C THR L 74 -18.15 -17.65 -23.10
N LEU L 75 -16.91 -17.31 -22.75
CA LEU L 75 -16.01 -18.22 -22.07
C LEU L 75 -16.28 -18.26 -20.57
N PRO L 76 -15.87 -19.36 -19.89
CA PRO L 76 -15.89 -19.33 -18.42
C PRO L 76 -15.07 -18.14 -17.88
N GLY L 77 -15.69 -17.35 -17.01
CA GLY L 77 -15.01 -16.16 -16.48
C GLY L 77 -15.37 -14.93 -17.25
N GLY L 78 -15.82 -15.12 -18.49
CA GLY L 78 -16.34 -14.01 -19.29
C GLY L 78 -15.32 -12.98 -19.79
N GLN L 79 -14.02 -13.32 -19.70
CA GLN L 79 -13.03 -12.36 -20.19
C GLN L 79 -11.84 -12.99 -20.87
N ARG L 80 -11.06 -12.15 -21.56
CA ARG L 80 -9.88 -12.62 -22.26
C ARG L 80 -8.91 -13.24 -21.28
N ILE L 81 -8.30 -14.32 -21.73
CA ILE L 81 -7.41 -15.15 -20.93
C ILE L 81 -5.98 -14.80 -21.30
N ALA L 82 -5.12 -14.57 -20.32
CA ALA L 82 -3.72 -14.31 -20.60
C ALA L 82 -3.05 -15.54 -21.19
N HIS L 83 -2.24 -15.32 -22.21
CA HIS L 83 -1.41 -16.42 -22.72
C HIS L 83 -0.52 -17.00 -21.59
N GLY L 84 -0.47 -18.33 -21.50
CA GLY L 84 0.37 -19.01 -20.51
C GLY L 84 1.82 -18.60 -20.67
N THR L 85 2.27 -18.45 -21.91
CA THR L 85 3.68 -18.11 -22.16
C THR L 85 3.99 -16.66 -21.76
N ILE L 87 2.54 -15.13 -19.02
CA ILE L 87 2.72 -15.14 -17.57
C ILE L 87 4.06 -15.77 -17.19
N PHE L 88 4.46 -16.79 -17.94
CA PHE L 88 5.77 -17.40 -17.71
C PHE L 88 6.91 -16.41 -18.03
N SER L 89 6.83 -15.78 -19.21
CA SER L 89 7.91 -14.88 -19.68
C SER L 89 8.05 -13.65 -18.78
N ILE L 90 6.95 -13.03 -18.46
CA ILE L 90 6.99 -11.92 -17.54
C ILE L 90 7.38 -12.34 -16.09
N GLY L 91 6.79 -13.44 -15.64
CA GLY L 91 7.10 -13.91 -14.27
C GLY L 91 8.58 -14.18 -14.09
N VAL L 92 9.18 -14.85 -15.06
CA VAL L 92 10.64 -15.04 -15.07
C VAL L 92 11.41 -13.72 -15.25
N GLY L 93 10.93 -12.89 -16.16
CA GLY L 93 11.54 -11.60 -16.40
C GLY L 93 11.68 -10.72 -15.16
N LEU L 94 10.68 -10.77 -14.29
CA LEU L 94 10.70 -10.03 -13.03
C LEU L 94 11.89 -10.39 -12.15
N THR L 95 12.42 -11.60 -12.34
CA THR L 95 13.56 -12.07 -11.55
C THR L 95 14.93 -11.66 -12.11
N ALA L 96 14.94 -10.99 -13.26
CA ALA L 96 16.19 -10.81 -13.99
C ALA L 96 17.25 -9.95 -13.29
N SER L 97 16.86 -9.00 -12.47
CA SER L 97 17.85 -8.19 -11.73
C SER L 97 18.93 -9.05 -11.08
N LEU L 98 18.53 -10.16 -10.46
CA LEU L 98 19.47 -11.17 -9.99
C LEU L 98 20.24 -11.76 -11.17
N ILE L 99 21.43 -11.21 -11.43
CA ILE L 99 22.29 -11.66 -12.53
C ILE L 99 23.39 -12.56 -11.98
N ASN L 100 23.18 -13.87 -12.02
CA ASN L 100 24.30 -14.78 -11.73
C ASN L 100 24.95 -15.27 -13.02
N PRO L 101 26.12 -14.69 -13.36
CA PRO L 101 26.88 -15.04 -14.57
C PRO L 101 27.54 -16.42 -14.49
N VAL L 102 27.53 -17.01 -13.30
CA VAL L 102 28.16 -18.31 -13.08
C VAL L 102 27.12 -19.45 -13.09
N ALA L 103 25.87 -19.09 -13.40
CA ALA L 103 24.77 -20.07 -13.49
C ALA L 103 24.29 -20.22 -14.92
N PHE L 104 24.10 -21.47 -15.36
CA PHE L 104 23.59 -21.78 -16.70
C PHE L 104 22.13 -22.22 -16.55
N SER L 105 21.24 -21.67 -17.36
CA SER L 105 19.84 -22.10 -17.35
C SER L 105 19.66 -23.39 -18.14
N TYR L 106 19.49 -24.50 -17.42
CA TYR L 106 19.42 -25.80 -18.05
C TYR L 106 17.99 -26.08 -18.62
N GLY L 107 16.99 -25.62 -17.89
CA GLY L 107 15.61 -25.87 -18.27
C GLY L 107 14.68 -25.64 -17.09
N TYR L 108 13.44 -26.09 -17.24
CA TYR L 108 12.43 -26.00 -16.21
C TYR L 108 11.74 -27.34 -16.13
N ASP L 109 11.37 -27.72 -14.90
CA ASP L 109 10.49 -28.84 -14.66
C ASP L 109 9.16 -28.37 -14.11
N ARG L 110 8.11 -29.12 -14.42
CA ARG L 110 6.81 -28.94 -13.79
C ARG L 110 6.31 -27.48 -13.88
N LEU L 111 6.34 -26.95 -15.10
CA LEU L 111 5.67 -25.69 -15.39
C LEU L 111 4.16 -25.92 -15.33
N ARG L 112 3.49 -25.22 -14.44
CA ARG L 112 2.05 -25.44 -14.23
C ARG L 112 1.29 -24.15 -14.37
N PHE L 113 0.20 -24.21 -15.15
CA PHE L 113 -0.75 -23.11 -15.26
C PHE L 113 -1.82 -23.30 -14.19
N VAL L 114 -1.79 -22.46 -13.16
CA VAL L 114 -2.56 -22.74 -11.94
C VAL L 114 -3.90 -22.01 -11.88
N ARG L 115 -3.86 -20.70 -12.17
CA ARG L 115 -5.05 -19.85 -12.12
C ARG L 115 -5.03 -18.91 -13.31
N PRO L 116 -6.22 -18.42 -13.72
CA PRO L 116 -6.25 -17.42 -14.78
C PRO L 116 -5.66 -16.08 -14.33
N VAL L 117 -5.07 -15.36 -15.28
CA VAL L 117 -4.65 -13.98 -15.04
C VAL L 117 -5.43 -13.08 -16.01
N HIS L 118 -6.05 -12.05 -15.50
CA HIS L 118 -6.86 -11.18 -16.34
C HIS L 118 -6.20 -9.83 -16.40
N ILE L 119 -6.58 -9.07 -17.42
CA ILE L 119 -6.16 -7.66 -17.50
C ILE L 119 -6.42 -6.98 -16.17
N GLY L 120 -5.40 -6.29 -15.66
CA GLY L 120 -5.51 -5.49 -14.44
C GLY L 120 -5.04 -6.19 -13.18
N ASP L 121 -4.78 -7.50 -13.27
CA ASP L 121 -4.15 -8.22 -12.19
C ASP L 121 -2.67 -7.82 -12.11
N THR L 122 -2.12 -7.87 -10.90
CA THR L 122 -0.73 -7.53 -10.69
C THR L 122 0.00 -8.78 -10.22
N ILE L 123 1.15 -9.06 -10.83
CA ILE L 123 1.94 -10.22 -10.43
C ILE L 123 3.30 -9.88 -9.86
N ARG L 124 3.77 -10.79 -9.01
CA ARG L 124 5.12 -10.75 -8.43
CA ARG L 124 5.13 -10.75 -8.48
C ARG L 124 5.62 -12.18 -8.52
N THR L 125 6.92 -12.38 -8.46
CA THR L 125 7.45 -13.75 -8.45
C THR L 125 8.22 -14.04 -7.19
N ARG L 126 7.91 -15.18 -6.58
CA ARG L 126 8.62 -15.63 -5.40
C ARG L 126 9.57 -16.73 -5.86
N VAL L 127 10.83 -16.58 -5.50
CA VAL L 127 11.87 -17.52 -5.88
C VAL L 127 12.45 -18.17 -4.62
N THR L 128 12.38 -19.49 -4.56
CA THR L 128 12.83 -20.23 -3.38
C THR L 128 13.88 -21.21 -3.84
N ILE L 129 15.00 -21.29 -3.11
CA ILE L 129 16.01 -22.30 -3.41
C ILE L 129 15.45 -23.60 -2.84
N ALA L 130 14.85 -24.41 -3.71
CA ALA L 130 14.10 -25.59 -3.25
C ALA L 130 15.03 -26.78 -3.05
N ALA L 131 16.11 -26.84 -3.83
CA ALA L 131 17.02 -27.98 -3.78
C ALA L 131 18.42 -27.62 -4.24
N LYS L 132 19.39 -28.34 -3.68
CA LYS L 132 20.75 -28.34 -4.22
C LYS L 132 21.19 -29.78 -4.26
N GLU L 133 21.75 -30.21 -5.38
CA GLU L 133 22.33 -31.54 -5.46
C GLU L 133 23.56 -31.50 -6.35
N ASP L 134 24.43 -32.50 -6.21
CA ASP L 134 25.60 -32.63 -7.07
C ASP L 134 25.14 -32.99 -8.46
N ASP L 135 25.84 -32.49 -9.47
CA ASP L 135 25.63 -32.92 -10.82
C ASP L 135 26.76 -33.88 -11.20
N PRO L 136 26.45 -35.19 -11.28
CA PRO L 136 27.49 -36.19 -11.56
C PRO L 136 28.20 -35.92 -12.89
N LYS L 137 27.47 -35.38 -13.86
CA LYS L 137 28.02 -35.13 -15.20
C LYS L 137 28.95 -33.93 -15.27
N ARG L 138 28.88 -33.05 -14.28
CA ARG L 138 29.73 -31.85 -14.24
C ARG L 138 30.36 -31.67 -12.86
N PRO L 139 31.58 -32.20 -12.67
CA PRO L 139 32.23 -32.19 -11.36
C PRO L 139 32.52 -30.76 -10.87
N GLY L 140 32.75 -29.84 -11.79
CA GLY L 140 33.07 -28.46 -11.45
C GLY L 140 31.82 -27.61 -11.21
N ALA L 141 30.67 -28.26 -11.16
CA ALA L 141 29.37 -27.54 -11.05
C ALA L 141 28.42 -28.24 -10.08
N GLY L 142 27.33 -27.57 -9.73
CA GLY L 142 26.28 -28.18 -8.90
C GLY L 142 24.92 -27.80 -9.51
N ARG L 143 23.89 -28.55 -9.15
CA ARG L 143 22.53 -28.31 -9.65
C ARG L 143 21.72 -27.57 -8.59
N VAL L 144 21.09 -26.45 -8.97
CA VAL L 144 20.29 -25.71 -8.03
C VAL L 144 18.88 -25.64 -8.63
N VAL L 145 17.86 -26.02 -7.85
CA VAL L 145 16.48 -25.86 -8.32
C VAL L 145 15.90 -24.63 -7.64
N GLU L 146 15.55 -23.63 -8.44
CA GLU L 146 14.92 -22.40 -7.95
C GLU L 146 13.42 -22.51 -8.27
N ARG L 147 12.60 -22.73 -7.25
CA ARG L 147 11.16 -22.82 -7.42
C ARG L 147 10.61 -21.42 -7.63
N CYS L 148 9.98 -21.20 -8.78
CA CYS L 148 9.43 -19.89 -9.11
C CYS L 148 7.92 -19.97 -9.04
N GLU L 149 7.33 -19.11 -8.21
CA GLU L 149 5.90 -19.04 -8.09
C GLU L 149 5.45 -17.62 -8.40
N VAL L 150 4.62 -17.49 -9.45
CA VAL L 150 4.10 -16.19 -9.85
C VAL L 150 2.82 -16.01 -9.07
N ILE L 151 2.71 -14.90 -8.34
CA ILE L 151 1.57 -14.69 -7.44
C ILE L 151 0.82 -13.42 -7.82
N ASN L 152 -0.50 -13.44 -7.66
CA ASN L 152 -1.29 -12.28 -8.03
C ASN L 152 -1.50 -11.35 -6.83
N GLN L 153 -2.33 -10.33 -7.01
CA GLN L 153 -2.48 -9.29 -5.99
C GLN L 153 -3.19 -9.82 -4.74
N ARG L 154 -3.90 -10.95 -4.87
CA ARG L 154 -4.51 -11.62 -3.72
C ARG L 154 -3.58 -12.64 -3.08
N GLY L 155 -2.34 -12.68 -3.55
CA GLY L 155 -1.32 -13.65 -3.12
C GLY L 155 -1.55 -15.10 -3.56
N GLU L 156 -2.41 -15.29 -4.56
CA GLU L 156 -2.67 -16.63 -5.09
C GLU L 156 -1.63 -16.99 -6.15
N VAL L 157 -1.15 -18.24 -6.12
CA VAL L 157 -0.22 -18.72 -7.16
C VAL L 157 -0.99 -18.90 -8.45
N VAL L 158 -0.50 -18.26 -9.52
CA VAL L 158 -1.14 -18.37 -10.82
C VAL L 158 -0.34 -19.23 -11.78
N LEU L 159 0.96 -19.36 -11.50
CA LEU L 159 1.85 -20.19 -12.31
C LEU L 159 3.02 -20.57 -11.46
N ALA L 160 3.52 -21.80 -11.65
CA ALA L 160 4.67 -22.28 -10.90
C ALA L 160 5.58 -23.05 -11.84
N ALA L 161 6.88 -23.03 -11.57
CA ALA L 161 7.83 -23.81 -12.36
C ALA L 161 9.13 -23.98 -11.57
N ASP L 162 9.77 -25.13 -11.75
CA ASP L 162 11.05 -25.37 -11.10
C ASP L 162 12.19 -25.10 -12.08
N HIS L 163 12.93 -24.03 -11.84
CA HIS L 163 14.03 -23.61 -12.73
C HIS L 163 15.29 -24.38 -12.36
N ILE L 164 15.84 -25.09 -13.33
CA ILE L 164 17.03 -25.90 -13.11
C ILE L 164 18.26 -25.13 -13.56
N LEU L 165 19.13 -24.82 -12.60
CA LEU L 165 20.36 -24.08 -12.87
C LEU L 165 21.56 -24.99 -12.68
N ILE L 166 22.54 -24.87 -13.57
CA ILE L 166 23.85 -25.52 -13.39
C ILE L 166 24.79 -24.40 -12.93
N VAL L 167 25.32 -24.55 -11.72
CA VAL L 167 26.07 -23.45 -11.10
C VAL L 167 27.51 -23.88 -10.84
N GLU L 168 28.46 -23.08 -11.33
CA GLU L 168 29.87 -23.39 -11.12
C GLU L 168 30.19 -23.39 -9.64
N ARG L 169 31.07 -24.29 -9.23
CA ARG L 169 31.59 -24.35 -7.87
C ARG L 169 32.72 -23.34 -7.69
N LYS L 170 32.99 -22.99 -6.42
CA LYS L 170 34.20 -22.25 -6.07
C LYS L 170 35.39 -23.00 -6.66
N PRO L 171 36.21 -22.33 -7.50
CA PRO L 171 37.47 -22.96 -7.89
C PRO L 171 38.34 -23.21 -6.65
N GLU L 172 38.70 -24.46 -6.39
CA GLU L 172 39.49 -24.80 -5.19
C GLU L 172 40.86 -25.40 -5.52
N GLY L 173 41.88 -24.92 -4.82
CA GLY L 173 43.28 -25.24 -5.15
C GLY L 173 43.78 -26.63 -4.75
N THR L 174 45.10 -26.77 -4.84
CA THR L 174 45.82 -27.97 -4.44
C THR L 174 46.26 -27.82 -2.98
N ILE L 175 46.23 -28.92 -2.24
CA ILE L 175 46.55 -28.96 -0.82
C ILE L 175 47.94 -29.58 -0.65
N GLN L 176 48.90 -28.77 -0.20
CA GLN L 176 50.26 -29.26 0.06
C GLN L 176 50.30 -30.24 1.23
#